data_4QAI
#
_entry.id   4QAI
#
_cell.length_a   226.787
_cell.length_b   226.787
_cell.length_c   360.851
_cell.angle_alpha   90.00
_cell.angle_beta   90.00
_cell.angle_gamma   120.00
#
_symmetry.space_group_name_H-M   'H 3 2'
#
loop_
_entity.id
_entity.type
_entity.pdbx_description
1 polymer 'NADPH dehydrogenase'
2 non-polymer 'FLAVIN MONONUCLEOTIDE'
3 water water
#
_entity_poly.entity_id   1
_entity_poly.type   'polypeptide(L)'
_entity_poly.pdbx_seq_one_letter_code
;MSSVKISPLKDSEAFQSIKVGNNTLQTKIVYPPTTRFRALEDHTPSDLQLQYYGDRSTFPGTLLITEATFVSPQASGWEG
AAPGIWTDKHAKAWKVITDKVHANGSFVSTQLIFLGRVADPAVMKTRGLNPVSASATYESDAAKEAAEAVGNPVRALTTQ
EVKDLVYEAYTNAAQKAMDAGFDYIELHAAHGYLLDQFLQPCTNQRTDEYGGSIENRARLILELIDHLSTIVGADKIGIR
ISPWATFQNMKAHKDTVHPLTTFSYLVHELQQRADKGQGIAYISVVEPRVSGNVDVSEEDQAGDNEFVSKIWKGVILKAG
NYSYDAPEFKTLKEDIADKRTLVGFSRYFTSNPNLVWKLRDGIDLVPYDRNTFYSDNNYGYNTFSMDSEEVDKELEIKRV
PSAIEAL
;
_entity_poly.pdbx_strand_id   A,B,C,D,E,F
#
loop_
_chem_comp.id
_chem_comp.type
_chem_comp.name
_chem_comp.formula
FMN non-polymer 'FLAVIN MONONUCLEOTIDE' 'C17 H21 N4 O9 P'
#
# COMPACT_ATOMS: atom_id res chain seq x y z
N SER A 2 -37.27 35.98 -19.08
CA SER A 2 -37.48 34.55 -19.42
C SER A 2 -36.29 33.58 -19.12
N SER A 3 -36.63 32.39 -18.62
CA SER A 3 -35.61 31.41 -18.23
C SER A 3 -34.85 30.94 -19.46
N VAL A 4 -33.65 30.40 -19.25
CA VAL A 4 -32.78 29.98 -20.35
C VAL A 4 -32.55 28.47 -20.39
N LYS A 5 -33.02 27.82 -21.44
CA LYS A 5 -32.85 26.38 -21.58
C LYS A 5 -31.46 26.11 -22.13
N ILE A 6 -30.80 25.11 -21.54
CA ILE A 6 -29.40 24.90 -21.82
C ILE A 6 -29.05 23.44 -21.88
N SER A 7 -28.00 23.10 -22.60
CA SER A 7 -27.58 21.70 -22.65
CA SER A 7 -27.56 21.71 -22.67
C SER A 7 -26.44 21.47 -21.67
N PRO A 8 -26.25 20.21 -21.26
CA PRO A 8 -25.28 19.85 -20.23
C PRO A 8 -23.86 20.14 -20.66
N LEU A 9 -23.04 20.62 -19.72
CA LEU A 9 -21.61 20.82 -19.96
C LEU A 9 -20.74 19.77 -19.25
N LYS A 10 -21.36 18.89 -18.48
CA LYS A 10 -20.66 17.81 -17.77
C LYS A 10 -19.56 17.07 -18.52
N ASP A 11 -19.75 16.84 -19.81
CA ASP A 11 -18.76 16.07 -20.53
C ASP A 11 -17.75 16.94 -21.28
N SER A 12 -17.95 18.26 -21.23
CA SER A 12 -17.03 19.18 -21.89
C SER A 12 -15.72 19.40 -21.14
N GLU A 13 -14.85 20.21 -21.73
CA GLU A 13 -13.58 20.58 -21.14
C GLU A 13 -13.83 21.46 -19.90
N ALA A 14 -15.07 21.89 -19.73
CA ALA A 14 -15.44 22.77 -18.63
C ALA A 14 -15.47 22.05 -17.30
N PHE A 15 -15.33 20.73 -17.31
CA PHE A 15 -15.19 20.02 -16.06
C PHE A 15 -13.95 19.16 -16.08
N GLN A 16 -12.95 19.67 -16.78
CA GLN A 16 -11.61 19.09 -16.74
C GLN A 16 -10.75 19.95 -15.83
N SER A 17 -9.91 19.32 -15.01
CA SER A 17 -9.14 20.11 -14.05
C SER A 17 -8.07 20.98 -14.73
N ILE A 18 -7.87 22.19 -14.19
CA ILE A 18 -6.87 23.15 -14.67
C ILE A 18 -6.12 23.85 -13.52
N LYS A 19 -4.79 23.74 -13.55
CA LYS A 19 -3.90 24.37 -12.57
C LYS A 19 -3.76 25.91 -12.77
N VAL A 20 -4.21 26.68 -11.81
CA VAL A 20 -4.16 28.14 -11.87
C VAL A 20 -3.34 28.63 -10.66
N GLY A 21 -2.08 28.97 -10.92
CA GLY A 21 -1.14 29.25 -9.85
C GLY A 21 -0.82 27.96 -9.11
N ASN A 22 -1.04 27.97 -7.80
CA ASN A 22 -0.73 26.79 -7.01
C ASN A 22 -1.96 25.96 -6.69
N ASN A 23 -3.11 26.44 -7.14
CA ASN A 23 -4.37 25.73 -6.95
C ASN A 23 -4.89 25.09 -8.24
N THR A 24 -5.59 23.97 -8.08
CA THR A 24 -6.22 23.33 -9.22
C THR A 24 -7.73 23.48 -9.12
N LEU A 25 -8.35 24.10 -10.11
CA LEU A 25 -9.81 24.17 -10.12
C LEU A 25 -10.35 22.88 -10.72
N GLN A 26 -11.58 22.49 -10.33
CA GLN A 26 -12.18 21.28 -10.91
C GLN A 26 -13.25 21.63 -11.94
N THR A 27 -13.56 22.92 -12.05
CA THR A 27 -14.46 23.40 -13.09
C THR A 27 -13.78 24.59 -13.71
N LYS A 28 -14.05 24.85 -14.98
CA LYS A 28 -13.50 26.05 -15.60
C LYS A 28 -14.49 27.21 -15.53
N ILE A 29 -15.60 26.98 -14.84
CA ILE A 29 -16.67 27.99 -14.76
C ILE A 29 -16.47 28.85 -13.53
N VAL A 30 -16.37 30.16 -13.75
CA VAL A 30 -15.91 31.12 -12.75
C VAL A 30 -16.96 32.22 -12.47
N TYR A 31 -17.09 32.66 -11.22
CA TYR A 31 -17.93 33.79 -10.88
C TYR A 31 -17.10 35.06 -10.91
N PRO A 32 -17.25 35.89 -11.95
CA PRO A 32 -16.34 37.06 -11.98
C PRO A 32 -16.73 38.16 -10.99
N PRO A 33 -15.82 39.13 -10.80
CA PRO A 33 -16.09 40.15 -9.78
C PRO A 33 -17.41 40.87 -10.09
N THR A 34 -18.27 40.93 -9.09
CA THR A 34 -19.61 41.43 -9.30
C THR A 34 -20.13 42.29 -8.13
N THR A 35 -20.13 43.61 -8.34
CA THR A 35 -20.45 44.58 -7.31
C THR A 35 -21.91 44.51 -6.87
N ARG A 36 -22.17 44.55 -5.57
CA ARG A 36 -23.52 44.38 -5.09
C ARG A 36 -23.89 45.34 -3.98
N PHE A 37 -22.92 46.06 -3.45
CA PHE A 37 -23.20 47.07 -2.45
C PHE A 37 -23.94 46.54 -1.21
N ARG A 38 -23.66 45.30 -0.82
CA ARG A 38 -24.21 44.76 0.41
C ARG A 38 -23.17 44.65 1.54
N ALA A 39 -22.12 45.48 1.49
CA ALA A 39 -21.12 45.59 2.54
C ALA A 39 -21.64 46.52 3.63
N LEU A 40 -21.01 46.53 4.81
CA LEU A 40 -21.43 47.44 5.89
C LEU A 40 -21.07 48.91 5.60
N GLU A 41 -21.55 49.82 6.45
CA GLU A 41 -21.30 51.22 6.21
C GLU A 41 -19.81 51.53 6.11
N ASP A 42 -19.02 50.93 7.00
CA ASP A 42 -17.59 51.24 7.14
C ASP A 42 -16.70 50.41 6.21
N HIS A 43 -17.32 49.84 5.17
CA HIS A 43 -16.64 49.07 4.13
C HIS A 43 -16.15 47.65 4.53
N THR A 44 -16.70 47.14 5.61
CA THR A 44 -16.35 45.82 6.13
C THR A 44 -17.38 44.81 5.64
N PRO A 45 -16.93 43.60 5.25
CA PRO A 45 -17.78 42.46 4.84
C PRO A 45 -18.85 42.04 5.86
N SER A 46 -19.97 41.53 5.36
CA SER A 46 -21.16 41.29 6.18
C SER A 46 -21.74 39.87 6.17
N ASP A 47 -22.67 39.62 7.09
CA ASP A 47 -23.30 38.30 7.22
C ASP A 47 -24.00 37.87 5.94
N LEU A 48 -24.35 38.86 5.13
CA LEU A 48 -25.00 38.62 3.85
C LEU A 48 -23.97 38.14 2.85
N GLN A 49 -22.89 38.89 2.69
CA GLN A 49 -21.81 38.43 1.82
C GLN A 49 -21.31 37.02 2.20
N LEU A 50 -21.37 36.70 3.49
CA LEU A 50 -20.95 35.37 3.93
C LEU A 50 -21.81 34.30 3.29
N GLN A 51 -23.12 34.49 3.34
CA GLN A 51 -24.03 33.49 2.82
C GLN A 51 -23.89 33.51 1.30
N TYR A 52 -23.81 34.71 0.74
CA TYR A 52 -23.80 34.89 -0.72
C TYR A 52 -22.58 34.26 -1.39
N TYR A 53 -21.43 34.29 -0.73
CA TYR A 53 -20.26 33.67 -1.33
C TYR A 53 -20.17 32.20 -0.97
N GLY A 54 -20.62 31.84 0.23
CA GLY A 54 -20.66 30.45 0.61
C GLY A 54 -21.56 29.71 -0.34
N ASP A 55 -22.65 30.36 -0.72
CA ASP A 55 -23.70 29.74 -1.51
C ASP A 55 -23.20 29.25 -2.85
N ARG A 56 -22.22 29.97 -3.39
CA ARG A 56 -21.79 29.75 -4.76
C ARG A 56 -20.52 28.90 -4.88
N SER A 57 -20.08 28.31 -3.77
CA SER A 57 -18.80 27.60 -3.71
C SER A 57 -19.03 26.13 -3.46
N THR A 58 -20.24 25.67 -3.70
CA THR A 58 -20.62 24.31 -3.31
C THR A 58 -20.16 23.28 -4.33
N PHE A 59 -19.76 23.74 -5.52
CA PHE A 59 -19.08 22.82 -6.40
C PHE A 59 -17.56 22.78 -6.12
N PRO A 60 -17.07 21.66 -5.56
CA PRO A 60 -15.67 21.64 -5.10
C PRO A 60 -14.68 22.07 -6.18
N GLY A 61 -13.88 23.09 -5.88
CA GLY A 61 -12.83 23.53 -6.78
C GLY A 61 -13.27 24.59 -7.77
N THR A 62 -14.30 25.34 -7.40
CA THR A 62 -14.74 26.46 -8.21
C THR A 62 -13.89 27.65 -7.85
N LEU A 63 -13.67 28.55 -8.81
CA LEU A 63 -12.94 29.77 -8.51
C LEU A 63 -13.90 30.95 -8.44
N LEU A 64 -13.96 31.59 -7.28
CA LEU A 64 -14.79 32.78 -7.11
C LEU A 64 -13.94 34.04 -7.06
N ILE A 65 -14.44 35.12 -7.65
CA ILE A 65 -13.73 36.38 -7.63
C ILE A 65 -14.66 37.38 -7.01
N THR A 66 -14.19 38.07 -5.98
CA THR A 66 -15.06 38.95 -5.23
C THR A 66 -15.33 40.24 -5.97
N GLU A 67 -16.40 40.90 -5.58
CA GLU A 67 -16.71 42.23 -6.06
C GLU A 67 -15.50 43.11 -5.89
N ALA A 68 -15.37 44.11 -6.76
CA ALA A 68 -14.38 45.16 -6.56
C ALA A 68 -14.30 45.52 -5.08
N THR A 69 -13.08 45.56 -4.56
CA THR A 69 -12.85 45.95 -3.18
C THR A 69 -11.83 47.09 -3.11
N PHE A 70 -12.09 48.07 -2.25
CA PHE A 70 -11.21 49.25 -2.14
C PHE A 70 -9.88 48.91 -1.52
N VAL A 71 -8.82 49.52 -2.02
CA VAL A 71 -7.48 49.30 -1.45
C VAL A 71 -7.14 50.31 -0.36
N SER A 72 -7.98 51.33 -0.21
CA SER A 72 -7.73 52.46 0.68
C SER A 72 -8.86 53.50 0.63
N PRO A 73 -8.91 54.39 1.62
CA PRO A 73 -9.96 55.42 1.54
C PRO A 73 -9.91 56.18 0.24
N GLN A 74 -8.72 56.48 -0.27
CA GLN A 74 -8.57 57.30 -1.46
C GLN A 74 -9.06 56.55 -2.69
N ALA A 75 -9.15 55.23 -2.59
CA ALA A 75 -9.54 54.43 -3.74
C ALA A 75 -11.06 54.30 -3.87
N SER A 76 -11.78 54.61 -2.81
CA SER A 76 -13.23 54.52 -2.88
C SER A 76 -13.78 55.63 -3.76
N GLY A 77 -15.08 55.87 -3.64
CA GLY A 77 -15.76 56.90 -4.41
C GLY A 77 -17.22 56.60 -4.73
N TRP A 78 -17.76 55.50 -4.20
CA TRP A 78 -19.13 55.06 -4.49
C TRP A 78 -20.14 55.44 -3.43
N GLU A 79 -21.38 55.73 -3.86
CA GLU A 79 -22.47 56.05 -2.95
C GLU A 79 -23.03 54.80 -2.23
N GLY A 80 -22.86 53.65 -2.85
CA GLY A 80 -23.30 52.41 -2.24
C GLY A 80 -22.23 51.80 -1.36
N ALA A 81 -22.66 50.86 -0.52
CA ALA A 81 -21.75 50.22 0.44
C ALA A 81 -20.92 49.09 -0.19
N ALA A 82 -19.77 49.43 -0.77
CA ALA A 82 -18.83 48.41 -1.22
C ALA A 82 -17.76 48.17 -0.13
N PRO A 83 -17.19 46.95 -0.12
CA PRO A 83 -16.19 46.48 0.86
C PRO A 83 -14.79 47.05 0.61
N GLY A 84 -13.95 47.00 1.65
CA GLY A 84 -12.57 47.41 1.51
C GLY A 84 -11.68 46.29 2.01
N ILE A 85 -10.38 46.43 1.81
CA ILE A 85 -9.42 45.50 2.37
C ILE A 85 -8.13 46.28 2.70
N TRP A 86 -8.27 47.37 3.46
CA TRP A 86 -7.08 48.08 3.95
C TRP A 86 -6.88 47.99 5.46
N THR A 87 -7.95 47.81 6.21
CA THR A 87 -7.83 47.64 7.65
C THR A 87 -7.84 46.18 8.08
N ASP A 88 -7.46 45.96 9.34
CA ASP A 88 -7.53 44.65 9.97
C ASP A 88 -8.98 44.25 10.20
N LYS A 89 -9.84 45.25 10.42
CA LYS A 89 -11.26 44.98 10.62
C LYS A 89 -11.79 44.22 9.39
N HIS A 90 -11.61 44.85 8.23
CA HIS A 90 -11.84 44.27 6.92
C HIS A 90 -11.33 42.83 6.81
N ALA A 91 -10.01 42.66 6.80
CA ALA A 91 -9.39 41.34 6.68
C ALA A 91 -10.01 40.25 7.56
N LYS A 92 -10.15 40.50 8.85
CA LYS A 92 -10.63 39.46 9.73
C LYS A 92 -12.02 39.02 9.30
N ALA A 93 -12.82 39.96 8.79
CA ALA A 93 -14.18 39.65 8.31
C ALA A 93 -14.17 38.83 7.00
N TRP A 94 -13.41 39.29 6.01
CA TRP A 94 -13.20 38.54 4.78
C TRP A 94 -12.72 37.13 5.11
N LYS A 95 -11.90 37.01 6.15
CA LYS A 95 -11.39 35.72 6.59
C LYS A 95 -12.52 34.73 6.84
N VAL A 96 -13.56 35.17 7.54
CA VAL A 96 -14.66 34.27 7.85
C VAL A 96 -15.24 33.70 6.55
N ILE A 97 -15.22 34.54 5.52
CA ILE A 97 -15.70 34.16 4.19
C ILE A 97 -14.74 33.27 3.40
N THR A 98 -13.45 33.59 3.33
CA THR A 98 -12.55 32.70 2.61
C THR A 98 -12.48 31.33 3.29
N ASP A 99 -12.71 31.27 4.60
CA ASP A 99 -12.75 29.99 5.27
C ASP A 99 -13.92 29.19 4.72
N LYS A 100 -15.07 29.84 4.59
CA LYS A 100 -16.29 29.17 4.21
C LYS A 100 -16.16 28.54 2.83
N VAL A 101 -15.62 29.31 1.90
CA VAL A 101 -15.38 28.86 0.54
C VAL A 101 -14.35 27.73 0.51
N HIS A 102 -13.30 27.88 1.31
CA HIS A 102 -12.28 26.83 1.41
C HIS A 102 -12.81 25.52 1.99
N ALA A 103 -13.63 25.62 3.02
CA ALA A 103 -14.15 24.41 3.61
C ALA A 103 -14.93 23.62 2.55
N ASN A 104 -15.21 24.26 1.42
CA ASN A 104 -15.93 23.61 0.34
C ASN A 104 -15.00 23.27 -0.81
N GLY A 105 -13.72 23.22 -0.52
CA GLY A 105 -12.75 22.89 -1.53
C GLY A 105 -12.70 23.89 -2.68
N SER A 106 -13.33 25.04 -2.51
CA SER A 106 -13.23 26.05 -3.55
C SER A 106 -12.17 27.12 -3.27
N PHE A 107 -12.03 28.06 -4.19
CA PHE A 107 -10.97 29.06 -4.11
C PHE A 107 -11.54 30.45 -4.29
N VAL A 108 -10.83 31.47 -3.85
CA VAL A 108 -11.39 32.82 -3.91
C VAL A 108 -10.32 33.89 -4.09
N SER A 109 -10.46 34.64 -5.16
CA SER A 109 -9.56 35.74 -5.51
C SER A 109 -10.28 37.06 -5.26
N THR A 110 -9.56 38.13 -4.91
CA THR A 110 -10.22 39.41 -4.65
C THR A 110 -9.79 40.47 -5.64
N GLN A 111 -10.78 41.16 -6.19
CA GLN A 111 -10.48 42.21 -7.15
C GLN A 111 -10.24 43.55 -6.44
N LEU A 112 -9.05 44.09 -6.64
CA LEU A 112 -8.63 45.32 -5.99
C LEU A 112 -8.91 46.50 -6.89
N ILE A 113 -9.80 47.37 -6.46
CA ILE A 113 -10.24 48.44 -7.32
C ILE A 113 -9.81 49.81 -6.80
N PHE A 114 -9.56 50.72 -7.73
CA PHE A 114 -9.33 52.12 -7.40
C PHE A 114 -10.14 52.96 -8.39
N LEU A 115 -11.16 53.61 -7.87
CA LEU A 115 -12.09 54.38 -8.69
C LEU A 115 -11.40 55.45 -9.52
N GLY A 116 -10.66 56.33 -8.86
CA GLY A 116 -10.04 57.45 -9.57
C GLY A 116 -11.03 58.48 -10.09
N ARG A 117 -10.78 58.93 -11.32
CA ARG A 117 -11.51 60.05 -11.91
C ARG A 117 -13.03 59.98 -11.89
N VAL A 118 -13.59 58.90 -11.37
CA VAL A 118 -15.05 58.79 -11.37
C VAL A 118 -15.58 58.62 -9.97
N ALA A 119 -14.73 58.93 -9.01
CA ALA A 119 -15.16 58.94 -7.61
C ALA A 119 -16.21 60.03 -7.50
N ASP A 120 -17.21 59.81 -6.64
CA ASP A 120 -18.21 60.85 -6.37
C ASP A 120 -17.59 61.91 -5.48
N PRO A 121 -17.52 63.15 -5.97
CA PRO A 121 -16.76 64.19 -5.25
C PRO A 121 -17.40 64.56 -3.92
N ALA A 122 -18.69 64.31 -3.77
CA ALA A 122 -19.40 64.57 -2.51
C ALA A 122 -18.88 63.68 -1.40
N VAL A 123 -18.61 62.42 -1.73
CA VAL A 123 -18.14 61.43 -0.76
C VAL A 123 -16.66 61.58 -0.43
N MET A 124 -15.84 61.84 -1.44
CA MET A 124 -14.41 62.05 -1.20
C MET A 124 -14.23 63.27 -0.29
N LYS A 125 -15.12 64.25 -0.46
CA LYS A 125 -15.09 65.45 0.36
C LYS A 125 -15.25 65.08 1.83
N THR A 126 -16.12 64.13 2.12
CA THR A 126 -16.37 63.72 3.51
C THR A 126 -15.20 62.94 4.12
N ARG A 127 -14.20 62.63 3.31
CA ARG A 127 -12.98 61.99 3.81
C ARG A 127 -11.86 62.99 3.74
N GLY A 128 -12.20 64.22 3.45
CA GLY A 128 -11.20 65.25 3.23
C GLY A 128 -10.26 64.86 2.10
N LEU A 129 -10.84 64.34 1.02
CA LEU A 129 -10.06 63.88 -0.12
C LEU A 129 -10.50 64.53 -1.44
N ASN A 130 -9.60 64.54 -2.42
CA ASN A 130 -9.99 64.84 -3.80
C ASN A 130 -10.36 63.58 -4.59
N PRO A 131 -11.05 63.75 -5.72
CA PRO A 131 -11.04 62.76 -6.79
C PRO A 131 -9.66 62.76 -7.44
N VAL A 132 -9.05 61.60 -7.67
CA VAL A 132 -7.75 61.60 -8.34
C VAL A 132 -7.69 60.78 -9.64
N SER A 133 -6.57 60.87 -10.34
CA SER A 133 -6.45 60.21 -11.62
C SER A 133 -5.05 60.37 -12.19
N ALA A 134 -4.84 59.90 -13.42
CA ALA A 134 -3.53 59.99 -14.07
C ALA A 134 -3.32 61.42 -14.48
N SER A 135 -4.41 62.02 -14.94
CA SER A 135 -4.47 63.39 -15.38
C SER A 135 -5.77 63.93 -14.77
N ALA A 136 -6.11 65.18 -15.03
CA ALA A 136 -7.28 65.78 -14.39
C ALA A 136 -8.45 65.82 -15.36
N THR A 137 -9.12 64.68 -15.54
CA THR A 137 -10.17 64.62 -16.54
C THR A 137 -11.47 64.13 -15.94
N TYR A 138 -12.56 64.35 -16.66
CA TYR A 138 -13.86 63.92 -16.18
C TYR A 138 -14.49 62.96 -17.17
N GLU A 139 -15.22 62.00 -16.64
CA GLU A 139 -15.99 61.10 -17.46
C GLU A 139 -16.79 61.94 -18.44
N SER A 140 -17.80 62.64 -17.91
CA SER A 140 -18.72 63.44 -18.70
C SER A 140 -18.60 64.93 -18.40
N ASP A 141 -19.35 65.74 -19.15
CA ASP A 141 -19.46 67.16 -18.86
C ASP A 141 -20.25 67.40 -17.57
N ALA A 142 -21.14 66.47 -17.25
CA ALA A 142 -21.90 66.57 -16.02
C ALA A 142 -21.04 66.24 -14.80
N ALA A 143 -20.21 65.21 -14.94
CA ALA A 143 -19.41 64.74 -13.83
C ALA A 143 -18.37 65.75 -13.38
N LYS A 144 -18.04 66.69 -14.27
CA LYS A 144 -17.08 67.77 -13.99
C LYS A 144 -17.74 68.97 -13.30
N GLU A 145 -18.93 69.32 -13.75
CA GLU A 145 -19.71 70.37 -13.08
C GLU A 145 -20.14 69.91 -11.69
N ALA A 146 -20.71 68.71 -11.59
CA ALA A 146 -21.10 68.13 -10.31
C ALA A 146 -20.01 68.24 -9.25
N ALA A 147 -18.76 68.06 -9.71
CA ALA A 147 -17.61 68.03 -8.83
C ALA A 147 -17.29 69.43 -8.35
N GLU A 148 -17.27 70.37 -9.28
CA GLU A 148 -17.01 71.77 -8.95
C GLU A 148 -18.06 72.37 -7.99
N ALA A 149 -19.34 72.13 -8.27
CA ALA A 149 -20.43 72.54 -7.38
C ALA A 149 -20.16 72.27 -5.89
N VAL A 150 -19.41 71.22 -5.57
CA VAL A 150 -19.12 70.92 -4.18
C VAL A 150 -17.70 71.35 -3.89
N GLY A 151 -17.08 71.99 -4.88
CA GLY A 151 -15.75 72.53 -4.70
C GLY A 151 -14.64 71.51 -4.56
N ASN A 152 -14.81 70.37 -5.25
CA ASN A 152 -13.90 69.23 -5.14
C ASN A 152 -13.55 68.65 -6.52
N PRO A 153 -12.89 69.46 -7.36
CA PRO A 153 -12.48 69.01 -8.69
C PRO A 153 -11.50 67.84 -8.63
N VAL A 154 -11.37 67.12 -9.73
CA VAL A 154 -10.44 66.00 -9.82
C VAL A 154 -9.03 66.55 -9.96
N ARG A 155 -8.09 66.04 -9.18
CA ARG A 155 -6.70 66.50 -9.34
C ARG A 155 -5.78 65.36 -9.75
N ALA A 156 -4.76 65.68 -10.54
CA ALA A 156 -3.81 64.65 -11.00
C ALA A 156 -2.77 64.30 -9.93
N LEU A 157 -2.56 63.00 -9.72
CA LEU A 157 -1.59 62.50 -8.75
C LEU A 157 -0.21 63.05 -9.07
N THR A 158 0.61 63.28 -8.04
CA THR A 158 1.98 63.67 -8.31
C THR A 158 2.88 62.44 -8.42
N THR A 159 4.00 62.62 -9.11
CA THR A 159 4.90 61.52 -9.31
C THR A 159 5.13 60.76 -8.01
N GLN A 160 4.98 61.45 -6.91
CA GLN A 160 5.21 60.86 -5.60
C GLN A 160 3.99 60.03 -5.15
N GLU A 161 2.80 60.57 -5.29
CA GLU A 161 1.59 59.86 -4.87
C GLU A 161 1.42 58.51 -5.59
N VAL A 162 1.83 58.49 -6.86
CA VAL A 162 1.92 57.26 -7.66
C VAL A 162 2.80 56.19 -6.97
N LYS A 163 4.08 56.50 -6.74
CA LYS A 163 4.96 55.60 -6.02
C LYS A 163 4.27 55.09 -4.73
N ASP A 164 3.53 55.94 -4.04
CA ASP A 164 2.91 55.50 -2.80
C ASP A 164 1.78 54.52 -3.00
N LEU A 165 1.17 54.56 -4.17
CA LEU A 165 0.13 53.59 -4.49
C LEU A 165 0.76 52.20 -4.52
N VAL A 166 1.82 52.07 -5.30
CA VAL A 166 2.60 50.85 -5.37
C VAL A 166 3.07 50.41 -3.98
N TYR A 167 3.84 51.26 -3.30
CA TYR A 167 4.54 50.80 -2.08
C TYR A 167 3.86 51.05 -0.73
N GLU A 168 2.72 51.74 -0.71
CA GLU A 168 1.95 51.96 0.52
C GLU A 168 0.49 51.50 0.38
N ALA A 169 -0.19 52.06 -0.63
CA ALA A 169 -1.62 51.84 -0.89
C ALA A 169 -2.03 50.40 -1.21
N TYR A 170 -1.41 49.85 -2.27
CA TYR A 170 -1.70 48.52 -2.79
C TYR A 170 -0.97 47.45 -2.00
N THR A 171 0.25 47.78 -1.57
CA THR A 171 1.06 46.88 -0.76
C THR A 171 0.32 46.51 0.53
N ASN A 172 -0.15 47.51 1.24
CA ASN A 172 -0.94 47.27 2.44
C ASN A 172 -2.11 46.32 2.18
N ALA A 173 -2.79 46.52 1.06
CA ALA A 173 -3.98 45.73 0.76
C ALA A 173 -3.63 44.29 0.31
N ALA A 174 -2.57 44.15 -0.47
CA ALA A 174 -2.08 42.82 -0.80
C ALA A 174 -1.82 42.01 0.48
N GLN A 175 -1.36 42.70 1.51
CA GLN A 175 -0.99 42.04 2.76
C GLN A 175 -2.19 41.74 3.65
N LYS A 176 -3.11 42.69 3.74
CA LYS A 176 -4.37 42.48 4.43
C LYS A 176 -5.20 41.40 3.72
N ALA A 177 -5.00 41.30 2.40
CA ALA A 177 -5.59 40.25 1.58
C ALA A 177 -5.04 38.89 1.97
N MET A 178 -3.72 38.78 2.03
CA MET A 178 -3.10 37.54 2.46
C MET A 178 -3.52 37.21 3.88
N ASP A 179 -3.64 38.23 4.69
CA ASP A 179 -4.06 38.00 6.07
C ASP A 179 -5.48 37.50 6.05
N ALA A 180 -6.27 38.03 5.11
CA ALA A 180 -7.69 37.68 4.97
C ALA A 180 -8.02 36.27 4.43
N GLY A 181 -7.02 35.58 3.89
CA GLY A 181 -7.21 34.23 3.38
C GLY A 181 -7.41 34.14 1.88
N PHE A 182 -7.20 35.21 1.14
CA PHE A 182 -7.42 35.14 -0.30
C PHE A 182 -6.36 34.30 -1.03
N ASP A 183 -6.82 33.50 -1.98
CA ASP A 183 -5.92 32.66 -2.74
C ASP A 183 -5.32 33.45 -3.88
N TYR A 184 -6.00 34.52 -4.29
CA TYR A 184 -5.37 35.47 -5.23
C TYR A 184 -5.78 36.90 -4.97
N ILE A 185 -5.17 37.82 -5.68
CA ILE A 185 -5.65 39.18 -5.71
C ILE A 185 -5.60 39.64 -7.15
N GLU A 186 -6.63 40.35 -7.58
CA GLU A 186 -6.72 40.73 -8.97
C GLU A 186 -6.73 42.24 -9.10
N LEU A 187 -5.76 42.76 -9.86
CA LEU A 187 -5.67 44.19 -10.15
C LEU A 187 -6.75 44.56 -11.13
N HIS A 188 -7.71 45.38 -10.70
CA HIS A 188 -8.78 45.81 -11.58
C HIS A 188 -8.26 46.83 -12.58
N ALA A 189 -7.84 46.37 -13.74
CA ALA A 189 -7.33 47.29 -14.75
C ALA A 189 -8.28 47.45 -15.91
N ALA A 190 -9.58 47.46 -15.62
CA ALA A 190 -10.59 47.64 -16.67
C ALA A 190 -11.64 48.71 -16.34
N HIS A 191 -12.67 48.78 -17.18
CA HIS A 191 -13.85 49.64 -16.99
C HIS A 191 -13.57 51.12 -16.72
N GLY A 192 -12.48 51.65 -17.25
CA GLY A 192 -12.17 53.07 -17.10
C GLY A 192 -12.00 53.54 -15.66
N TYR A 193 -11.67 52.64 -14.74
CA TYR A 193 -11.23 53.03 -13.40
C TYR A 193 -9.75 53.34 -13.48
N LEU A 194 -9.15 53.61 -12.32
CA LEU A 194 -7.78 54.13 -12.23
C LEU A 194 -6.71 53.54 -13.15
N LEU A 195 -6.47 52.23 -13.05
CA LEU A 195 -5.41 51.64 -13.85
C LEU A 195 -5.71 51.72 -15.34
N ASP A 196 -6.96 51.52 -15.73
CA ASP A 196 -7.39 51.72 -17.12
C ASP A 196 -7.17 53.19 -17.49
N GLN A 197 -7.53 54.10 -16.57
CA GLN A 197 -7.31 55.54 -16.77
C GLN A 197 -5.86 55.83 -17.11
N PHE A 198 -4.97 55.19 -16.36
CA PHE A 198 -3.53 55.33 -16.57
C PHE A 198 -3.02 54.70 -17.85
N LEU A 199 -3.68 53.65 -18.33
CA LEU A 199 -3.12 52.87 -19.42
C LEU A 199 -3.32 53.55 -20.76
N GLN A 200 -4.45 54.25 -20.88
CA GLN A 200 -4.93 54.77 -22.14
C GLN A 200 -4.93 56.30 -22.24
N PRO A 201 -4.53 56.81 -23.42
CA PRO A 201 -4.24 58.22 -23.74
C PRO A 201 -5.38 59.20 -23.52
N CYS A 202 -6.62 58.75 -23.60
CA CYS A 202 -7.73 59.67 -23.45
C CYS A 202 -7.84 60.14 -22.00
N THR A 203 -7.29 59.34 -21.09
CA THR A 203 -7.36 59.69 -19.67
C THR A 203 -5.98 59.93 -19.03
N ASN A 204 -4.92 59.76 -19.82
CA ASN A 204 -3.58 59.91 -19.31
C ASN A 204 -2.66 60.76 -20.18
N GLN A 205 -2.64 62.05 -19.89
CA GLN A 205 -1.78 63.02 -20.56
CA GLN A 205 -1.72 62.95 -20.59
C GLN A 205 -0.62 63.47 -19.66
N ARG A 206 -0.20 62.60 -18.74
CA ARG A 206 0.88 62.93 -17.82
C ARG A 206 2.21 63.22 -18.53
N THR A 207 3.03 64.04 -17.88
CA THR A 207 4.29 64.48 -18.48
C THR A 207 5.49 63.79 -17.86
N ASP A 208 5.30 63.20 -16.68
CA ASP A 208 6.35 62.40 -16.04
C ASP A 208 6.57 61.04 -16.71
N GLU A 209 7.05 60.07 -15.92
CA GLU A 209 7.41 58.74 -16.43
C GLU A 209 6.18 57.81 -16.52
N TYR A 210 5.06 58.27 -15.97
CA TYR A 210 3.83 57.50 -15.96
C TYR A 210 2.87 57.88 -17.11
N GLY A 211 3.38 58.65 -18.07
CA GLY A 211 2.55 59.12 -19.16
C GLY A 211 3.47 59.53 -20.29
N GLY A 212 2.92 59.71 -21.49
CA GLY A 212 3.70 60.30 -22.57
C GLY A 212 4.07 59.31 -23.64
N SER A 213 4.10 58.03 -23.28
CA SER A 213 4.32 56.97 -24.26
C SER A 213 3.46 55.74 -23.93
N ILE A 214 3.41 54.79 -24.85
CA ILE A 214 2.71 53.55 -24.55
C ILE A 214 3.37 52.90 -23.34
N GLU A 215 4.70 52.87 -23.40
CA GLU A 215 5.51 52.30 -22.35
C GLU A 215 5.25 53.01 -21.01
N ASN A 216 5.31 54.34 -21.00
CA ASN A 216 5.07 55.09 -19.77
C ASN A 216 3.70 54.82 -19.18
N ARG A 217 2.67 54.95 -20.01
CA ARG A 217 1.32 54.72 -19.55
C ARG A 217 1.17 53.34 -18.87
N ALA A 218 1.89 52.35 -19.36
CA ALA A 218 1.79 51.03 -18.78
C ALA A 218 2.69 50.94 -17.55
N ARG A 219 3.68 51.82 -17.48
CA ARG A 219 4.68 51.78 -16.42
C ARG A 219 4.11 51.48 -15.03
N LEU A 220 2.98 52.09 -14.67
CA LEU A 220 2.47 51.94 -13.31
C LEU A 220 1.92 50.56 -13.03
N ILE A 221 1.11 50.06 -13.97
CA ILE A 221 0.53 48.74 -13.84
C ILE A 221 1.65 47.71 -13.62
N LEU A 222 2.64 47.72 -14.52
CA LEU A 222 3.77 46.82 -14.40
C LEU A 222 4.57 46.97 -13.09
N GLU A 223 4.63 48.17 -12.54
CA GLU A 223 5.34 48.36 -11.26
C GLU A 223 4.56 47.70 -10.14
N LEU A 224 3.24 47.71 -10.25
CA LEU A 224 2.44 47.02 -9.27
C LEU A 224 2.59 45.51 -9.42
N ILE A 225 2.70 45.04 -10.66
CA ILE A 225 2.84 43.61 -10.91
C ILE A 225 4.15 43.09 -10.31
N ASP A 226 5.25 43.72 -10.71
CA ASP A 226 6.57 43.34 -10.23
C ASP A 226 6.73 43.39 -8.71
N HIS A 227 6.33 44.51 -8.13
CA HIS A 227 6.40 44.68 -6.69
C HIS A 227 5.46 43.74 -5.91
N LEU A 228 4.21 43.64 -6.34
CA LEU A 228 3.27 42.73 -5.69
C LEU A 228 3.65 41.25 -5.93
N SER A 229 4.33 40.99 -7.05
CA SER A 229 4.82 39.64 -7.28
C SER A 229 5.74 39.28 -6.14
N THR A 230 6.60 40.22 -5.73
CA THR A 230 7.58 39.98 -4.66
C THR A 230 7.01 40.11 -3.25
N ILE A 231 5.70 40.26 -3.11
CA ILE A 231 5.07 40.33 -1.80
C ILE A 231 4.11 39.17 -1.57
N VAL A 232 3.35 38.81 -2.60
CA VAL A 232 2.43 37.67 -2.51
C VAL A 232 2.91 36.52 -3.38
N GLY A 233 3.74 36.84 -4.37
CA GLY A 233 4.26 35.86 -5.30
C GLY A 233 3.44 35.91 -6.57
N ALA A 234 4.09 35.78 -7.72
CA ALA A 234 3.39 35.88 -9.00
C ALA A 234 2.18 34.93 -9.07
N ASP A 235 2.30 33.77 -8.45
CA ASP A 235 1.27 32.74 -8.52
C ASP A 235 -0.04 33.10 -7.84
N LYS A 236 -0.14 34.32 -7.33
CA LYS A 236 -1.34 34.76 -6.63
C LYS A 236 -1.82 36.12 -7.17
N ILE A 237 -1.22 36.53 -8.28
CA ILE A 237 -1.62 37.75 -8.93
C ILE A 237 -2.44 37.56 -10.20
N GLY A 238 -3.61 38.19 -10.24
CA GLY A 238 -4.37 38.33 -11.45
C GLY A 238 -4.66 39.78 -11.83
N ILE A 239 -4.93 39.98 -13.12
CA ILE A 239 -5.29 41.28 -13.67
C ILE A 239 -6.46 41.16 -14.65
N ARG A 240 -7.35 42.15 -14.67
CA ARG A 240 -8.47 42.15 -15.60
C ARG A 240 -8.36 43.28 -16.62
N ILE A 241 -8.70 43.01 -17.86
CA ILE A 241 -8.71 44.06 -18.85
C ILE A 241 -9.97 44.02 -19.72
N SER A 242 -10.44 45.20 -20.11
CA SER A 242 -11.56 45.29 -21.02
C SER A 242 -11.13 46.09 -22.25
N PRO A 243 -10.27 45.51 -23.09
CA PRO A 243 -9.69 46.25 -24.22
C PRO A 243 -10.70 47.07 -25.01
N TRP A 244 -11.95 46.64 -25.10
CA TRP A 244 -12.91 47.25 -26.04
C TRP A 244 -14.05 48.02 -25.40
N ALA A 245 -14.14 47.96 -24.08
CA ALA A 245 -15.24 48.60 -23.41
C ALA A 245 -15.13 50.13 -23.50
N THR A 246 -16.29 50.77 -23.43
CA THR A 246 -16.42 52.22 -23.50
C THR A 246 -17.17 52.67 -22.25
N PHE A 247 -17.23 51.77 -21.27
CA PHE A 247 -17.72 52.14 -19.95
C PHE A 247 -17.00 53.37 -19.47
N GLN A 248 -17.70 54.14 -18.66
CA GLN A 248 -17.18 55.40 -18.13
C GLN A 248 -16.29 56.16 -19.13
N ASN A 249 -16.76 56.13 -20.39
CA ASN A 249 -16.31 56.99 -21.48
C ASN A 249 -14.88 56.75 -21.97
N MET A 250 -14.41 55.50 -21.87
CA MET A 250 -13.11 55.18 -22.44
C MET A 250 -13.28 55.10 -23.95
N LYS A 251 -12.36 55.73 -24.68
CA LYS A 251 -12.54 55.91 -26.12
C LYS A 251 -12.43 54.58 -26.84
N ALA A 252 -11.66 53.66 -26.27
CA ALA A 252 -11.57 52.33 -26.82
C ALA A 252 -10.98 52.40 -28.22
N HIS A 253 -11.72 51.93 -29.24
CA HIS A 253 -11.21 51.89 -30.62
C HIS A 253 -11.09 53.27 -31.27
N LYS A 254 -11.53 54.30 -30.55
CA LYS A 254 -11.58 55.64 -31.12
C LYS A 254 -10.57 56.57 -30.44
N ASP A 255 -9.67 56.00 -29.65
CA ASP A 255 -8.62 56.74 -28.96
C ASP A 255 -7.43 56.99 -29.89
N THR A 256 -6.48 57.79 -29.44
CA THR A 256 -5.31 58.13 -30.25
C THR A 256 -4.33 56.96 -30.34
N VAL A 257 -4.48 56.02 -29.40
CA VAL A 257 -3.81 54.74 -29.48
C VAL A 257 -4.85 53.64 -29.39
N HIS A 258 -4.80 52.71 -30.35
CA HIS A 258 -5.79 51.66 -30.44
C HIS A 258 -5.63 50.65 -29.29
N PRO A 259 -6.74 50.12 -28.73
CA PRO A 259 -6.61 49.10 -27.67
C PRO A 259 -5.72 47.90 -28.04
N LEU A 260 -5.76 47.44 -29.29
CA LEU A 260 -4.83 46.36 -29.68
C LEU A 260 -3.39 46.76 -29.38
N THR A 261 -3.05 48.00 -29.69
CA THR A 261 -1.70 48.45 -29.45
C THR A 261 -1.42 48.51 -27.95
N THR A 262 -2.31 49.14 -27.21
CA THR A 262 -2.18 49.30 -25.76
C THR A 262 -2.10 47.99 -25.00
N PHE A 263 -2.90 47.00 -25.38
CA PHE A 263 -2.95 45.79 -24.58
C PHE A 263 -2.06 44.65 -25.05
N SER A 264 -1.69 44.63 -26.33
CA SER A 264 -0.68 43.65 -26.73
C SER A 264 0.63 43.99 -26.01
N TYR A 265 1.03 45.26 -26.03
CA TYR A 265 2.23 45.66 -25.34
C TYR A 265 2.23 45.14 -23.92
N LEU A 266 1.19 45.49 -23.17
CA LEU A 266 1.03 45.09 -21.79
C LEU A 266 1.03 43.59 -21.61
N VAL A 267 0.21 42.88 -22.38
CA VAL A 267 0.14 41.42 -22.25
C VAL A 267 1.48 40.77 -22.58
N HIS A 268 2.14 41.24 -23.61
CA HIS A 268 3.42 40.67 -23.99
C HIS A 268 4.53 40.96 -22.97
N GLU A 269 4.39 42.05 -22.21
CA GLU A 269 5.35 42.34 -21.14
C GLU A 269 5.09 41.32 -20.05
N LEU A 270 3.81 41.01 -19.81
CA LEU A 270 3.46 40.06 -18.76
C LEU A 270 3.97 38.66 -19.11
N GLN A 271 4.05 38.37 -20.40
CA GLN A 271 4.48 37.07 -20.84
C GLN A 271 5.98 36.94 -20.66
N GLN A 272 6.68 38.05 -20.84
CA GLN A 272 8.12 38.02 -20.72
C GLN A 272 8.48 37.72 -19.28
N ARG A 273 7.69 38.24 -18.35
CA ARG A 273 7.92 37.95 -16.94
C ARG A 273 7.68 36.49 -16.65
N ALA A 274 6.62 35.96 -17.21
CA ALA A 274 6.35 34.55 -17.05
C ALA A 274 7.57 33.72 -17.54
N ASP A 275 8.12 34.07 -18.70
CA ASP A 275 9.33 33.43 -19.22
C ASP A 275 10.53 33.36 -18.26
N LYS A 276 10.63 34.35 -17.38
CA LYS A 276 11.67 34.39 -16.35
C LYS A 276 11.16 33.77 -15.04
N GLY A 277 10.03 33.08 -15.10
CA GLY A 277 9.53 32.38 -13.94
C GLY A 277 8.69 33.24 -13.02
N GLN A 278 8.23 34.37 -13.54
CA GLN A 278 7.46 35.29 -12.72
C GLN A 278 6.05 35.54 -13.23
N GLY A 279 5.54 34.58 -14.00
CA GLY A 279 4.21 34.69 -14.57
C GLY A 279 3.10 34.81 -13.54
N ILE A 280 2.23 35.78 -13.73
CA ILE A 280 1.07 35.87 -12.85
C ILE A 280 0.13 34.70 -13.14
N ALA A 281 -0.87 34.54 -12.28
CA ALA A 281 -1.77 33.39 -12.34
C ALA A 281 -2.72 33.37 -13.56
N TYR A 282 -3.38 34.48 -13.86
CA TYR A 282 -4.30 34.56 -14.99
C TYR A 282 -4.52 35.96 -15.50
N ILE A 283 -4.75 36.10 -16.80
CA ILE A 283 -5.27 37.35 -17.32
C ILE A 283 -6.77 37.27 -17.56
N SER A 284 -7.54 38.09 -16.83
CA SER A 284 -8.99 38.13 -16.97
C SER A 284 -9.37 39.17 -18.03
N VAL A 285 -9.92 38.73 -19.16
CA VAL A 285 -10.32 39.68 -20.19
C VAL A 285 -11.83 39.78 -20.28
N VAL A 286 -12.30 40.76 -21.01
CA VAL A 286 -13.72 41.02 -21.09
C VAL A 286 -14.14 41.02 -22.54
N GLU A 287 -15.00 40.07 -22.88
CA GLU A 287 -15.38 39.87 -24.27
C GLU A 287 -16.16 41.05 -24.85
N PRO A 288 -15.92 41.34 -26.14
CA PRO A 288 -16.47 42.56 -26.77
C PRO A 288 -18.00 42.65 -26.75
N ARG A 289 -18.69 41.53 -26.56
CA ARG A 289 -20.15 41.50 -26.38
C ARG A 289 -20.54 42.33 -25.18
N VAL A 290 -19.59 42.66 -24.33
CA VAL A 290 -19.92 43.25 -23.04
C VAL A 290 -19.00 44.41 -22.71
N SER A 291 -19.53 45.36 -21.92
CA SER A 291 -18.84 46.59 -21.57
C SER A 291 -19.34 47.04 -20.22
N GLY A 292 -18.51 46.90 -19.19
CA GLY A 292 -18.96 47.18 -17.84
C GLY A 292 -20.03 46.18 -17.44
N ASN A 293 -21.17 46.70 -17.02
CA ASN A 293 -22.28 45.89 -16.51
C ASN A 293 -23.46 45.82 -17.49
N VAL A 294 -23.16 45.97 -18.78
CA VAL A 294 -24.21 46.14 -19.76
C VAL A 294 -23.80 45.55 -21.12
N ASP A 295 -24.75 44.98 -21.86
CA ASP A 295 -24.46 44.37 -23.18
C ASP A 295 -24.08 45.37 -24.27
N VAL A 296 -23.34 44.90 -25.28
CA VAL A 296 -23.01 45.70 -26.45
C VAL A 296 -23.64 45.01 -27.64
N SER A 297 -24.20 45.77 -28.56
CA SER A 297 -24.97 45.17 -29.64
C SER A 297 -24.10 44.64 -30.77
N GLU A 298 -24.59 43.61 -31.44
CA GLU A 298 -23.86 42.93 -32.50
C GLU A 298 -23.21 43.90 -33.49
N GLU A 299 -23.80 45.09 -33.64
CA GLU A 299 -23.31 46.04 -34.64
C GLU A 299 -22.13 46.88 -34.13
N ASP A 300 -22.02 47.05 -32.82
CA ASP A 300 -20.96 47.89 -32.23
C ASP A 300 -19.70 47.14 -31.78
N GLN A 301 -19.79 45.82 -31.70
CA GLN A 301 -18.61 45.00 -31.45
C GLN A 301 -17.64 45.22 -32.61
N ALA A 302 -16.38 45.49 -32.28
CA ALA A 302 -15.43 45.96 -33.28
C ALA A 302 -14.04 45.38 -33.05
N GLY A 303 -14.00 44.23 -32.40
CA GLY A 303 -12.75 43.57 -32.10
C GLY A 303 -12.98 42.30 -31.29
N ASP A 304 -11.91 41.57 -31.06
CA ASP A 304 -11.98 40.44 -30.15
C ASP A 304 -10.74 40.40 -29.24
N ASN A 305 -10.76 39.53 -28.25
CA ASN A 305 -9.60 39.37 -27.40
C ASN A 305 -8.70 38.22 -27.91
N GLU A 306 -8.83 37.85 -29.17
CA GLU A 306 -8.04 36.74 -29.70
C GLU A 306 -6.54 37.01 -29.56
N PHE A 307 -6.13 38.27 -29.63
CA PHE A 307 -4.71 38.62 -29.55
C PHE A 307 -4.11 38.20 -28.22
N VAL A 308 -4.90 38.24 -27.15
CA VAL A 308 -4.43 37.80 -25.86
C VAL A 308 -3.95 36.34 -25.86
N SER A 309 -4.55 35.50 -26.68
CA SER A 309 -4.24 34.08 -26.65
C SER A 309 -2.98 33.78 -27.43
N LYS A 310 -2.61 34.66 -28.36
CA LYS A 310 -1.42 34.44 -29.19
C LYS A 310 -0.19 34.99 -28.52
N ILE A 311 -0.39 35.71 -27.43
CA ILE A 311 0.70 36.40 -26.76
C ILE A 311 0.97 35.81 -25.38
N TRP A 312 -0.07 35.61 -24.60
CA TRP A 312 -0.01 35.00 -23.28
C TRP A 312 -0.14 33.49 -23.38
N LYS A 313 0.77 32.75 -22.75
CA LYS A 313 0.75 31.30 -22.86
C LYS A 313 0.04 30.65 -21.67
N GLY A 314 -0.25 31.46 -20.66
CA GLY A 314 -0.87 30.95 -19.44
C GLY A 314 -2.38 31.00 -19.41
N VAL A 315 -2.93 30.94 -18.22
CA VAL A 315 -4.37 30.86 -18.01
C VAL A 315 -5.08 32.17 -18.38
N ILE A 316 -6.18 32.05 -19.11
CA ILE A 316 -7.00 33.20 -19.49
C ILE A 316 -8.40 33.02 -18.93
N LEU A 317 -9.01 34.09 -18.45
CA LEU A 317 -10.38 34.00 -17.97
C LEU A 317 -11.21 34.92 -18.85
N LYS A 318 -12.20 34.36 -19.54
CA LYS A 318 -13.07 35.18 -20.36
C LYS A 318 -14.44 35.24 -19.73
N ALA A 319 -15.12 36.38 -19.90
CA ALA A 319 -16.52 36.52 -19.47
C ALA A 319 -17.25 37.49 -20.37
N GLY A 320 -18.57 37.41 -20.32
CA GLY A 320 -19.40 38.36 -21.04
C GLY A 320 -20.49 37.74 -21.88
N ASN A 321 -21.65 37.52 -21.27
CA ASN A 321 -22.81 37.02 -21.99
C ASN A 321 -22.54 35.76 -22.81
N TYR A 322 -22.17 34.68 -22.13
CA TYR A 322 -21.79 33.44 -22.80
C TYR A 322 -22.96 32.56 -23.18
N SER A 323 -24.15 32.91 -22.69
CA SER A 323 -25.36 32.21 -23.07
C SER A 323 -26.06 32.91 -24.24
N TYR A 324 -25.32 33.59 -25.10
CA TYR A 324 -25.99 34.22 -26.22
C TYR A 324 -26.24 33.19 -27.31
N ASP A 325 -25.38 32.19 -27.39
CA ASP A 325 -25.59 31.16 -28.40
C ASP A 325 -26.05 29.91 -27.70
N ALA A 326 -26.75 30.12 -26.59
CA ALA A 326 -27.40 29.02 -25.88
C ALA A 326 -28.54 28.47 -26.74
N PRO A 327 -28.95 27.21 -26.50
CA PRO A 327 -28.55 26.28 -25.44
C PRO A 327 -27.34 25.41 -25.78
N GLU A 328 -26.76 25.57 -26.96
CA GLU A 328 -25.65 24.72 -27.39
C GLU A 328 -24.27 25.16 -26.88
N PHE A 329 -24.09 26.47 -26.72
CA PHE A 329 -22.86 27.04 -26.22
C PHE A 329 -21.72 26.82 -27.19
N LYS A 330 -22.02 26.91 -28.47
CA LYS A 330 -21.00 26.75 -29.49
C LYS A 330 -19.78 27.62 -29.15
N THR A 331 -20.01 28.91 -28.89
CA THR A 331 -18.93 29.84 -28.64
C THR A 331 -18.11 29.52 -27.39
N LEU A 332 -18.77 29.38 -26.25
CA LEU A 332 -18.07 28.95 -25.04
C LEU A 332 -17.20 27.70 -25.27
N LYS A 333 -17.74 26.68 -25.95
CA LYS A 333 -16.92 25.49 -26.17
C LYS A 333 -15.70 25.75 -27.05
N GLU A 334 -15.81 26.71 -27.98
CA GLU A 334 -14.65 27.05 -28.80
C GLU A 334 -13.61 27.75 -27.93
N ASP A 335 -14.05 28.73 -27.16
CA ASP A 335 -13.17 29.52 -26.29
C ASP A 335 -12.41 28.65 -25.26
N ILE A 336 -12.99 27.54 -24.82
CA ILE A 336 -12.28 26.68 -23.88
C ILE A 336 -11.53 25.52 -24.52
N ALA A 337 -11.64 25.36 -25.83
CA ALA A 337 -10.94 24.29 -26.53
C ALA A 337 -9.46 24.20 -26.20
N ASP A 338 -8.77 25.34 -26.08
CA ASP A 338 -7.30 25.32 -25.82
C ASP A 338 -6.90 24.74 -24.47
N LYS A 339 -7.88 24.53 -23.59
CA LYS A 339 -7.64 23.86 -22.30
C LYS A 339 -6.83 24.68 -21.27
N ARG A 340 -6.61 25.96 -21.54
CA ARG A 340 -6.04 26.87 -20.56
C ARG A 340 -6.93 28.10 -20.33
N THR A 341 -8.18 28.02 -20.80
CA THR A 341 -9.13 29.13 -20.69
C THR A 341 -10.30 28.84 -19.75
N LEU A 342 -10.63 29.82 -18.91
CA LEU A 342 -11.81 29.72 -18.05
C LEU A 342 -12.96 30.59 -18.57
N VAL A 343 -14.17 30.33 -18.08
CA VAL A 343 -15.31 31.08 -18.59
C VAL A 343 -16.17 31.66 -17.46
N GLY A 344 -16.35 32.98 -17.49
CA GLY A 344 -17.08 33.68 -16.46
C GLY A 344 -18.57 33.91 -16.70
N PHE A 345 -19.37 33.62 -15.68
CA PHE A 345 -20.79 33.90 -15.67
C PHE A 345 -21.16 34.78 -14.49
N SER A 346 -21.45 36.05 -14.74
CA SER A 346 -21.73 37.00 -13.68
C SER A 346 -23.21 37.04 -13.33
N ARG A 347 -23.94 37.81 -14.13
CA ARG A 347 -25.37 38.04 -13.94
C ARG A 347 -26.17 36.78 -13.68
N TYR A 348 -25.93 35.73 -14.45
CA TYR A 348 -26.65 34.49 -14.22
C TYR A 348 -26.17 33.82 -12.94
N PHE A 349 -25.01 34.25 -12.43
CA PHE A 349 -24.58 33.77 -11.12
C PHE A 349 -25.37 34.44 -10.01
N THR A 350 -25.77 35.69 -10.23
CA THR A 350 -26.51 36.43 -9.23
C THR A 350 -27.78 35.74 -8.84
N SER A 351 -28.48 35.16 -9.80
CA SER A 351 -29.76 34.51 -9.52
C SER A 351 -29.68 32.99 -9.55
N ASN A 352 -28.47 32.50 -9.83
CA ASN A 352 -28.23 31.08 -9.78
C ASN A 352 -27.10 30.76 -8.87
N PRO A 353 -27.39 30.66 -7.57
CA PRO A 353 -26.34 30.34 -6.60
C PRO A 353 -25.66 29.02 -6.98
N ASN A 354 -26.39 28.07 -7.55
CA ASN A 354 -25.76 26.80 -7.93
C ASN A 354 -25.43 26.68 -9.43
N LEU A 355 -25.19 27.82 -10.06
CA LEU A 355 -24.89 27.86 -11.49
C LEU A 355 -23.97 26.73 -11.97
N VAL A 356 -22.86 26.48 -11.28
CA VAL A 356 -21.95 25.46 -11.77
C VAL A 356 -22.65 24.13 -11.96
N TRP A 357 -23.53 23.84 -11.03
CA TRP A 357 -24.30 22.62 -11.05
C TRP A 357 -25.32 22.65 -12.19
N LYS A 358 -26.04 23.76 -12.30
CA LYS A 358 -27.00 23.92 -13.37
C LYS A 358 -26.39 23.74 -14.76
N LEU A 359 -25.28 24.40 -15.04
CA LEU A 359 -24.56 24.19 -16.30
C LEU A 359 -24.08 22.75 -16.50
N ARG A 360 -23.78 22.07 -15.42
CA ARG A 360 -23.19 20.75 -15.56
C ARG A 360 -24.22 19.77 -16.08
N ASP A 361 -25.47 20.02 -15.69
CA ASP A 361 -26.55 19.07 -15.87
C ASP A 361 -27.67 19.64 -16.74
N GLY A 362 -27.39 20.78 -17.39
CA GLY A 362 -28.32 21.44 -18.29
C GLY A 362 -29.65 21.86 -17.68
N ILE A 363 -29.63 22.30 -16.44
CA ILE A 363 -30.86 22.72 -15.77
C ILE A 363 -31.14 24.15 -16.12
N ASP A 364 -32.42 24.49 -16.33
CA ASP A 364 -32.79 25.81 -16.84
C ASP A 364 -32.39 26.96 -15.91
N LEU A 365 -31.73 27.96 -16.47
CA LEU A 365 -31.22 29.12 -15.71
C LEU A 365 -32.30 30.13 -15.30
N VAL A 366 -32.49 30.28 -14.00
CA VAL A 366 -33.40 31.31 -13.49
C VAL A 366 -32.94 32.70 -13.88
N PRO A 367 -33.84 33.53 -14.42
CA PRO A 367 -33.46 34.89 -14.86
C PRO A 367 -33.04 35.84 -13.73
N TYR A 368 -32.28 36.87 -14.05
CA TYR A 368 -31.74 37.77 -13.04
C TYR A 368 -32.51 39.11 -12.89
N ASP A 369 -32.47 39.70 -11.69
CA ASP A 369 -33.23 40.93 -11.44
C ASP A 369 -32.37 42.20 -11.43
N ARG A 370 -32.08 42.71 -12.63
CA ARG A 370 -31.20 43.89 -12.78
C ARG A 370 -31.58 45.03 -11.84
N ASN A 371 -32.83 45.02 -11.41
CA ASN A 371 -33.32 45.99 -10.46
C ASN A 371 -32.62 45.86 -9.09
N THR A 372 -32.30 44.64 -8.67
CA THR A 372 -31.71 44.42 -7.34
C THR A 372 -30.19 44.14 -7.33
N PHE A 373 -29.54 44.31 -8.47
CA PHE A 373 -28.08 44.32 -8.57
C PHE A 373 -27.42 45.20 -7.51
N TYR A 374 -27.85 46.45 -7.46
CA TYR A 374 -27.16 47.49 -6.71
C TYR A 374 -27.88 48.01 -5.44
N SER A 375 -29.00 47.38 -5.07
CA SER A 375 -29.71 47.79 -3.86
C SER A 375 -29.01 47.37 -2.56
N ASP A 376 -29.53 47.83 -1.42
CA ASP A 376 -28.82 47.74 -0.14
C ASP A 376 -29.38 46.70 0.83
N ASN A 377 -30.27 45.83 0.37
CA ASN A 377 -30.85 44.81 1.23
C ASN A 377 -30.79 43.43 0.64
N ASN A 378 -31.31 42.46 1.38
CA ASN A 378 -31.22 41.05 1.02
C ASN A 378 -32.18 40.66 -0.07
N TYR A 379 -33.03 41.59 -0.50
CA TYR A 379 -34.03 41.26 -1.50
C TYR A 379 -33.45 41.35 -2.91
N GLY A 380 -33.37 40.20 -3.58
CA GLY A 380 -32.69 40.13 -4.85
C GLY A 380 -31.22 39.78 -4.68
N TYR A 381 -30.81 39.57 -3.43
CA TYR A 381 -29.42 39.21 -3.14
C TYR A 381 -29.32 37.72 -2.80
N ASN A 382 -29.56 37.37 -1.54
CA ASN A 382 -29.51 35.97 -1.13
C ASN A 382 -30.83 35.22 -1.23
N THR A 383 -31.89 35.91 -1.66
CA THR A 383 -33.20 35.27 -1.81
C THR A 383 -33.15 34.07 -2.75
N PHE A 384 -32.54 34.24 -3.93
CA PHE A 384 -32.38 33.15 -4.91
C PHE A 384 -31.93 31.78 -4.38
N SER A 385 -31.51 31.70 -3.12
CA SER A 385 -31.05 30.43 -2.56
CA SER A 385 -31.06 30.43 -2.56
C SER A 385 -32.16 29.72 -1.79
N MET A 386 -33.24 30.45 -1.51
CA MET A 386 -34.36 29.89 -0.78
C MET A 386 -35.33 29.28 -1.79
N ASP A 387 -36.32 28.56 -1.30
CA ASP A 387 -37.44 28.25 -2.17
C ASP A 387 -38.30 29.50 -2.32
N SER A 388 -38.51 29.89 -3.57
CA SER A 388 -39.18 31.14 -3.90
CA SER A 388 -39.18 31.14 -3.90
C SER A 388 -40.46 31.41 -3.11
N GLU A 389 -41.17 30.33 -2.74
CA GLU A 389 -42.46 30.47 -2.09
CA GLU A 389 -42.46 30.48 -2.09
C GLU A 389 -42.39 30.67 -0.57
N GLU A 390 -41.19 30.92 -0.06
CA GLU A 390 -41.02 31.23 1.37
C GLU A 390 -40.43 32.63 1.48
N VAL A 391 -40.05 33.19 0.35
CA VAL A 391 -39.50 34.53 0.32
C VAL A 391 -40.57 35.52 0.78
N ASP A 392 -40.21 36.35 1.75
CA ASP A 392 -41.10 37.39 2.24
C ASP A 392 -40.53 38.72 1.77
N LYS A 393 -41.10 39.27 0.70
CA LYS A 393 -40.52 40.43 0.03
C LYS A 393 -40.22 41.59 0.99
N GLU A 394 -41.08 41.77 2.01
CA GLU A 394 -40.86 42.79 3.01
CA GLU A 394 -40.83 42.79 3.01
C GLU A 394 -39.68 42.39 3.91
N LEU A 395 -39.95 41.49 4.84
CA LEU A 395 -38.94 41.01 5.77
C LEU A 395 -37.55 41.07 5.16
N GLU A 396 -37.45 40.79 3.85
CA GLU A 396 -36.18 40.74 3.17
C GLU A 396 -35.71 42.11 2.67
N ILE A 397 -36.64 43.00 2.33
CA ILE A 397 -36.25 44.37 1.99
C ILE A 397 -35.81 45.12 3.24
N LYS A 398 -36.40 44.78 4.37
CA LYS A 398 -36.00 45.34 5.65
C LYS A 398 -34.61 44.84 6.05
N ARG A 399 -34.27 43.62 5.63
CA ARG A 399 -32.99 43.00 6.01
C ARG A 399 -31.80 43.65 5.33
N VAL A 400 -31.06 44.46 6.07
CA VAL A 400 -29.85 45.08 5.53
C VAL A 400 -28.64 44.35 6.08
N PRO A 401 -27.45 44.70 5.58
CA PRO A 401 -26.21 44.07 6.05
C PRO A 401 -25.95 44.34 7.54
N SER A 402 -25.87 43.29 8.35
CA SER A 402 -25.45 43.40 9.73
C SER A 402 -23.97 42.98 9.80
N ALA A 403 -23.53 42.49 10.96
CA ALA A 403 -22.16 42.00 11.05
C ALA A 403 -22.10 40.48 11.23
N ILE A 404 -20.89 39.93 11.19
CA ILE A 404 -20.67 38.50 11.16
C ILE A 404 -20.45 37.90 12.55
N GLU A 405 -21.11 36.76 12.82
CA GLU A 405 -21.04 36.04 14.10
C GLU A 405 -21.63 36.82 15.28
N SER B 2 -27.61 -9.05 -9.92
CA SER B 2 -28.72 -8.11 -10.15
C SER B 2 -28.44 -6.61 -9.80
N SER B 3 -28.62 -5.73 -10.78
CA SER B 3 -28.44 -4.30 -10.57
C SER B 3 -29.34 -3.78 -9.45
N VAL B 4 -28.89 -2.69 -8.82
CA VAL B 4 -29.49 -2.20 -7.57
C VAL B 4 -30.07 -0.79 -7.64
N LYS B 5 -31.37 -0.67 -7.39
CA LYS B 5 -31.98 0.65 -7.34
C LYS B 5 -31.63 1.33 -6.03
N ILE B 6 -31.30 2.63 -6.12
CA ILE B 6 -30.98 3.45 -4.97
C ILE B 6 -31.66 4.78 -5.12
N SER B 7 -31.80 5.50 -4.02
CA SER B 7 -32.35 6.84 -4.07
CA SER B 7 -32.35 6.84 -4.03
C SER B 7 -31.22 7.85 -3.83
N PRO B 8 -31.45 9.12 -4.18
CA PRO B 8 -30.35 10.10 -4.17
C PRO B 8 -29.79 10.39 -2.79
N LEU B 9 -28.47 10.49 -2.67
CA LEU B 9 -27.87 10.94 -1.42
C LEU B 9 -27.44 12.42 -1.42
N LYS B 10 -27.60 13.11 -2.54
CA LYS B 10 -27.19 14.51 -2.66
C LYS B 10 -27.50 15.40 -1.42
N ASP B 11 -28.75 15.46 -1.03
CA ASP B 11 -29.14 16.36 0.05
C ASP B 11 -28.84 15.82 1.43
N SER B 12 -28.22 14.65 1.51
CA SER B 12 -27.95 14.06 2.81
C SER B 12 -26.62 14.53 3.41
N GLU B 13 -26.30 13.99 4.59
CA GLU B 13 -25.06 14.34 5.27
C GLU B 13 -23.87 13.82 4.49
N ALA B 14 -24.12 12.95 3.52
CA ALA B 14 -23.04 12.31 2.79
C ALA B 14 -22.35 13.30 1.84
N PHE B 15 -22.86 14.51 1.78
CA PHE B 15 -22.24 15.47 0.89
C PHE B 15 -21.93 16.76 1.57
N GLN B 16 -21.88 16.69 2.91
CA GLN B 16 -21.36 17.75 3.76
C GLN B 16 -19.87 17.53 3.98
N SER B 17 -19.09 18.60 3.90
CA SER B 17 -17.63 18.47 4.04
C SER B 17 -17.27 18.12 5.47
N ILE B 18 -16.14 17.42 5.60
CA ILE B 18 -15.62 16.95 6.88
C ILE B 18 -14.09 16.99 6.83
N LYS B 19 -13.48 17.37 7.95
CA LYS B 19 -12.03 17.54 8.02
C LYS B 19 -11.41 16.30 8.63
N VAL B 20 -10.44 15.71 7.95
CA VAL B 20 -9.87 14.42 8.32
C VAL B 20 -8.37 14.61 8.27
N GLY B 21 -7.72 14.54 9.43
CA GLY B 21 -6.34 14.98 9.49
C GLY B 21 -6.26 16.42 8.98
N ASN B 22 -5.44 16.66 7.96
CA ASN B 22 -5.31 18.03 7.48
C ASN B 22 -6.03 18.34 6.19
N ASN B 23 -6.85 17.41 5.73
CA ASN B 23 -7.58 17.59 4.48
C ASN B 23 -9.09 17.59 4.71
N THR B 24 -9.80 18.35 3.91
CA THR B 24 -11.25 18.36 3.99
C THR B 24 -11.87 17.61 2.79
N LEU B 25 -12.53 16.48 3.08
CA LEU B 25 -13.29 15.75 2.08
C LEU B 25 -14.60 16.46 1.77
N GLN B 26 -15.04 16.42 0.52
CA GLN B 26 -16.32 17.05 0.18
C GLN B 26 -17.45 16.00 0.05
N THR B 27 -17.08 14.73 0.24
CA THR B 27 -18.04 13.64 0.35
C THR B 27 -17.62 12.72 1.47
N LYS B 28 -18.57 12.13 2.18
CA LYS B 28 -18.25 11.13 3.19
C LYS B 28 -18.24 9.70 2.61
N ILE B 29 -18.55 9.55 1.31
CA ILE B 29 -18.43 8.23 0.66
C ILE B 29 -16.98 7.91 0.31
N VAL B 30 -16.54 6.72 0.66
CA VAL B 30 -15.12 6.37 0.54
C VAL B 30 -14.87 5.04 -0.14
N TYR B 31 -13.75 4.93 -0.87
CA TYR B 31 -13.34 3.66 -1.47
C TYR B 31 -12.42 2.93 -0.50
N PRO B 32 -12.88 1.81 0.05
CA PRO B 32 -11.98 1.22 1.04
C PRO B 32 -10.89 0.43 0.33
N PRO B 33 -9.85 0.07 1.09
CA PRO B 33 -8.79 -0.79 0.57
C PRO B 33 -9.38 -2.03 -0.09
N THR B 34 -9.05 -2.26 -1.34
CA THR B 34 -9.56 -3.42 -2.05
C THR B 34 -8.46 -4.07 -2.88
N THR B 35 -8.02 -5.23 -2.43
CA THR B 35 -6.93 -5.97 -3.07
C THR B 35 -7.31 -6.53 -4.43
N ARG B 36 -6.56 -6.22 -5.49
CA ARG B 36 -6.96 -6.64 -6.82
C ARG B 36 -5.86 -7.33 -7.60
N PHE B 37 -4.62 -7.29 -7.10
CA PHE B 37 -3.56 -8.04 -7.77
C PHE B 37 -3.24 -7.56 -9.19
N ARG B 38 -3.33 -6.27 -9.43
CA ARG B 38 -2.96 -5.73 -10.74
C ARG B 38 -1.67 -4.89 -10.69
N ALA B 39 -0.75 -5.26 -9.83
CA ALA B 39 0.53 -4.60 -9.73
C ALA B 39 1.44 -5.43 -10.61
N LEU B 40 2.72 -5.10 -10.66
CA LEU B 40 3.65 -5.86 -11.46
C LEU B 40 4.30 -6.94 -10.61
N GLU B 41 4.96 -7.89 -11.23
CA GLU B 41 5.52 -9.02 -10.49
C GLU B 41 6.54 -8.61 -9.42
N ASP B 42 7.16 -7.43 -9.56
CA ASP B 42 8.16 -7.01 -8.58
C ASP B 42 7.57 -6.04 -7.54
N HIS B 43 6.24 -5.96 -7.56
CA HIS B 43 5.44 -5.21 -6.58
C HIS B 43 5.30 -3.70 -6.80
N THR B 44 5.91 -3.19 -7.86
CA THR B 44 5.71 -1.80 -8.26
C THR B 44 4.32 -1.60 -8.81
N PRO B 45 3.71 -0.44 -8.51
CA PRO B 45 2.44 -0.01 -9.12
C PRO B 45 2.52 0.11 -10.65
N SER B 46 1.39 -0.06 -11.33
CA SER B 46 1.31 -0.27 -12.78
C SER B 46 0.40 0.68 -13.51
N ASP B 47 0.46 0.63 -14.84
CA ASP B 47 -0.38 1.50 -15.70
C ASP B 47 -1.83 1.23 -15.49
N LEU B 48 -2.17 -0.04 -15.24
CA LEU B 48 -3.54 -0.40 -14.92
C LEU B 48 -4.02 0.27 -13.63
N GLN B 49 -3.19 0.23 -12.60
CA GLN B 49 -3.54 0.86 -11.34
C GLN B 49 -3.73 2.37 -11.50
N LEU B 50 -2.83 3.01 -12.24
CA LEU B 50 -2.93 4.46 -12.43
C LEU B 50 -4.34 4.84 -12.92
N GLN B 51 -4.78 4.17 -13.96
CA GLN B 51 -6.08 4.52 -14.47
C GLN B 51 -7.17 4.17 -13.46
N TYR B 52 -7.03 2.99 -12.84
CA TYR B 52 -8.02 2.52 -11.87
C TYR B 52 -8.29 3.53 -10.75
N TYR B 53 -7.28 3.87 -9.97
CA TYR B 53 -7.45 4.89 -8.93
C TYR B 53 -7.85 6.26 -9.48
N GLY B 54 -7.29 6.62 -10.62
CA GLY B 54 -7.68 7.86 -11.28
C GLY B 54 -9.16 7.89 -11.64
N ASP B 55 -9.69 6.76 -12.08
CA ASP B 55 -11.09 6.70 -12.49
C ASP B 55 -12.07 6.95 -11.35
N ARG B 56 -11.66 6.66 -10.12
CA ARG B 56 -12.54 6.81 -8.97
C ARG B 56 -12.40 8.14 -8.24
N SER B 57 -11.42 8.94 -8.63
CA SER B 57 -11.14 10.20 -7.94
C SER B 57 -11.84 11.39 -8.54
N THR B 58 -12.88 11.20 -9.35
CA THR B 58 -13.47 12.32 -10.11
C THR B 58 -14.43 13.19 -9.32
N PHE B 59 -15.08 12.66 -8.30
CA PHE B 59 -15.75 13.59 -7.38
C PHE B 59 -14.72 14.25 -6.46
N PRO B 60 -14.54 15.57 -6.62
CA PRO B 60 -13.45 16.25 -5.92
C PRO B 60 -13.67 16.22 -4.42
N GLY B 61 -12.68 15.77 -3.66
CA GLY B 61 -12.82 15.68 -2.22
C GLY B 61 -13.19 14.26 -1.81
N THR B 62 -12.75 13.27 -2.57
CA THR B 62 -13.02 11.88 -2.27
C THR B 62 -11.80 11.32 -1.61
N LEU B 63 -11.99 10.48 -0.60
CA LEU B 63 -10.87 9.74 -0.04
C LEU B 63 -10.87 8.30 -0.57
N LEU B 64 -9.75 7.92 -1.20
CA LEU B 64 -9.52 6.54 -1.61
C LEU B 64 -8.47 5.90 -0.72
N ILE B 65 -8.74 4.69 -0.26
CA ILE B 65 -7.72 4.00 0.48
C ILE B 65 -7.23 2.94 -0.46
N THR B 66 -5.94 2.93 -0.72
CA THR B 66 -5.43 1.98 -1.68
C THR B 66 -5.50 0.56 -1.13
N GLU B 67 -5.52 -0.41 -2.02
CA GLU B 67 -5.33 -1.80 -1.65
C GLU B 67 -4.15 -1.99 -0.67
N ALA B 68 -4.21 -3.08 0.08
CA ALA B 68 -3.10 -3.54 0.89
C ALA B 68 -1.80 -3.41 0.11
N THR B 69 -0.82 -2.76 0.73
CA THR B 69 0.50 -2.56 0.16
C THR B 69 1.54 -3.13 1.13
N PHE B 70 2.49 -3.91 0.66
CA PHE B 70 3.45 -4.55 1.57
C PHE B 70 4.40 -3.54 2.12
N VAL B 71 4.70 -3.65 3.41
CA VAL B 71 5.65 -2.74 4.03
C VAL B 71 7.09 -3.15 3.73
N SER B 72 7.26 -4.37 3.21
CA SER B 72 8.59 -4.92 3.05
C SER B 72 8.55 -6.37 2.60
N PRO B 73 9.69 -6.92 2.16
CA PRO B 73 9.78 -8.31 1.71
C PRO B 73 9.17 -9.29 2.71
N GLN B 74 9.58 -9.22 3.96
CA GLN B 74 9.08 -10.14 4.97
C GLN B 74 7.57 -9.97 5.19
N ALA B 75 7.01 -8.88 4.68
CA ALA B 75 5.57 -8.67 4.84
C ALA B 75 4.73 -9.23 3.68
N SER B 76 5.35 -9.89 2.71
CA SER B 76 4.58 -10.42 1.60
C SER B 76 4.22 -11.88 1.81
N GLY B 77 3.74 -12.54 0.75
CA GLY B 77 3.35 -13.93 0.83
C GLY B 77 2.11 -14.23 0.02
N TRP B 78 1.91 -13.49 -1.05
CA TRP B 78 0.74 -13.71 -1.89
C TRP B 78 1.19 -14.15 -3.28
N GLU B 79 0.35 -14.95 -3.94
CA GLU B 79 0.68 -15.49 -5.25
C GLU B 79 0.27 -14.52 -6.33
N GLY B 80 -0.79 -13.77 -6.05
CA GLY B 80 -1.18 -12.64 -6.88
C GLY B 80 -0.20 -11.49 -6.70
N ALA B 81 -0.10 -10.64 -7.71
CA ALA B 81 0.89 -9.58 -7.65
C ALA B 81 0.31 -8.34 -6.97
N ALA B 82 0.75 -8.06 -5.74
CA ALA B 82 0.25 -6.88 -5.02
C ALA B 82 1.34 -5.84 -4.81
N PRO B 83 0.96 -4.58 -4.64
CA PRO B 83 1.98 -3.51 -4.61
C PRO B 83 2.77 -3.49 -3.34
N GLY B 84 3.94 -2.86 -3.39
CA GLY B 84 4.77 -2.65 -2.23
C GLY B 84 5.09 -1.17 -2.04
N ILE B 85 5.96 -0.86 -1.08
CA ILE B 85 6.28 0.51 -0.80
C ILE B 85 7.48 0.57 0.15
N TRP B 86 8.54 -0.15 -0.21
CA TRP B 86 9.77 -0.10 0.56
C TRP B 86 11.00 0.28 -0.28
N THR B 87 10.79 0.52 -1.57
CA THR B 87 11.89 0.93 -2.46
C THR B 87 11.62 2.28 -3.07
N ASP B 88 12.62 2.90 -3.67
CA ASP B 88 12.37 4.15 -4.38
C ASP B 88 11.53 3.88 -5.61
N LYS B 89 11.70 2.68 -6.17
CA LYS B 89 11.00 2.30 -7.37
C LYS B 89 9.51 2.33 -7.09
N HIS B 90 9.12 1.72 -5.98
CA HIS B 90 7.74 1.74 -5.53
C HIS B 90 7.20 3.16 -5.30
N ALA B 91 7.87 3.94 -4.46
CA ALA B 91 7.37 5.28 -4.16
C ALA B 91 7.19 6.13 -5.40
N LYS B 92 8.18 6.12 -6.28
CA LYS B 92 8.16 6.99 -7.44
C LYS B 92 6.98 6.66 -8.36
N ALA B 93 6.67 5.38 -8.49
CA ALA B 93 5.52 4.95 -9.26
C ALA B 93 4.17 5.27 -8.56
N TRP B 94 4.07 5.02 -7.25
CA TRP B 94 2.85 5.43 -6.56
C TRP B 94 2.65 6.92 -6.72
N LYS B 95 3.76 7.64 -6.75
CA LYS B 95 3.71 9.08 -6.87
C LYS B 95 2.94 9.49 -8.13
N VAL B 96 3.11 8.73 -9.22
CA VAL B 96 2.39 9.06 -10.44
C VAL B 96 0.90 8.90 -10.24
N ILE B 97 0.51 7.91 -9.42
CA ILE B 97 -0.89 7.70 -9.05
C ILE B 97 -1.45 8.73 -8.07
N THR B 98 -0.71 9.09 -7.03
CA THR B 98 -1.28 10.04 -6.08
C THR B 98 -1.39 11.41 -6.69
N ASP B 99 -0.49 11.75 -7.62
CA ASP B 99 -0.59 13.03 -8.32
C ASP B 99 -1.86 13.04 -9.12
N LYS B 100 -2.17 11.90 -9.74
CA LYS B 100 -3.31 11.83 -10.61
C LYS B 100 -4.56 12.05 -9.77
N VAL B 101 -4.62 11.50 -8.56
CA VAL B 101 -5.77 11.74 -7.67
C VAL B 101 -5.77 13.16 -7.13
N HIS B 102 -4.61 13.66 -6.77
CA HIS B 102 -4.55 15.01 -6.23
C HIS B 102 -5.05 16.04 -7.24
N ALA B 103 -4.70 15.86 -8.52
CA ALA B 103 -5.17 16.79 -9.55
C ALA B 103 -6.69 16.82 -9.64
N ASN B 104 -7.32 15.71 -9.26
CA ASN B 104 -8.76 15.70 -9.29
C ASN B 104 -9.36 16.28 -8.03
N GLY B 105 -8.52 16.87 -7.21
CA GLY B 105 -9.01 17.46 -5.98
C GLY B 105 -9.30 16.42 -4.92
N SER B 106 -8.80 15.21 -5.10
CA SER B 106 -9.05 14.21 -4.09
C SER B 106 -7.82 13.75 -3.28
N PHE B 107 -8.06 12.79 -2.40
CA PHE B 107 -7.06 12.36 -1.45
C PHE B 107 -6.98 10.83 -1.40
N VAL B 108 -5.78 10.34 -1.18
CA VAL B 108 -5.52 8.92 -1.21
C VAL B 108 -4.74 8.59 0.04
N SER B 109 -5.06 7.44 0.62
CA SER B 109 -4.44 6.92 1.83
C SER B 109 -3.98 5.55 1.45
N THR B 110 -2.89 5.07 2.05
CA THR B 110 -2.37 3.76 1.69
C THR B 110 -2.37 2.80 2.86
N GLN B 111 -2.85 1.58 2.64
CA GLN B 111 -2.93 0.56 3.67
C GLN B 111 -1.67 -0.29 3.78
N LEU B 112 -0.92 -0.11 4.86
CA LEU B 112 0.25 -0.95 5.07
C LEU B 112 -0.18 -2.27 5.67
N ILE B 113 0.40 -3.34 5.15
CA ILE B 113 -0.01 -4.69 5.51
C ILE B 113 1.20 -5.58 5.64
N PHE B 114 1.03 -6.62 6.43
CA PHE B 114 2.07 -7.57 6.71
C PHE B 114 1.22 -8.79 6.89
N LEU B 115 1.50 -9.83 6.12
CA LEU B 115 0.64 -11.00 6.07
C LEU B 115 0.77 -11.90 7.29
N GLY B 116 1.99 -12.02 7.81
CA GLY B 116 2.24 -12.94 8.91
C GLY B 116 2.11 -14.43 8.60
N ARG B 117 1.30 -15.12 9.39
CA ARG B 117 1.18 -16.59 9.38
C ARG B 117 0.44 -17.15 8.18
N VAL B 118 -0.16 -16.26 7.39
CA VAL B 118 -0.91 -16.67 6.20
C VAL B 118 -0.07 -16.49 4.94
N ALA B 119 1.13 -15.95 5.11
CA ALA B 119 2.06 -15.81 4.00
C ALA B 119 2.27 -17.20 3.37
N ASP B 120 2.12 -17.31 2.05
CA ASP B 120 2.31 -18.57 1.35
C ASP B 120 3.73 -19.13 1.58
N PRO B 121 3.83 -20.37 2.09
CA PRO B 121 5.20 -20.79 2.42
C PRO B 121 6.04 -21.05 1.16
N ALA B 122 5.39 -21.41 0.05
CA ALA B 122 6.12 -21.63 -1.19
C ALA B 122 6.71 -20.31 -1.68
N VAL B 123 5.86 -19.28 -1.78
CA VAL B 123 6.30 -17.94 -2.15
C VAL B 123 7.40 -17.42 -1.24
N MET B 124 7.20 -17.53 0.05
CA MET B 124 8.17 -16.95 0.97
C MET B 124 9.53 -17.62 0.80
N LYS B 125 9.50 -18.88 0.41
CA LYS B 125 10.72 -19.68 0.32
C LYS B 125 11.70 -19.10 -0.70
N THR B 126 11.15 -18.63 -1.82
CA THR B 126 11.95 -18.09 -2.90
C THR B 126 12.71 -16.84 -2.47
N ARG B 127 12.16 -16.11 -1.51
CA ARG B 127 12.83 -14.94 -0.96
C ARG B 127 13.78 -15.33 0.16
N GLY B 128 13.84 -16.63 0.45
CA GLY B 128 14.73 -17.11 1.49
C GLY B 128 14.24 -16.70 2.87
N LEU B 129 12.93 -16.81 3.06
CA LEU B 129 12.31 -16.34 4.28
C LEU B 129 11.26 -17.35 4.75
N ASN B 130 11.06 -17.44 6.06
CA ASN B 130 9.94 -18.21 6.58
C ASN B 130 8.75 -17.31 6.78
N PRO B 131 7.57 -17.90 6.85
CA PRO B 131 6.44 -17.05 7.23
C PRO B 131 6.58 -16.75 8.70
N VAL B 132 6.23 -15.55 9.13
CA VAL B 132 6.39 -15.18 10.54
C VAL B 132 5.07 -14.81 11.18
N SER B 133 5.06 -14.72 12.50
CA SER B 133 3.86 -14.33 13.20
C SER B 133 4.21 -14.00 14.63
N ALA B 134 3.18 -13.76 15.44
CA ALA B 134 3.38 -13.42 16.84
C ALA B 134 3.80 -14.69 17.53
N SER B 135 3.24 -15.79 17.08
CA SER B 135 3.52 -17.09 17.62
C SER B 135 3.40 -18.10 16.50
N ALA B 136 4.13 -19.22 16.58
CA ALA B 136 4.10 -20.23 15.51
C ALA B 136 2.80 -21.01 15.39
N THR B 137 1.84 -20.44 14.68
CA THR B 137 0.53 -21.04 14.53
C THR B 137 0.11 -20.97 13.06
N TYR B 138 -0.93 -21.72 12.70
CA TYR B 138 -1.41 -21.70 11.32
C TYR B 138 -2.90 -21.37 11.22
N GLU B 139 -3.28 -20.86 10.06
CA GLU B 139 -4.67 -20.55 9.82
C GLU B 139 -5.53 -21.82 9.79
N SER B 140 -4.89 -22.95 9.53
CA SER B 140 -5.61 -24.21 9.42
C SER B 140 -4.63 -25.34 9.36
N ASP B 141 -5.14 -26.57 9.35
CA ASP B 141 -4.31 -27.76 9.21
C ASP B 141 -3.68 -27.84 7.83
N ALA B 142 -4.51 -27.74 6.80
CA ALA B 142 -4.04 -27.66 5.44
C ALA B 142 -2.89 -26.67 5.32
N ALA B 143 -3.13 -25.45 5.80
CA ALA B 143 -2.14 -24.39 5.74
C ALA B 143 -0.86 -24.82 6.41
N LYS B 144 -0.99 -25.73 7.38
CA LYS B 144 0.15 -26.18 8.16
C LYS B 144 0.97 -27.23 7.41
N GLU B 145 0.24 -28.15 6.78
CA GLU B 145 0.82 -29.22 6.00
C GLU B 145 1.51 -28.63 4.79
N ALA B 146 0.78 -27.80 4.07
CA ALA B 146 1.36 -27.06 2.96
C ALA B 146 2.73 -26.53 3.36
N ALA B 147 2.79 -25.78 4.45
CA ALA B 147 4.06 -25.22 4.90
C ALA B 147 5.09 -26.31 5.16
N GLU B 148 4.73 -27.32 5.93
CA GLU B 148 5.69 -28.35 6.29
C GLU B 148 6.18 -29.04 5.05
N ALA B 149 5.24 -29.31 4.14
CA ALA B 149 5.51 -29.98 2.86
C ALA B 149 6.72 -29.45 2.09
N VAL B 150 6.82 -28.13 1.94
CA VAL B 150 7.98 -27.55 1.27
C VAL B 150 9.07 -27.14 2.25
N GLY B 151 9.02 -27.65 3.47
CA GLY B 151 10.02 -27.31 4.48
C GLY B 151 10.28 -25.83 4.72
N ASN B 152 9.21 -25.10 5.00
CA ASN B 152 9.26 -23.67 5.32
C ASN B 152 8.24 -23.37 6.42
N PRO B 153 8.42 -23.99 7.59
CA PRO B 153 7.39 -23.86 8.63
C PRO B 153 7.42 -22.45 9.25
N VAL B 154 6.23 -21.97 9.60
CA VAL B 154 6.04 -20.66 10.22
C VAL B 154 6.77 -20.63 11.56
N ARG B 155 7.51 -19.55 11.80
CA ARG B 155 8.26 -19.40 13.04
C ARG B 155 7.78 -18.15 13.70
N ALA B 156 8.17 -17.96 14.96
CA ALA B 156 7.71 -16.81 15.76
C ALA B 156 8.77 -15.72 15.79
N LEU B 157 8.33 -14.46 15.63
CA LEU B 157 9.26 -13.33 15.65
C LEU B 157 10.00 -13.23 16.96
N THR B 158 11.25 -12.78 16.89
CA THR B 158 12.03 -12.61 18.11
C THR B 158 11.78 -11.22 18.65
N THR B 159 11.79 -11.09 19.97
CA THR B 159 11.57 -9.80 20.56
C THR B 159 12.30 -8.77 19.70
N GLN B 160 13.53 -9.08 19.29
CA GLN B 160 14.32 -8.14 18.51
C GLN B 160 13.67 -7.76 17.19
N GLU B 161 13.20 -8.75 16.45
CA GLU B 161 12.55 -8.51 15.16
C GLU B 161 11.31 -7.60 15.26
N VAL B 162 10.49 -7.81 16.30
CA VAL B 162 9.34 -6.97 16.60
C VAL B 162 9.72 -5.49 16.70
N LYS B 163 10.68 -5.17 17.58
CA LYS B 163 11.19 -3.82 17.74
C LYS B 163 11.64 -3.32 16.37
N ASP B 164 12.22 -4.19 15.57
CA ASP B 164 12.71 -3.77 14.28
C ASP B 164 11.57 -3.48 13.35
N LEU B 165 10.44 -4.15 13.55
CA LEU B 165 9.25 -3.81 12.78
C LEU B 165 8.94 -2.33 12.94
N VAL B 166 9.01 -1.85 14.18
CA VAL B 166 8.74 -0.45 14.46
C VAL B 166 9.81 0.44 13.82
N TYR B 167 11.08 0.15 14.08
CA TYR B 167 12.13 1.11 13.75
C TYR B 167 12.77 0.94 12.36
N GLU B 168 12.54 -0.21 11.74
CA GLU B 168 13.01 -0.47 10.38
C GLU B 168 11.84 -0.65 9.42
N ALA B 169 11.30 -1.86 9.38
CA ALA B 169 10.25 -2.17 8.40
C ALA B 169 9.28 -1.02 8.19
N TYR B 170 8.53 -0.68 9.24
CA TYR B 170 7.40 0.24 9.10
C TYR B 170 7.85 1.67 8.95
N THR B 171 8.94 2.03 9.63
CA THR B 171 9.54 3.33 9.48
C THR B 171 9.91 3.57 8.03
N ASN B 172 10.67 2.65 7.46
CA ASN B 172 11.02 2.75 6.05
C ASN B 172 9.78 2.95 5.16
N ALA B 173 8.79 2.11 5.38
CA ALA B 173 7.57 2.16 4.63
C ALA B 173 6.90 3.52 4.69
N ALA B 174 6.89 4.12 5.87
CA ALA B 174 6.15 5.37 6.04
C ALA B 174 6.88 6.54 5.40
N GLN B 175 8.20 6.42 5.28
CA GLN B 175 8.95 7.46 4.62
C GLN B 175 8.82 7.34 3.11
N LYS B 176 8.81 6.10 2.64
CA LYS B 176 8.58 5.88 1.24
C LYS B 176 7.18 6.36 0.90
N ALA B 177 6.26 6.13 1.82
CA ALA B 177 4.88 6.48 1.62
C ALA B 177 4.75 7.99 1.50
N MET B 178 5.51 8.71 2.32
CA MET B 178 5.52 10.17 2.24
C MET B 178 6.16 10.65 0.94
N ASP B 179 7.20 9.95 0.50
CA ASP B 179 7.88 10.28 -0.75
C ASP B 179 6.96 10.11 -1.95
N ALA B 180 6.05 9.17 -1.83
CA ALA B 180 5.09 8.81 -2.87
C ALA B 180 3.90 9.76 -2.95
N GLY B 181 3.81 10.69 -2.01
CA GLY B 181 2.70 11.63 -2.01
C GLY B 181 1.41 11.23 -1.30
N PHE B 182 1.41 10.11 -0.59
CA PHE B 182 0.21 9.71 0.16
C PHE B 182 -0.22 10.73 1.22
N ASP B 183 -1.51 10.96 1.31
CA ASP B 183 -2.04 11.86 2.32
C ASP B 183 -2.18 11.18 3.68
N TYR B 184 -2.23 9.84 3.67
CA TYR B 184 -2.28 9.09 4.92
C TYR B 184 -1.65 7.71 4.80
N ILE B 185 -1.30 7.14 5.94
CA ILE B 185 -1.03 5.73 5.99
C ILE B 185 -1.96 5.08 7.01
N GLU B 186 -2.44 3.89 6.67
CA GLU B 186 -3.42 3.16 7.47
C GLU B 186 -2.78 1.86 7.86
N LEU B 187 -2.56 1.68 9.15
CA LEU B 187 -2.04 0.42 9.67
C LEU B 187 -3.14 -0.60 9.52
N HIS B 188 -2.81 -1.76 8.96
CA HIS B 188 -3.79 -2.81 8.73
C HIS B 188 -3.86 -3.81 9.87
N ALA B 189 -4.83 -3.63 10.76
CA ALA B 189 -4.93 -4.46 11.95
C ALA B 189 -6.20 -5.28 11.95
N ALA B 190 -6.61 -5.70 10.77
CA ALA B 190 -7.88 -6.42 10.62
C ALA B 190 -7.67 -7.70 9.88
N HIS B 191 -8.70 -8.50 9.83
CA HIS B 191 -8.77 -9.59 8.87
C HIS B 191 -7.71 -10.65 9.06
N GLY B 192 -7.18 -10.76 10.29
CA GLY B 192 -6.33 -11.89 10.63
C GLY B 192 -4.92 -11.79 10.09
N TYR B 193 -4.50 -10.61 9.65
CA TYR B 193 -3.10 -10.39 9.26
C TYR B 193 -2.24 -9.99 10.45
N LEU B 194 -0.94 -9.85 10.22
CA LEU B 194 0.04 -9.73 11.29
C LEU B 194 -0.46 -9.02 12.53
N LEU B 195 -0.85 -7.76 12.39
CA LEU B 195 -1.22 -6.94 13.55
C LEU B 195 -2.44 -7.52 14.29
N ASP B 196 -3.44 -7.99 13.54
CA ASP B 196 -4.58 -8.69 14.13
C ASP B 196 -4.09 -9.93 14.88
N GLN B 197 -3.00 -10.53 14.43
CA GLN B 197 -2.42 -11.71 15.08
C GLN B 197 -1.73 -11.35 16.37
N PHE B 198 -1.33 -10.10 16.50
CA PHE B 198 -0.64 -9.71 17.71
C PHE B 198 -1.69 -9.31 18.74
N LEU B 199 -2.78 -8.74 18.24
CA LEU B 199 -3.80 -8.18 19.09
C LEU B 199 -4.57 -9.22 19.86
N GLN B 200 -4.83 -10.37 19.24
CA GLN B 200 -5.78 -11.32 19.80
C GLN B 200 -5.11 -12.55 20.35
N PRO B 201 -5.69 -13.13 21.41
CA PRO B 201 -5.00 -14.23 22.08
C PRO B 201 -5.05 -15.57 21.33
N CYS B 202 -6.00 -15.76 20.42
CA CYS B 202 -5.98 -17.00 19.64
C CYS B 202 -4.70 -17.16 18.83
N THR B 203 -4.12 -16.02 18.43
CA THR B 203 -2.97 -15.98 17.53
C THR B 203 -1.67 -15.49 18.17
N ASN B 204 -1.74 -15.03 19.42
CA ASN B 204 -0.58 -14.49 20.13
C ASN B 204 -0.45 -15.11 21.52
N GLN B 205 0.57 -15.92 21.69
CA GLN B 205 0.80 -16.66 22.92
CA GLN B 205 0.77 -16.59 22.97
C GLN B 205 2.22 -16.42 23.41
N ARG B 206 2.75 -15.23 23.12
CA ARG B 206 4.11 -14.88 23.47
C ARG B 206 4.27 -14.70 24.98
N THR B 207 5.52 -14.69 25.42
CA THR B 207 5.83 -14.56 26.84
C THR B 207 6.72 -13.35 27.10
N ASP B 208 7.08 -12.65 26.03
CA ASP B 208 7.78 -11.38 26.20
C ASP B 208 6.76 -10.25 26.39
N GLU B 209 7.22 -9.02 26.26
CA GLU B 209 6.42 -7.81 26.47
C GLU B 209 5.32 -7.62 25.40
N TYR B 210 5.25 -8.50 24.41
CA TYR B 210 4.28 -8.31 23.32
C TYR B 210 3.18 -9.35 23.34
N GLY B 211 3.06 -10.04 24.46
CA GLY B 211 1.98 -10.97 24.68
C GLY B 211 1.79 -11.18 26.17
N GLY B 212 0.92 -12.12 26.54
CA GLY B 212 0.70 -12.42 27.94
C GLY B 212 -0.55 -11.77 28.52
N SER B 213 -0.92 -10.63 27.96
CA SER B 213 -1.97 -9.83 28.52
C SER B 213 -2.61 -8.99 27.44
N ILE B 214 -3.84 -8.59 27.68
CA ILE B 214 -4.50 -7.66 26.79
C ILE B 214 -3.59 -6.50 26.41
N GLU B 215 -2.82 -6.02 27.38
CA GLU B 215 -2.01 -4.82 27.23
C GLU B 215 -0.78 -5.09 26.42
N ASN B 216 -0.19 -6.27 26.60
CA ASN B 216 0.98 -6.65 25.82
C ASN B 216 0.60 -6.94 24.37
N ARG B 217 -0.45 -7.72 24.19
CA ARG B 217 -0.93 -7.99 22.87
C ARG B 217 -1.13 -6.72 22.03
N ALA B 218 -1.37 -5.57 22.67
CA ALA B 218 -1.55 -4.32 21.93
C ALA B 218 -0.26 -3.50 21.86
N ARG B 219 0.75 -3.91 22.62
CA ARG B 219 1.89 -3.04 22.78
C ARG B 219 2.48 -2.73 21.39
N LEU B 220 2.59 -3.74 20.54
CA LEU B 220 3.13 -3.49 19.20
C LEU B 220 2.32 -2.47 18.42
N ILE B 221 1.00 -2.65 18.34
CA ILE B 221 0.20 -1.74 17.54
C ILE B 221 0.41 -0.30 18.06
N LEU B 222 0.33 -0.12 19.37
CA LEU B 222 0.50 1.21 19.96
C LEU B 222 1.91 1.80 19.79
N GLU B 223 2.96 0.99 19.87
CA GLU B 223 4.29 1.53 19.56
C GLU B 223 4.30 2.05 18.12
N LEU B 224 3.66 1.31 17.22
CA LEU B 224 3.67 1.69 15.82
C LEU B 224 2.99 3.03 15.69
N ILE B 225 1.85 3.17 16.35
CA ILE B 225 1.09 4.43 16.32
C ILE B 225 1.92 5.62 16.82
N ASP B 226 2.51 5.43 18.01
CA ASP B 226 3.21 6.49 18.70
C ASP B 226 4.41 6.90 17.90
N HIS B 227 5.18 5.92 17.44
CA HIS B 227 6.37 6.20 16.66
C HIS B 227 6.07 6.89 15.31
N LEU B 228 5.22 6.27 14.49
CA LEU B 228 4.87 6.83 13.18
C LEU B 228 4.23 8.20 13.34
N SER B 229 3.59 8.42 14.48
CA SER B 229 3.04 9.72 14.72
C SER B 229 4.14 10.77 14.74
N THR B 230 5.33 10.41 15.25
CA THR B 230 6.44 11.37 15.25
C THR B 230 7.13 11.48 13.86
N ILE B 231 7.01 10.43 13.06
CA ILE B 231 7.60 10.40 11.73
C ILE B 231 6.77 11.16 10.68
N VAL B 232 5.44 11.00 10.70
CA VAL B 232 4.59 11.56 9.64
C VAL B 232 3.57 12.54 10.18
N GLY B 233 3.36 12.51 11.48
CA GLY B 233 2.31 13.27 12.11
C GLY B 233 1.05 12.43 12.27
N ALA B 234 0.48 12.50 13.47
CA ALA B 234 -0.73 11.78 13.77
C ALA B 234 -1.85 12.08 12.75
N ASP B 235 -1.88 13.30 12.25
CA ASP B 235 -2.86 13.73 11.26
C ASP B 235 -2.73 12.97 9.93
N LYS B 236 -1.70 12.14 9.79
CA LYS B 236 -1.57 11.35 8.57
C LYS B 236 -1.66 9.84 8.79
N ILE B 237 -2.17 9.45 9.95
CA ILE B 237 -2.20 8.04 10.29
C ILE B 237 -3.61 7.55 10.52
N GLY B 238 -3.89 6.36 10.01
CA GLY B 238 -5.19 5.78 10.21
C GLY B 238 -4.98 4.34 10.60
N ILE B 239 -6.01 3.72 11.16
CA ILE B 239 -5.97 2.29 11.41
C ILE B 239 -7.28 1.60 11.10
N ARG B 240 -7.19 0.37 10.62
CA ARG B 240 -8.37 -0.43 10.35
C ARG B 240 -8.46 -1.61 11.32
N ILE B 241 -9.63 -1.77 11.92
CA ILE B 241 -9.90 -2.96 12.71
C ILE B 241 -11.12 -3.73 12.21
N SER B 242 -11.25 -4.99 12.61
CA SER B 242 -12.38 -5.81 12.23
C SER B 242 -12.76 -6.73 13.39
N PRO B 243 -13.27 -6.14 14.48
CA PRO B 243 -13.45 -6.88 15.72
C PRO B 243 -14.23 -8.17 15.56
N TRP B 244 -15.21 -8.21 14.67
CA TRP B 244 -16.12 -9.34 14.62
C TRP B 244 -15.75 -10.34 13.55
N ALA B 245 -14.92 -9.93 12.62
CA ALA B 245 -14.49 -10.79 11.53
C ALA B 245 -13.84 -12.08 12.01
N THR B 246 -13.98 -13.13 11.20
CA THR B 246 -13.40 -14.45 11.46
C THR B 246 -12.65 -14.96 10.24
N PHE B 247 -12.20 -14.00 9.43
CA PHE B 247 -11.39 -14.25 8.26
C PHE B 247 -10.07 -14.87 8.71
N GLN B 248 -9.55 -15.78 7.90
CA GLN B 248 -8.27 -16.44 8.20
C GLN B 248 -8.23 -16.87 9.66
N ASN B 249 -9.36 -17.40 10.10
CA ASN B 249 -9.51 -18.16 11.35
C ASN B 249 -9.28 -17.40 12.65
N MET B 250 -9.72 -16.15 12.70
CA MET B 250 -9.67 -15.42 13.95
C MET B 250 -10.89 -15.85 14.72
N LYS B 251 -10.73 -16.06 16.03
CA LYS B 251 -11.81 -16.66 16.82
C LYS B 251 -12.91 -15.66 17.21
N ALA B 252 -12.56 -14.38 17.25
CA ALA B 252 -13.57 -13.36 17.50
C ALA B 252 -14.31 -13.65 18.82
N HIS B 253 -15.63 -13.71 18.76
CA HIS B 253 -16.47 -13.79 19.97
C HIS B 253 -16.28 -15.11 20.69
N LYS B 254 -15.59 -16.02 20.03
CA LYS B 254 -15.32 -17.34 20.58
C LYS B 254 -13.88 -17.45 21.10
N ASP B 255 -13.14 -16.34 21.13
CA ASP B 255 -11.78 -16.39 21.67
C ASP B 255 -11.80 -16.28 23.20
N THR B 256 -10.64 -16.38 23.86
CA THR B 256 -10.61 -16.30 25.32
C THR B 256 -10.76 -14.87 25.86
N VAL B 257 -10.49 -13.92 24.99
CA VAL B 257 -10.77 -12.53 25.29
C VAL B 257 -11.71 -12.00 24.22
N HIS B 258 -12.83 -11.46 24.66
CA HIS B 258 -13.82 -11.04 23.72
C HIS B 258 -13.36 -9.80 22.89
N PRO B 259 -13.68 -9.78 21.59
CA PRO B 259 -13.38 -8.61 20.76
C PRO B 259 -13.73 -7.28 21.42
N LEU B 260 -14.81 -7.20 22.20
CA LEU B 260 -15.12 -5.94 22.88
C LEU B 260 -14.03 -5.57 23.86
N THR B 261 -13.45 -6.53 24.53
CA THR B 261 -12.43 -6.18 25.50
C THR B 261 -11.22 -5.67 24.77
N THR B 262 -10.79 -6.46 23.78
CA THR B 262 -9.54 -6.19 23.10
C THR B 262 -9.56 -4.86 22.37
N PHE B 263 -10.66 -4.60 21.68
CA PHE B 263 -10.71 -3.41 20.83
C PHE B 263 -11.19 -2.11 21.50
N SER B 264 -12.00 -2.21 22.55
CA SER B 264 -12.29 -1.06 23.40
C SER B 264 -11.00 -0.61 24.11
N TYR B 265 -10.14 -1.56 24.48
CA TYR B 265 -8.85 -1.21 25.05
C TYR B 265 -8.05 -0.29 24.12
N LEU B 266 -7.80 -0.78 22.90
CA LEU B 266 -7.02 -0.07 21.88
C LEU B 266 -7.67 1.26 21.49
N VAL B 267 -8.98 1.25 21.29
CA VAL B 267 -9.64 2.47 20.87
C VAL B 267 -9.56 3.55 21.96
N HIS B 268 -9.81 3.16 23.19
CA HIS B 268 -9.70 4.08 24.33
C HIS B 268 -8.28 4.67 24.45
N GLU B 269 -7.28 3.84 24.13
CA GLU B 269 -5.90 4.27 24.13
C GLU B 269 -5.61 5.25 23.00
N LEU B 270 -6.31 5.12 21.89
CA LEU B 270 -6.10 6.07 20.79
C LEU B 270 -6.76 7.39 21.15
N GLN B 271 -7.81 7.31 21.95
CA GLN B 271 -8.54 8.53 22.31
C GLN B 271 -7.77 9.31 23.39
N GLN B 272 -7.10 8.59 24.27
CA GLN B 272 -6.26 9.28 25.21
C GLN B 272 -5.11 10.01 24.54
N ARG B 273 -4.58 9.47 23.47
CA ARG B 273 -3.54 10.17 22.73
C ARG B 273 -4.15 11.40 22.06
N ALA B 274 -5.42 11.32 21.75
CA ALA B 274 -6.08 12.46 21.13
C ALA B 274 -6.27 13.57 22.16
N ASP B 275 -6.55 13.19 23.40
CA ASP B 275 -6.79 14.21 24.41
C ASP B 275 -5.51 15.03 24.58
N LYS B 276 -4.35 14.38 24.38
CA LYS B 276 -3.06 15.04 24.52
C LYS B 276 -2.58 15.71 23.21
N GLY B 277 -3.43 15.72 22.19
CA GLY B 277 -3.10 16.40 20.94
C GLY B 277 -2.35 15.57 19.92
N GLN B 278 -2.37 14.25 20.09
CA GLN B 278 -1.76 13.32 19.15
C GLN B 278 -2.82 12.38 18.60
N GLY B 279 -4.05 12.89 18.48
CA GLY B 279 -5.13 12.15 17.87
C GLY B 279 -4.80 11.84 16.42
N ILE B 280 -5.02 10.59 16.00
CA ILE B 280 -4.71 10.17 14.64
C ILE B 280 -5.92 10.51 13.75
N ALA B 281 -5.78 10.45 12.42
CA ALA B 281 -6.83 10.96 11.53
C ALA B 281 -8.16 10.25 11.63
N TYR B 282 -8.13 8.92 11.68
CA TYR B 282 -9.36 8.15 11.61
C TYR B 282 -9.20 6.73 12.07
N ILE B 283 -10.29 6.15 12.55
CA ILE B 283 -10.31 4.73 12.84
C ILE B 283 -11.28 4.08 11.90
N SER B 284 -10.81 3.05 11.21
CA SER B 284 -11.59 2.35 10.20
C SER B 284 -12.07 1.04 10.80
N VAL B 285 -13.38 0.87 10.92
CA VAL B 285 -13.94 -0.40 11.43
C VAL B 285 -14.72 -1.16 10.36
N VAL B 286 -14.76 -2.47 10.49
CA VAL B 286 -15.49 -3.30 9.55
C VAL B 286 -16.78 -3.77 10.21
N GLU B 287 -17.91 -3.36 9.67
CA GLU B 287 -19.21 -3.70 10.22
C GLU B 287 -19.50 -5.19 10.18
N PRO B 288 -20.20 -5.69 11.20
CA PRO B 288 -20.29 -7.15 11.44
C PRO B 288 -21.08 -7.94 10.37
N ARG B 289 -21.71 -7.23 9.44
CA ARG B 289 -22.39 -7.80 8.27
C ARG B 289 -21.40 -8.41 7.28
N VAL B 290 -20.12 -8.18 7.53
CA VAL B 290 -19.09 -8.50 6.58
C VAL B 290 -17.85 -8.95 7.33
N SER B 291 -17.03 -9.73 6.63
CA SER B 291 -15.86 -10.36 7.23
C SER B 291 -14.94 -10.72 6.09
N GLY B 292 -13.77 -10.13 6.06
CA GLY B 292 -12.91 -10.31 4.90
C GLY B 292 -13.59 -9.78 3.64
N ASN B 293 -13.47 -10.56 2.57
CA ASN B 293 -14.02 -10.16 1.29
C ASN B 293 -15.42 -10.72 1.11
N VAL B 294 -16.03 -11.19 2.20
CA VAL B 294 -17.25 -11.98 2.10
C VAL B 294 -18.32 -11.73 3.18
N ASP B 295 -19.58 -11.68 2.74
CA ASP B 295 -20.73 -11.40 3.63
C ASP B 295 -20.94 -12.38 4.79
N VAL B 296 -21.64 -11.90 5.81
CA VAL B 296 -21.90 -12.66 7.02
C VAL B 296 -23.39 -12.76 7.25
N SER B 297 -23.86 -13.99 7.44
CA SER B 297 -25.27 -14.29 7.68
C SER B 297 -25.86 -13.51 8.86
N GLU B 298 -27.15 -13.24 8.76
CA GLU B 298 -27.81 -12.41 9.77
C GLU B 298 -27.83 -13.10 11.13
N GLU B 299 -27.97 -14.43 11.12
CA GLU B 299 -27.95 -15.20 12.36
C GLU B 299 -26.57 -15.14 13.02
N ASP B 300 -25.51 -15.02 12.21
CA ASP B 300 -24.14 -15.16 12.70
C ASP B 300 -23.46 -13.88 13.22
N GLN B 301 -24.06 -12.72 13.00
CA GLN B 301 -23.54 -11.46 13.56
C GLN B 301 -23.74 -11.43 15.07
N ALA B 302 -22.63 -11.24 15.81
CA ALA B 302 -22.62 -11.49 17.25
C ALA B 302 -22.34 -10.23 18.08
N GLY B 303 -22.46 -9.07 17.44
CA GLY B 303 -22.10 -7.81 18.04
C GLY B 303 -22.16 -6.70 17.01
N ASP B 304 -21.67 -5.53 17.40
CA ASP B 304 -21.65 -4.40 16.47
C ASP B 304 -20.53 -3.46 16.88
N ASN B 305 -20.32 -2.39 16.10
CA ASN B 305 -19.23 -1.44 16.39
C ASN B 305 -19.70 -0.13 17.06
N GLU B 306 -20.76 -0.21 17.85
CA GLU B 306 -21.32 0.99 18.46
C GLU B 306 -20.41 1.53 19.56
N PHE B 307 -19.49 0.69 20.03
CA PHE B 307 -18.59 1.07 21.14
C PHE B 307 -17.42 1.94 20.74
N VAL B 308 -17.11 1.97 19.45
CA VAL B 308 -16.07 2.85 18.92
C VAL B 308 -16.61 4.28 18.96
N SER B 309 -17.86 4.43 18.52
CA SER B 309 -18.55 5.70 18.55
C SER B 309 -18.62 6.23 19.96
N LYS B 310 -18.74 5.32 20.92
CA LYS B 310 -18.88 5.73 22.32
C LYS B 310 -17.55 6.10 22.95
N ILE B 311 -16.47 5.50 22.48
CA ILE B 311 -15.15 5.71 23.10
C ILE B 311 -14.26 6.72 22.37
N TRP B 312 -14.39 6.78 21.04
CA TRP B 312 -13.58 7.64 20.17
C TRP B 312 -14.37 8.84 19.65
N LYS B 313 -13.81 10.03 19.79
CA LYS B 313 -14.55 11.24 19.49
C LYS B 313 -14.22 11.77 18.11
N GLY B 314 -13.24 11.13 17.45
CA GLY B 314 -12.76 11.58 16.16
C GLY B 314 -13.54 11.00 15.00
N VAL B 315 -12.87 10.96 13.86
CA VAL B 315 -13.50 10.44 12.65
C VAL B 315 -13.45 8.94 12.66
N ILE B 316 -14.54 8.32 12.23
CA ILE B 316 -14.70 6.88 12.11
C ILE B 316 -15.04 6.55 10.65
N LEU B 317 -14.38 5.54 10.09
CA LEU B 317 -14.73 5.01 8.76
C LEU B 317 -15.38 3.63 8.89
N LYS B 318 -16.59 3.47 8.37
CA LYS B 318 -17.32 2.20 8.39
C LYS B 318 -17.54 1.61 7.00
N ALA B 319 -17.58 0.28 6.90
CA ALA B 319 -17.80 -0.42 5.62
C ALA B 319 -18.27 -1.86 5.84
N GLY B 320 -19.09 -2.34 4.91
CA GLY B 320 -19.67 -3.65 5.02
C GLY B 320 -21.10 -3.64 4.50
N ASN B 321 -21.23 -3.92 3.22
CA ASN B 321 -22.56 -4.15 2.67
C ASN B 321 -23.52 -3.05 3.13
N TYR B 322 -23.21 -1.82 2.78
CA TYR B 322 -24.09 -0.69 3.08
C TYR B 322 -25.33 -0.60 2.21
N SER B 323 -25.41 -1.43 1.18
CA SER B 323 -26.55 -1.40 0.28
C SER B 323 -27.59 -2.42 0.70
N TYR B 324 -27.31 -3.19 1.74
CA TYR B 324 -28.23 -4.23 2.16
C TYR B 324 -29.60 -3.68 2.47
N ASP B 325 -29.69 -2.41 2.88
CA ASP B 325 -31.02 -1.80 3.13
C ASP B 325 -31.44 -0.78 2.07
N ALA B 326 -31.03 -1.04 0.84
CA ALA B 326 -31.34 -0.15 -0.29
C ALA B 326 -32.82 -0.22 -0.72
N PRO B 327 -33.30 0.81 -1.41
CA PRO B 327 -32.61 1.99 -1.93
C PRO B 327 -32.73 3.15 -0.96
N GLU B 328 -33.25 2.89 0.24
CA GLU B 328 -33.53 3.96 1.17
C GLU B 328 -32.33 4.32 2.05
N PHE B 329 -31.41 3.37 2.22
CA PHE B 329 -30.18 3.55 3.00
C PHE B 329 -30.46 4.03 4.41
N LYS B 330 -31.38 3.37 5.09
CA LYS B 330 -31.77 3.81 6.41
C LYS B 330 -30.60 3.65 7.34
N THR B 331 -29.82 2.58 7.16
CA THR B 331 -28.69 2.31 8.06
C THR B 331 -27.52 3.25 7.79
N LEU B 332 -27.16 3.43 6.51
CA LEU B 332 -26.07 4.33 6.18
C LEU B 332 -26.40 5.73 6.72
N LYS B 333 -27.68 6.07 6.68
CA LYS B 333 -28.11 7.39 7.16
C LYS B 333 -28.08 7.51 8.68
N GLU B 334 -28.26 6.40 9.41
CA GLU B 334 -28.11 6.47 10.85
C GLU B 334 -26.64 6.75 11.13
N ASP B 335 -25.79 5.92 10.57
CA ASP B 335 -24.37 5.94 10.86
C ASP B 335 -23.61 7.22 10.50
N ILE B 336 -24.11 8.01 9.55
CA ILE B 336 -23.37 9.21 9.17
C ILE B 336 -23.88 10.45 9.89
N ALA B 337 -25.00 10.26 10.59
CA ALA B 337 -25.71 11.33 11.29
C ALA B 337 -24.92 12.04 12.37
N ASP B 338 -23.92 11.39 12.96
CA ASP B 338 -23.19 12.06 14.04
C ASP B 338 -22.22 13.06 13.45
N LYS B 339 -22.15 13.08 12.12
CA LYS B 339 -21.37 14.08 11.39
C LYS B 339 -19.86 13.92 11.43
N ARG B 340 -19.36 12.87 12.09
CA ARG B 340 -17.94 12.54 12.07
C ARG B 340 -17.65 11.15 11.54
N THR B 341 -18.59 10.57 10.80
CA THR B 341 -18.45 9.20 10.32
C THR B 341 -18.44 9.12 8.79
N LEU B 342 -17.43 8.44 8.24
CA LEU B 342 -17.38 8.19 6.79
C LEU B 342 -17.93 6.81 6.45
N VAL B 343 -18.53 6.66 5.27
CA VAL B 343 -19.05 5.36 4.87
C VAL B 343 -18.43 4.88 3.57
N GLY B 344 -17.86 3.68 3.62
CA GLY B 344 -17.12 3.13 2.51
C GLY B 344 -17.89 2.06 1.77
N PHE B 345 -17.65 1.99 0.46
CA PHE B 345 -18.17 0.94 -0.39
C PHE B 345 -17.02 0.32 -1.17
N SER B 346 -16.82 -1.00 -1.03
CA SER B 346 -15.75 -1.72 -1.74
C SER B 346 -16.16 -2.37 -3.07
N ARG B 347 -16.77 -3.55 -2.97
CA ARG B 347 -17.27 -4.25 -4.14
C ARG B 347 -18.01 -3.36 -5.16
N TYR B 348 -19.01 -2.61 -4.73
CA TYR B 348 -19.75 -1.79 -5.70
C TYR B 348 -18.88 -0.71 -6.36
N PHE B 349 -17.74 -0.39 -5.75
CA PHE B 349 -16.80 0.55 -6.35
C PHE B 349 -16.02 -0.09 -7.51
N THR B 350 -15.83 -1.41 -7.44
CA THR B 350 -15.03 -2.11 -8.42
C THR B 350 -15.69 -2.05 -9.77
N SER B 351 -17.01 -2.11 -9.75
CA SER B 351 -17.82 -2.17 -10.96
C SER B 351 -18.37 -0.79 -11.22
N ASN B 352 -18.25 0.09 -10.24
CA ASN B 352 -18.73 1.45 -10.45
C ASN B 352 -17.69 2.54 -10.23
N PRO B 353 -16.85 2.78 -11.25
CA PRO B 353 -15.86 3.85 -11.27
C PRO B 353 -16.42 5.15 -10.69
N ASN B 354 -17.61 5.53 -11.08
CA ASN B 354 -18.19 6.78 -10.65
C ASN B 354 -19.18 6.65 -9.49
N LEU B 355 -18.99 5.60 -8.67
CA LEU B 355 -19.88 5.37 -7.51
C LEU B 355 -20.40 6.62 -6.77
N VAL B 356 -19.50 7.51 -6.42
CA VAL B 356 -19.90 8.69 -5.65
C VAL B 356 -20.94 9.52 -6.39
N TRP B 357 -20.74 9.66 -7.69
CA TRP B 357 -21.67 10.36 -8.54
C TRP B 357 -23.02 9.63 -8.60
N LYS B 358 -22.98 8.32 -8.84
CA LYS B 358 -24.17 7.51 -8.84
C LYS B 358 -24.94 7.67 -7.52
N LEU B 359 -24.24 7.49 -6.40
CA LEU B 359 -24.86 7.61 -5.07
C LEU B 359 -25.51 8.98 -4.84
N ARG B 360 -24.88 10.00 -5.37
CA ARG B 360 -25.36 11.34 -5.18
C ARG B 360 -26.69 11.52 -5.89
N ASP B 361 -26.91 10.78 -6.99
CA ASP B 361 -28.05 11.06 -7.85
C ASP B 361 -29.08 9.95 -7.98
N GLY B 362 -28.87 8.84 -7.28
CA GLY B 362 -29.79 7.71 -7.36
C GLY B 362 -29.61 6.84 -8.60
N ILE B 363 -28.51 7.03 -9.33
CA ILE B 363 -28.27 6.24 -10.53
C ILE B 363 -27.98 4.78 -10.18
N ASP B 364 -28.64 3.86 -10.89
CA ASP B 364 -28.63 2.44 -10.52
C ASP B 364 -27.23 1.82 -10.54
N LEU B 365 -27.00 0.81 -9.72
CA LEU B 365 -25.64 0.32 -9.50
C LEU B 365 -25.26 -0.96 -10.23
N VAL B 366 -24.49 -0.81 -11.30
CA VAL B 366 -23.89 -1.94 -12.00
C VAL B 366 -23.37 -3.00 -11.03
N PRO B 367 -23.83 -4.24 -11.19
CA PRO B 367 -23.42 -5.33 -10.30
C PRO B 367 -21.93 -5.55 -10.39
N TYR B 368 -21.34 -6.25 -9.43
CA TYR B 368 -19.93 -6.51 -9.48
C TYR B 368 -19.66 -7.96 -9.84
N ASP B 369 -18.48 -8.20 -10.38
CA ASP B 369 -18.13 -9.52 -10.92
C ASP B 369 -17.06 -10.22 -10.08
N ARG B 370 -17.49 -10.82 -8.97
CA ARG B 370 -16.57 -11.43 -8.01
C ARG B 370 -15.52 -12.25 -8.70
N ASN B 371 -15.85 -12.72 -9.88
CA ASN B 371 -14.98 -13.64 -10.60
C ASN B 371 -13.67 -12.95 -11.03
N THR B 372 -13.75 -11.67 -11.37
CA THR B 372 -12.57 -10.90 -11.79
C THR B 372 -11.90 -10.05 -10.70
N PHE B 373 -12.38 -10.16 -9.46
CA PHE B 373 -11.71 -9.55 -8.30
C PHE B 373 -10.18 -9.73 -8.29
N TYR B 374 -9.69 -10.96 -8.48
CA TYR B 374 -8.30 -11.30 -8.21
C TYR B 374 -7.47 -11.83 -9.42
N SER B 375 -8.10 -11.84 -10.59
CA SER B 375 -7.39 -12.22 -11.81
C SER B 375 -6.33 -11.20 -12.18
N ASP B 376 -5.39 -11.57 -13.03
CA ASP B 376 -4.17 -10.82 -13.17
C ASP B 376 -4.13 -9.90 -14.39
N ASN B 377 -5.28 -9.75 -15.04
CA ASN B 377 -5.35 -8.92 -16.24
C ASN B 377 -6.47 -7.90 -16.16
N ASN B 378 -6.66 -7.15 -17.23
CA ASN B 378 -7.50 -5.98 -17.17
C ASN B 378 -8.98 -6.24 -17.27
N TYR B 379 -9.35 -7.46 -17.61
CA TYR B 379 -10.76 -7.78 -17.83
C TYR B 379 -11.49 -7.80 -16.51
N GLY B 380 -12.49 -6.93 -16.39
CA GLY B 380 -13.21 -6.77 -15.13
C GLY B 380 -12.43 -5.88 -14.19
N TYR B 381 -11.35 -5.29 -14.68
CA TYR B 381 -10.63 -4.25 -13.98
C TYR B 381 -11.11 -2.88 -14.44
N ASN B 382 -10.40 -2.30 -15.40
CA ASN B 382 -10.79 -0.99 -15.92
C ASN B 382 -11.96 -1.05 -16.91
N THR B 383 -12.35 -2.26 -17.32
CA THR B 383 -13.43 -2.39 -18.27
C THR B 383 -14.73 -1.72 -17.83
N PHE B 384 -15.02 -1.67 -16.52
CA PHE B 384 -16.23 -1.00 -16.04
C PHE B 384 -16.32 0.51 -16.37
N SER B 385 -15.20 1.15 -16.69
CA SER B 385 -15.28 2.56 -17.09
CA SER B 385 -15.20 2.56 -17.09
C SER B 385 -15.35 2.74 -18.61
N MET B 386 -15.24 1.64 -19.35
CA MET B 386 -15.54 1.63 -20.79
C MET B 386 -17.05 1.47 -21.03
N ASP B 387 -17.50 1.75 -22.25
CA ASP B 387 -18.83 1.28 -22.65
C ASP B 387 -18.77 -0.21 -22.96
N SER B 388 -19.65 -1.00 -22.34
CA SER B 388 -19.63 -2.45 -22.53
CA SER B 388 -19.64 -2.45 -22.54
C SER B 388 -19.69 -2.83 -24.01
N GLU B 389 -20.38 -2.02 -24.80
CA GLU B 389 -20.41 -2.24 -26.23
CA GLU B 389 -20.40 -2.17 -26.25
C GLU B 389 -18.99 -2.36 -26.81
N GLU B 390 -18.04 -1.63 -26.22
CA GLU B 390 -16.68 -1.57 -26.76
C GLU B 390 -15.68 -2.57 -26.17
N VAL B 391 -16.05 -3.23 -25.08
CA VAL B 391 -15.11 -4.10 -24.38
C VAL B 391 -14.77 -5.34 -25.19
N ASP B 392 -13.58 -5.38 -25.77
CA ASP B 392 -13.14 -6.59 -26.45
C ASP B 392 -12.60 -7.57 -25.40
N LYS B 393 -13.45 -8.47 -24.93
CA LYS B 393 -13.09 -9.31 -23.80
C LYS B 393 -11.75 -10.00 -23.98
N GLU B 394 -11.58 -10.61 -25.14
CA GLU B 394 -10.40 -11.43 -25.45
CA GLU B 394 -10.40 -11.43 -25.36
C GLU B 394 -9.14 -10.58 -25.48
N LEU B 395 -9.27 -9.39 -26.04
CA LEU B 395 -8.14 -8.47 -26.09
C LEU B 395 -7.73 -8.11 -24.67
N GLU B 396 -8.75 -7.75 -23.89
CA GLU B 396 -8.58 -7.33 -22.50
C GLU B 396 -8.01 -8.40 -21.58
N ILE B 397 -8.44 -9.64 -21.75
CA ILE B 397 -7.93 -10.72 -20.91
C ILE B 397 -6.45 -10.95 -21.18
N LYS B 398 -5.98 -10.39 -22.30
CA LYS B 398 -4.57 -10.43 -22.66
C LYS B 398 -3.78 -9.29 -21.99
N ARG B 399 -4.47 -8.17 -21.74
CA ARG B 399 -3.84 -7.01 -21.12
C ARG B 399 -3.43 -7.23 -19.66
N VAL B 400 -2.15 -7.49 -19.45
CA VAL B 400 -1.61 -7.57 -18.09
C VAL B 400 -0.97 -6.23 -17.70
N PRO B 401 -0.77 -6.02 -16.39
CA PRO B 401 -0.07 -4.82 -15.89
C PRO B 401 1.26 -4.63 -16.61
N SER B 402 1.52 -3.40 -17.04
CA SER B 402 2.82 -3.01 -17.59
C SER B 402 3.28 -1.78 -16.82
N ALA B 403 4.57 -1.45 -16.91
CA ALA B 403 5.08 -0.21 -16.32
C ALA B 403 4.30 1.05 -16.70
N ILE B 404 4.63 2.16 -16.06
CA ILE B 404 3.90 3.41 -16.26
C ILE B 404 4.71 4.34 -17.17
N GLU B 405 4.01 5.02 -18.08
CA GLU B 405 4.57 6.15 -18.88
C GLU B 405 5.06 5.75 -20.28
N SER C 2 43.83 37.34 30.36
CA SER C 2 44.91 37.72 31.30
C SER C 2 45.79 36.54 31.83
N SER C 3 47.10 36.56 31.52
CA SER C 3 48.00 35.52 32.00
C SER C 3 47.95 35.41 33.53
N VAL C 4 48.42 34.27 34.05
CA VAL C 4 48.26 33.95 35.47
C VAL C 4 49.58 33.82 36.22
N LYS C 5 49.76 34.62 37.27
CA LYS C 5 50.95 34.48 38.11
C LYS C 5 50.81 33.26 39.03
N ILE C 6 51.85 32.42 39.03
CA ILE C 6 51.89 31.25 39.92
C ILE C 6 53.19 31.13 40.70
N SER C 7 53.07 30.54 41.88
CA SER C 7 54.23 30.19 42.67
CA SER C 7 54.22 30.18 42.69
C SER C 7 54.65 28.78 42.29
N PRO C 8 55.94 28.43 42.49
CA PRO C 8 56.54 27.17 42.04
C PRO C 8 56.10 25.92 42.82
N LEU C 9 55.88 24.81 42.12
CA LEU C 9 55.44 23.56 42.76
C LEU C 9 56.53 22.48 42.89
N LYS C 10 57.74 22.75 42.37
CA LYS C 10 58.89 21.85 42.43
C LYS C 10 59.01 21.06 43.74
N ASP C 11 59.01 21.76 44.85
CA ASP C 11 59.29 21.13 46.14
C ASP C 11 58.04 20.61 46.85
N SER C 12 56.92 20.53 46.11
CA SER C 12 55.68 20.01 46.69
C SER C 12 55.38 18.57 46.32
N GLU C 13 54.30 18.05 46.91
CA GLU C 13 53.89 16.67 46.70
C GLU C 13 53.51 16.39 45.23
N ALA C 14 53.38 17.45 44.45
CA ALA C 14 52.99 17.32 43.04
C ALA C 14 54.11 16.72 42.18
N PHE C 15 55.33 16.65 42.70
CA PHE C 15 56.43 16.05 41.94
C PHE C 15 57.02 14.80 42.57
N GLN C 16 56.35 14.35 43.62
CA GLN C 16 56.57 13.05 44.21
C GLN C 16 55.93 11.99 43.32
N SER C 17 56.72 10.96 43.00
CA SER C 17 56.24 9.84 42.21
C SER C 17 55.11 9.07 42.92
N ILE C 18 54.04 8.78 42.19
CA ILE C 18 52.92 7.96 42.66
C ILE C 18 52.77 6.71 41.78
N LYS C 19 52.16 5.65 42.31
CA LYS C 19 51.95 4.40 41.57
C LYS C 19 50.48 4.19 41.15
N VAL C 20 50.22 4.18 39.84
CA VAL C 20 48.85 4.10 39.33
C VAL C 20 48.80 2.91 38.40
N GLY C 21 48.02 1.89 38.78
CA GLY C 21 48.07 0.60 38.11
C GLY C 21 49.48 0.05 38.16
N ASN C 22 50.01 -0.36 37.01
CA ASN C 22 51.34 -0.93 36.99
C ASN C 22 52.40 0.06 36.52
N ASN C 23 52.04 1.33 36.54
CA ASN C 23 52.97 2.40 36.12
C ASN C 23 53.21 3.41 37.24
N THR C 24 54.35 4.11 37.17
CA THR C 24 54.67 5.08 38.21
C THR C 24 54.89 6.48 37.61
N LEU C 25 53.98 7.38 37.92
CA LEU C 25 54.03 8.77 37.44
C LEU C 25 55.04 9.55 38.27
N GLN C 26 55.79 10.41 37.60
CA GLN C 26 56.77 11.25 38.30
C GLN C 26 56.20 12.63 38.62
N THR C 27 54.97 12.91 38.16
CA THR C 27 54.26 14.12 38.57
C THR C 27 52.80 13.80 38.92
N LYS C 28 52.24 14.49 39.88
CA LYS C 28 50.83 14.25 40.20
C LYS C 28 49.93 15.18 39.37
N ILE C 29 50.52 15.92 38.43
CA ILE C 29 49.80 16.80 37.50
C ILE C 29 49.41 16.05 36.20
N VAL C 30 48.18 16.28 35.71
CA VAL C 30 47.57 15.41 34.70
C VAL C 30 46.78 16.15 33.60
N TYR C 31 46.97 15.75 32.35
CA TYR C 31 46.14 16.31 31.28
C TYR C 31 44.86 15.50 31.18
N PRO C 32 43.72 16.09 31.60
CA PRO C 32 42.43 15.41 31.61
C PRO C 32 41.83 15.30 30.20
N PRO C 33 40.84 14.42 30.01
CA PRO C 33 40.34 14.32 28.62
C PRO C 33 39.81 15.68 28.19
N THR C 34 40.17 16.11 27.00
CA THR C 34 39.69 17.39 26.50
C THR C 34 39.40 17.31 24.99
N THR C 35 38.11 17.30 24.65
CA THR C 35 37.65 17.14 23.28
C THR C 35 38.09 18.32 22.40
N ARG C 36 38.54 18.08 21.18
CA ARG C 36 39.02 19.18 20.34
C ARG C 36 38.44 19.17 18.92
N PHE C 37 37.83 18.06 18.52
CA PHE C 37 37.33 17.93 17.15
C PHE C 37 38.42 18.10 16.07
N ARG C 38 39.66 17.73 16.40
CA ARG C 38 40.77 17.76 15.44
C ARG C 38 41.20 16.38 14.86
N ALA C 39 40.31 15.40 14.89
CA ALA C 39 40.58 14.11 14.25
C ALA C 39 40.12 14.17 12.79
N LEU C 40 40.24 13.04 12.09
CA LEU C 40 39.83 12.93 10.70
C LEU C 40 38.31 12.68 10.61
N GLU C 41 37.75 12.93 9.44
CA GLU C 41 36.32 12.81 9.25
C GLU C 41 35.77 11.42 9.62
N ASP C 42 36.56 10.38 9.40
CA ASP C 42 36.11 9.02 9.69
C ASP C 42 36.52 8.55 11.09
N HIS C 43 37.04 9.48 11.90
CA HIS C 43 37.31 9.25 13.33
C HIS C 43 38.69 8.65 13.63
N THR C 44 39.48 8.46 12.59
CA THR C 44 40.87 8.05 12.75
C THR C 44 41.70 9.21 13.31
N PRO C 45 42.49 8.95 14.34
CA PRO C 45 43.47 9.90 14.91
C PRO C 45 44.40 10.50 13.86
N SER C 46 44.68 11.80 13.93
CA SER C 46 45.37 12.55 12.88
C SER C 46 46.77 13.08 13.23
N ASP C 47 47.42 13.64 12.21
CA ASP C 47 48.80 14.17 12.30
C ASP C 47 48.96 15.36 13.26
N LEU C 48 47.90 16.16 13.38
CA LEU C 48 47.86 17.24 14.34
C LEU C 48 47.75 16.66 15.74
N GLN C 49 46.89 15.64 15.88
CA GLN C 49 46.66 14.99 17.18
C GLN C 49 47.91 14.32 17.71
N LEU C 50 48.69 13.73 16.81
CA LEU C 50 50.04 13.25 17.11
C LEU C 50 50.92 14.32 17.78
N GLN C 51 51.08 15.47 17.13
CA GLN C 51 51.94 16.49 17.70
C GLN C 51 51.38 16.98 19.04
N TYR C 52 50.08 17.25 19.06
CA TYR C 52 49.39 17.74 20.25
C TYR C 52 49.65 16.93 21.52
N TYR C 53 49.40 15.62 21.48
CA TYR C 53 49.70 14.78 22.63
C TYR C 53 51.23 14.64 22.90
N GLY C 54 52.03 14.56 21.84
CA GLY C 54 53.47 14.54 21.99
C GLY C 54 54.04 15.81 22.63
N ASP C 55 53.57 16.98 22.24
CA ASP C 55 54.01 18.21 22.89
C ASP C 55 53.66 18.25 24.40
N ARG C 56 52.56 17.63 24.80
CA ARG C 56 52.18 17.57 26.22
C ARG C 56 52.82 16.45 27.09
N SER C 57 53.72 15.65 26.51
CA SER C 57 54.25 14.48 27.22
C SER C 57 55.74 14.59 27.46
N THR C 58 56.21 15.79 27.74
CA THR C 58 57.66 16.03 27.74
C THR C 58 58.28 15.90 29.12
N PHE C 59 57.48 16.10 30.17
CA PHE C 59 57.95 15.80 31.51
C PHE C 59 57.71 14.34 31.79
N PRO C 60 58.80 13.55 31.79
CA PRO C 60 58.70 12.10 31.87
C PRO C 60 57.88 11.66 33.09
N GLY C 61 56.85 10.85 32.88
CA GLY C 61 56.07 10.33 33.98
C GLY C 61 54.70 10.98 34.09
N THR C 62 54.35 11.81 33.12
CA THR C 62 53.07 12.53 33.11
C THR C 62 51.96 11.61 32.65
N LEU C 63 50.74 11.80 33.16
CA LEU C 63 49.63 11.03 32.64
C LEU C 63 48.67 11.90 31.81
N LEU C 64 48.58 11.63 30.51
CA LEU C 64 47.58 12.31 29.67
C LEU C 64 46.40 11.39 29.53
N ILE C 65 45.21 11.94 29.69
CA ILE C 65 44.02 11.26 29.28
C ILE C 65 43.57 11.92 28.01
N THR C 66 43.57 11.17 26.92
CA THR C 66 43.04 11.66 25.65
C THR C 66 41.55 11.99 25.67
N GLU C 67 41.17 12.93 24.81
CA GLU C 67 39.77 13.24 24.53
C GLU C 67 38.80 12.05 24.53
N ALA C 68 37.54 12.31 24.88
CA ALA C 68 36.46 11.37 24.67
C ALA C 68 36.63 10.71 23.31
N THR C 69 36.51 9.39 23.30
CA THR C 69 36.76 8.55 22.12
C THR C 69 35.60 7.57 21.98
N PHE C 70 35.02 7.45 20.79
CA PHE C 70 33.82 6.61 20.63
C PHE C 70 34.15 5.13 20.71
N VAL C 71 33.44 4.40 21.54
CA VAL C 71 33.65 2.96 21.57
C VAL C 71 33.09 2.33 20.29
N SER C 72 32.21 3.05 19.58
CA SER C 72 31.50 2.46 18.44
C SER C 72 30.55 3.42 17.72
N PRO C 73 30.18 3.07 16.47
CA PRO C 73 29.30 3.87 15.62
C PRO C 73 28.05 4.39 16.32
N GLN C 74 27.40 3.55 17.11
CA GLN C 74 26.21 3.97 17.85
C GLN C 74 26.61 4.77 19.10
N ALA C 75 27.91 4.91 19.34
CA ALA C 75 28.44 5.69 20.45
C ALA C 75 28.76 7.14 20.05
N SER C 76 28.72 7.43 18.75
CA SER C 76 29.03 8.77 18.26
C SER C 76 27.78 9.66 18.17
N GLY C 77 27.91 10.80 17.50
CA GLY C 77 26.79 11.72 17.36
C GLY C 77 27.11 13.18 17.65
N TRP C 78 28.33 13.60 17.31
CA TRP C 78 28.76 15.00 17.32
C TRP C 78 29.04 15.39 15.87
N GLU C 79 28.94 16.69 15.59
CA GLU C 79 29.21 17.24 14.26
C GLU C 79 30.69 17.58 14.15
N GLY C 80 31.33 17.82 15.28
CA GLY C 80 32.77 17.90 15.31
C GLY C 80 33.35 16.53 15.04
N ALA C 81 34.52 16.48 14.39
CA ALA C 81 35.18 15.20 14.10
C ALA C 81 35.99 14.67 15.30
N ALA C 82 35.37 13.88 16.15
CA ALA C 82 36.05 13.30 17.32
C ALA C 82 36.64 11.92 17.00
N PRO C 83 37.64 11.48 17.77
CA PRO C 83 38.26 10.20 17.40
C PRO C 83 37.47 8.96 17.84
N GLY C 84 37.79 7.83 17.21
CA GLY C 84 37.21 6.56 17.58
C GLY C 84 38.25 5.52 18.02
N ILE C 85 37.75 4.35 18.40
CA ILE C 85 38.62 3.26 18.78
C ILE C 85 37.84 1.94 18.66
N TRP C 86 37.18 1.75 17.52
CA TRP C 86 36.49 0.48 17.23
C TRP C 86 37.05 -0.35 16.07
N THR C 87 37.78 0.30 15.16
CA THR C 87 38.39 -0.40 14.02
C THR C 87 39.90 -0.65 14.24
N ASP C 88 40.51 -1.44 13.37
CA ASP C 88 41.97 -1.59 13.39
C ASP C 88 42.61 -0.31 12.86
N LYS C 89 41.90 0.39 11.97
CA LYS C 89 42.42 1.64 11.42
C LYS C 89 42.59 2.68 12.55
N HIS C 90 41.64 2.69 13.47
CA HIS C 90 41.67 3.55 14.66
C HIS C 90 42.76 3.17 15.65
N ALA C 91 42.87 1.87 15.96
CA ALA C 91 43.85 1.41 16.93
C ALA C 91 45.26 1.69 16.46
N LYS C 92 45.51 1.58 15.15
CA LYS C 92 46.87 1.62 14.63
C LYS C 92 47.43 3.05 14.61
N ALA C 93 46.57 4.00 14.28
CA ALA C 93 46.95 5.41 14.35
C ALA C 93 47.20 5.84 15.80
N TRP C 94 46.22 5.63 16.69
CA TRP C 94 46.41 5.95 18.11
C TRP C 94 47.74 5.40 18.60
N LYS C 95 48.18 4.27 18.05
CA LYS C 95 49.42 3.68 18.52
C LYS C 95 50.65 4.50 18.14
N VAL C 96 50.60 5.18 16.99
CA VAL C 96 51.68 6.10 16.63
C VAL C 96 51.80 7.24 17.68
N ILE C 97 50.67 7.60 18.28
CA ILE C 97 50.63 8.60 19.32
C ILE C 97 51.11 8.04 20.67
N THR C 98 50.64 6.86 21.05
CA THR C 98 51.05 6.32 22.34
C THR C 98 52.53 5.99 22.34
N ASP C 99 53.11 5.78 21.16
CA ASP C 99 54.54 5.54 21.10
C ASP C 99 55.36 6.84 21.27
N LYS C 100 54.83 7.93 20.70
CA LYS C 100 55.44 9.24 20.87
C LYS C 100 55.47 9.63 22.35
N VAL C 101 54.35 9.40 23.06
CA VAL C 101 54.23 9.65 24.51
C VAL C 101 55.05 8.65 25.36
N HIS C 102 54.98 7.37 24.99
CA HIS C 102 55.81 6.34 25.66
C HIS C 102 57.31 6.62 25.48
N ALA C 103 57.71 7.05 24.28
CA ALA C 103 59.12 7.34 24.01
C ALA C 103 59.62 8.52 24.85
N ASN C 104 58.69 9.20 25.51
CA ASN C 104 59.03 10.34 26.34
C ASN C 104 58.90 10.01 27.81
N GLY C 105 58.71 8.73 28.07
CA GLY C 105 58.64 8.24 29.43
C GLY C 105 57.29 8.47 30.08
N SER C 106 56.32 8.92 29.30
CA SER C 106 55.00 9.18 29.85
C SER C 106 53.94 8.11 29.55
N PHE C 107 52.72 8.38 29.97
CA PHE C 107 51.68 7.37 29.95
C PHE C 107 50.36 7.98 29.47
N VAL C 108 49.55 7.20 28.75
CA VAL C 108 48.30 7.69 28.19
C VAL C 108 47.12 6.81 28.57
N SER C 109 45.97 7.46 28.75
CA SER C 109 44.75 6.81 29.16
C SER C 109 43.71 7.26 28.15
N THR C 110 42.76 6.39 27.79
CA THR C 110 41.81 6.73 26.75
C THR C 110 40.41 6.77 27.34
N GLN C 111 39.68 7.85 27.05
CA GLN C 111 38.35 8.00 27.60
C GLN C 111 37.34 7.45 26.63
N LEU C 112 36.81 6.28 26.91
CA LEU C 112 35.76 5.73 26.05
C LEU C 112 34.47 6.49 26.34
N ILE C 113 33.81 7.00 25.30
CA ILE C 113 32.52 7.69 25.49
C ILE C 113 31.40 7.14 24.63
N PHE C 114 30.19 7.31 25.15
CA PHE C 114 29.00 6.92 24.44
C PHE C 114 28.04 8.07 24.71
N LEU C 115 27.67 8.76 23.63
CA LEU C 115 26.85 9.97 23.72
C LEU C 115 25.48 9.70 24.31
N GLY C 116 24.79 8.69 23.79
CA GLY C 116 23.42 8.43 24.24
C GLY C 116 22.41 9.45 23.76
N ARG C 117 21.60 9.94 24.68
CA ARG C 117 20.44 10.77 24.35
C ARG C 117 20.79 12.12 23.75
N VAL C 118 22.08 12.45 23.65
CA VAL C 118 22.45 13.76 23.11
C VAL C 118 23.19 13.65 21.79
N ALA C 119 23.16 12.44 21.22
CA ALA C 119 23.63 12.26 19.87
C ALA C 119 22.78 13.14 18.97
N ASP C 120 23.44 13.97 18.18
CA ASP C 120 22.80 14.76 17.14
C ASP C 120 21.96 13.83 16.27
N PRO C 121 20.63 14.03 16.23
CA PRO C 121 19.75 13.14 15.47
C PRO C 121 19.94 13.12 13.93
N ALA C 122 20.55 14.17 13.37
CA ALA C 122 20.86 14.19 11.93
C ALA C 122 22.18 13.48 11.61
N VAL C 123 23.14 13.55 12.55
CA VAL C 123 24.40 12.81 12.48
C VAL C 123 24.16 11.31 12.50
N MET C 124 23.36 10.85 13.47
CA MET C 124 23.02 9.43 13.57
C MET C 124 22.28 8.92 12.34
N LYS C 125 21.31 9.70 11.87
CA LYS C 125 20.45 9.27 10.77
C LYS C 125 21.21 8.94 9.48
N THR C 126 22.44 9.46 9.34
CA THR C 126 23.27 9.16 8.17
C THR C 126 23.98 7.83 8.38
N ARG C 127 24.17 7.47 9.64
CA ARG C 127 24.73 6.18 10.02
C ARG C 127 23.63 5.15 10.08
N GLY C 128 22.44 5.52 9.61
CA GLY C 128 21.28 4.66 9.68
C GLY C 128 20.87 4.22 11.08
N LEU C 129 21.02 5.11 12.08
CA LEU C 129 20.79 4.77 13.47
C LEU C 129 19.89 5.80 14.15
N ASN C 130 19.31 5.43 15.29
CA ASN C 130 18.63 6.39 16.16
C ASN C 130 19.53 6.83 17.31
N PRO C 131 19.21 7.96 17.95
CA PRO C 131 19.92 8.18 19.22
C PRO C 131 19.38 7.19 20.30
N VAL C 132 20.26 6.69 21.17
CA VAL C 132 19.85 5.73 22.19
C VAL C 132 20.05 6.24 23.61
N SER C 133 19.56 5.50 24.59
CA SER C 133 19.68 5.92 25.98
C SER C 133 18.97 4.94 26.88
N ALA C 134 19.14 5.15 28.20
CA ALA C 134 18.50 4.34 29.23
C ALA C 134 17.00 4.34 29.03
N SER C 135 16.46 5.53 28.86
CA SER C 135 15.05 5.75 28.65
C SER C 135 14.96 6.70 27.48
N ALA C 136 13.78 6.79 26.89
CA ALA C 136 13.59 7.72 25.76
C ALA C 136 13.34 9.16 26.24
N THR C 137 14.43 9.84 26.59
CA THR C 137 14.38 11.22 27.06
C THR C 137 15.31 12.11 26.24
N TYR C 138 15.08 13.42 26.31
CA TYR C 138 15.91 14.39 25.62
C TYR C 138 16.39 15.40 26.65
N GLU C 139 17.59 15.94 26.42
CA GLU C 139 18.19 16.96 27.28
C GLU C 139 17.35 18.26 27.31
N SER C 140 17.03 18.81 26.15
CA SER C 140 16.19 20.00 26.09
C SER C 140 14.87 19.73 25.42
N ASP C 141 13.98 20.71 25.49
CA ASP C 141 12.74 20.69 24.75
C ASP C 141 13.06 20.87 23.25
N ALA C 142 14.10 21.65 22.94
CA ALA C 142 14.48 21.85 21.54
C ALA C 142 15.27 20.67 20.96
N ALA C 143 16.00 19.97 21.83
CA ALA C 143 16.74 18.77 21.44
C ALA C 143 15.76 17.70 20.97
N LYS C 144 14.54 17.80 21.47
CA LYS C 144 13.49 16.85 21.12
C LYS C 144 12.72 17.22 19.84
N GLU C 145 12.63 18.52 19.55
CA GLU C 145 11.97 19.01 18.35
C GLU C 145 12.87 18.76 17.16
N ALA C 146 14.14 19.12 17.32
CA ALA C 146 15.17 18.82 16.35
C ALA C 146 15.13 17.35 15.92
N ALA C 147 15.04 16.45 16.90
CA ALA C 147 15.02 15.01 16.66
C ALA C 147 13.80 14.58 15.85
N GLU C 148 12.62 15.03 16.26
CA GLU C 148 11.38 14.62 15.59
C GLU C 148 11.22 15.25 14.21
N ALA C 149 11.82 16.42 14.03
CA ALA C 149 11.78 17.13 12.74
C ALA C 149 12.48 16.36 11.60
N VAL C 150 13.56 15.64 11.92
CA VAL C 150 14.26 14.79 10.93
C VAL C 150 13.77 13.36 10.93
N GLY C 151 12.81 13.06 11.81
CA GLY C 151 12.27 11.71 11.91
C GLY C 151 13.26 10.69 12.45
N ASN C 152 13.83 10.97 13.63
CA ASN C 152 14.85 10.14 14.24
C ASN C 152 14.82 10.25 15.76
N PRO C 153 13.65 9.96 16.38
CA PRO C 153 13.51 10.12 17.83
C PRO C 153 14.41 9.21 18.66
N VAL C 154 14.87 9.69 19.80
CA VAL C 154 15.64 8.90 20.77
C VAL C 154 14.83 7.67 21.19
N ARG C 155 15.48 6.49 21.20
CA ARG C 155 14.82 5.27 21.64
C ARG C 155 15.56 4.60 22.79
N ALA C 156 14.82 3.93 23.67
CA ALA C 156 15.43 3.25 24.82
C ALA C 156 16.03 1.90 24.42
N LEU C 157 17.24 1.62 24.89
CA LEU C 157 17.87 0.31 24.64
C LEU C 157 16.97 -0.80 25.15
N THR C 158 17.02 -1.94 24.47
CA THR C 158 16.39 -3.15 24.99
C THR C 158 17.39 -3.83 25.92
N THR C 159 16.88 -4.51 26.94
CA THR C 159 17.74 -5.20 27.89
C THR C 159 18.93 -5.82 27.13
N GLN C 160 18.64 -6.54 26.07
CA GLN C 160 19.67 -7.18 25.27
C GLN C 160 20.70 -6.17 24.72
N GLU C 161 20.22 -5.03 24.23
CA GLU C 161 21.16 -4.05 23.71
C GLU C 161 22.13 -3.47 24.75
N VAL C 162 21.70 -3.43 26.02
CA VAL C 162 22.58 -3.04 27.16
C VAL C 162 23.67 -4.09 27.39
N LYS C 163 23.24 -5.35 27.50
CA LYS C 163 24.14 -6.49 27.58
C LYS C 163 25.13 -6.42 26.44
N ASP C 164 24.65 -6.05 25.26
CA ASP C 164 25.50 -6.01 24.07
C ASP C 164 26.54 -4.93 24.19
N LEU C 165 26.18 -3.87 24.90
CA LEU C 165 27.14 -2.86 25.32
C LEU C 165 28.34 -3.47 26.04
N VAL C 166 28.08 -4.28 27.07
CA VAL C 166 29.15 -4.90 27.87
C VAL C 166 30.03 -5.86 27.04
N TYR C 167 29.43 -6.87 26.41
CA TYR C 167 30.23 -7.95 25.80
C TYR C 167 30.54 -7.75 24.31
N GLU C 168 29.86 -6.79 23.71
CA GLU C 168 30.13 -6.42 22.32
C GLU C 168 30.85 -5.06 22.22
N ALA C 169 30.09 -3.98 22.32
CA ALA C 169 30.60 -2.62 22.10
C ALA C 169 31.88 -2.27 22.86
N TYR C 170 31.81 -2.31 24.19
CA TYR C 170 32.92 -1.90 25.06
C TYR C 170 34.05 -2.93 25.11
N THR C 171 33.68 -4.20 24.98
CA THR C 171 34.65 -5.29 24.88
C THR C 171 35.51 -5.12 23.64
N ASN C 172 34.87 -4.94 22.48
CA ASN C 172 35.60 -4.63 21.25
C ASN C 172 36.46 -3.37 21.40
N ALA C 173 35.89 -2.33 22.02
CA ALA C 173 36.63 -1.12 22.29
C ALA C 173 37.87 -1.41 23.16
N ALA C 174 37.69 -2.17 24.24
CA ALA C 174 38.80 -2.38 25.17
C ALA C 174 39.89 -3.28 24.55
N GLN C 175 39.55 -3.98 23.49
CA GLN C 175 40.53 -4.84 22.87
C GLN C 175 41.32 -3.96 21.93
N LYS C 176 40.62 -3.12 21.18
CA LYS C 176 41.26 -2.14 20.31
C LYS C 176 42.20 -1.20 21.08
N ALA C 177 41.80 -0.80 22.28
CA ALA C 177 42.60 0.14 23.07
C ALA C 177 43.90 -0.52 23.49
N MET C 178 43.89 -1.83 23.65
CA MET C 178 45.11 -2.59 23.97
C MET C 178 46.05 -2.74 22.77
N ASP C 179 45.49 -2.75 21.55
CA ASP C 179 46.29 -2.73 20.32
C ASP C 179 47.00 -1.40 20.21
N ALA C 180 46.24 -0.35 20.50
CA ALA C 180 46.70 1.03 20.42
C ALA C 180 47.91 1.33 21.33
N GLY C 181 48.06 0.52 22.38
CA GLY C 181 49.12 0.72 23.36
C GLY C 181 48.73 1.70 24.46
N PHE C 182 47.41 1.90 24.65
CA PHE C 182 46.95 2.72 25.77
C PHE C 182 47.28 2.03 27.07
N ASP C 183 47.91 2.75 27.99
CA ASP C 183 48.21 2.21 29.32
C ASP C 183 46.95 1.96 30.17
N TYR C 184 45.88 2.71 29.90
CA TYR C 184 44.60 2.52 30.57
C TYR C 184 43.42 2.84 29.64
N ILE C 185 42.23 2.54 30.13
CA ILE C 185 41.00 2.99 29.49
C ILE C 185 40.10 3.58 30.59
N GLU C 186 39.43 4.68 30.29
CA GLU C 186 38.65 5.40 31.29
C GLU C 186 37.19 5.39 30.86
N LEU C 187 36.34 4.76 31.64
CA LEU C 187 34.91 4.74 31.33
C LEU C 187 34.39 6.11 31.66
N HIS C 188 33.63 6.69 30.75
CA HIS C 188 33.17 8.07 30.92
C HIS C 188 31.77 8.12 31.50
N ALA C 189 31.66 8.28 32.82
CA ALA C 189 30.34 8.38 33.47
C ALA C 189 30.01 9.75 34.02
N ALA C 190 30.55 10.80 33.39
CA ALA C 190 30.20 12.17 33.78
C ALA C 190 29.36 12.94 32.74
N HIS C 191 28.99 14.15 33.10
CA HIS C 191 28.59 15.18 32.13
C HIS C 191 27.30 14.91 31.33
N GLY C 192 26.53 13.92 31.75
CA GLY C 192 25.23 13.64 31.17
C GLY C 192 25.26 12.78 29.93
N TYR C 193 26.38 12.06 29.71
CA TYR C 193 26.47 11.09 28.61
C TYR C 193 25.91 9.73 28.97
N LEU C 194 26.15 8.72 28.14
CA LEU C 194 25.36 7.52 28.30
C LEU C 194 25.47 6.91 29.70
N LEU C 195 26.69 6.59 30.14
CA LEU C 195 26.84 5.98 31.46
C LEU C 195 26.19 6.81 32.59
N ASP C 196 26.35 8.13 32.57
CA ASP C 196 25.68 9.02 33.55
C ASP C 196 24.14 8.94 33.39
N GLN C 197 23.68 8.75 32.16
CA GLN C 197 22.24 8.64 31.89
C GLN C 197 21.63 7.41 32.54
N PHE C 198 22.42 6.33 32.64
CA PHE C 198 21.98 5.13 33.33
C PHE C 198 22.01 5.33 34.84
N LEU C 199 23.10 5.92 35.33
CA LEU C 199 23.29 6.17 36.75
C LEU C 199 22.16 6.91 37.49
N GLN C 200 21.61 7.97 36.88
CA GLN C 200 20.75 8.91 37.60
C GLN C 200 19.27 8.82 37.22
N PRO C 201 18.40 8.85 38.24
CA PRO C 201 16.95 8.68 38.08
C PRO C 201 16.27 9.70 37.17
N CYS C 202 16.88 10.87 36.94
CA CYS C 202 16.22 11.85 36.07
C CYS C 202 16.27 11.38 34.60
N THR C 203 17.25 10.53 34.29
CA THR C 203 17.47 10.09 32.92
C THR C 203 17.14 8.61 32.66
N ASN C 204 16.94 7.86 33.75
CA ASN C 204 16.70 6.43 33.67
C ASN C 204 15.49 6.00 34.49
N GLN C 205 14.40 5.75 33.78
CA GLN C 205 13.14 5.30 34.34
CA GLN C 205 13.20 5.24 34.46
C GLN C 205 12.82 3.86 33.90
N ARG C 206 13.86 3.08 33.60
CA ARG C 206 13.74 1.69 33.16
C ARG C 206 12.96 0.83 34.17
N THR C 207 12.38 -0.26 33.66
CA THR C 207 11.60 -1.18 34.48
C THR C 207 12.18 -2.58 34.46
N ASP C 208 13.33 -2.75 33.81
CA ASP C 208 14.05 -4.00 33.91
C ASP C 208 15.02 -4.02 35.10
N GLU C 209 16.15 -4.67 34.90
CA GLU C 209 17.18 -4.85 35.92
C GLU C 209 18.15 -3.66 35.93
N TYR C 210 18.18 -2.90 34.84
CA TYR C 210 19.12 -1.80 34.70
C TYR C 210 18.51 -0.44 35.09
N GLY C 211 17.42 -0.49 35.84
CA GLY C 211 16.70 0.69 36.29
C GLY C 211 15.66 0.35 37.35
N GLY C 212 15.07 1.37 37.97
CA GLY C 212 14.07 1.14 38.99
C GLY C 212 14.57 1.30 40.42
N SER C 213 15.88 1.24 40.60
CA SER C 213 16.49 1.36 41.92
C SER C 213 17.93 1.88 41.81
N ILE C 214 18.50 2.29 42.93
CA ILE C 214 19.88 2.78 42.94
C ILE C 214 20.80 1.67 42.44
N GLU C 215 20.61 0.49 43.01
CA GLU C 215 21.41 -0.69 42.71
C GLU C 215 21.34 -1.04 41.24
N ASN C 216 20.12 -1.02 40.70
CA ASN C 216 19.86 -1.36 39.29
C ASN C 216 20.41 -0.32 38.31
N ARG C 217 20.29 0.95 38.68
CA ARG C 217 20.80 2.02 37.85
C ARG C 217 22.30 1.88 37.68
N ALA C 218 22.95 1.39 38.74
CA ALA C 218 24.40 1.19 38.78
C ALA C 218 24.85 -0.10 38.09
N ARG C 219 23.91 -1.01 37.88
CA ARG C 219 24.26 -2.34 37.38
C ARG C 219 25.10 -2.27 36.09
N LEU C 220 24.68 -1.44 35.12
CA LEU C 220 25.36 -1.39 33.83
C LEU C 220 26.83 -1.01 33.96
N ILE C 221 27.09 0.05 34.72
CA ILE C 221 28.47 0.51 34.96
C ILE C 221 29.33 -0.53 35.67
N LEU C 222 28.81 -1.09 36.74
CA LEU C 222 29.48 -2.17 37.46
C LEU C 222 29.63 -3.48 36.64
N GLU C 223 28.68 -3.77 35.74
CA GLU C 223 28.88 -4.90 34.83
C GLU C 223 30.03 -4.63 33.89
N LEU C 224 30.20 -3.36 33.52
CA LEU C 224 31.29 -2.94 32.64
C LEU C 224 32.63 -3.08 33.36
N ILE C 225 32.69 -2.56 34.58
CA ILE C 225 33.90 -2.61 35.40
C ILE C 225 34.40 -4.07 35.54
N ASP C 226 33.50 -4.91 36.05
CA ASP C 226 33.75 -6.34 36.25
C ASP C 226 34.20 -7.10 34.99
N HIS C 227 33.49 -6.90 33.88
CA HIS C 227 33.85 -7.59 32.64
C HIS C 227 35.15 -7.08 32.04
N LEU C 228 35.26 -5.77 31.83
CA LEU C 228 36.46 -5.16 31.25
C LEU C 228 37.66 -5.45 32.14
N SER C 229 37.39 -5.51 33.44
CA SER C 229 38.40 -5.95 34.39
C SER C 229 39.02 -7.30 34.02
N THR C 230 38.26 -8.17 33.36
CA THR C 230 38.76 -9.50 32.94
C THR C 230 39.49 -9.51 31.58
N ILE C 231 39.18 -8.55 30.72
CA ILE C 231 39.81 -8.41 29.41
C ILE C 231 41.22 -7.79 29.50
N VAL C 232 41.34 -6.70 30.26
CA VAL C 232 42.54 -5.87 30.25
C VAL C 232 43.20 -5.84 31.61
N GLY C 233 42.39 -6.09 32.63
CA GLY C 233 42.84 -6.13 34.01
C GLY C 233 42.50 -4.87 34.77
N ALA C 234 42.00 -5.01 35.99
CA ALA C 234 41.57 -3.86 36.78
C ALA C 234 42.66 -2.76 36.91
N ASP C 235 43.92 -3.12 36.74
CA ASP C 235 45.03 -2.16 36.80
C ASP C 235 45.18 -1.26 35.55
N LYS C 236 44.24 -1.36 34.61
CA LYS C 236 44.26 -0.56 33.40
C LYS C 236 42.89 0.07 33.14
N ILE C 237 42.04 0.05 34.15
CA ILE C 237 40.72 0.66 34.09
C ILE C 237 40.62 1.92 34.96
N GLY C 238 39.91 2.93 34.46
CA GLY C 238 39.61 4.14 35.22
C GLY C 238 38.16 4.51 34.97
N ILE C 239 37.58 5.29 35.87
CA ILE C 239 36.21 5.77 35.65
C ILE C 239 36.13 7.25 35.99
N ARG C 240 35.32 8.01 35.24
CA ARG C 240 35.08 9.44 35.58
C ARG C 240 33.63 9.75 36.01
N ILE C 241 33.49 10.42 37.15
CA ILE C 241 32.18 10.85 37.63
C ILE C 241 32.13 12.34 37.95
N SER C 242 31.01 12.99 37.65
CA SER C 242 30.87 14.41 37.90
C SER C 242 29.61 14.56 38.71
N PRO C 243 29.66 14.13 39.98
CA PRO C 243 28.47 13.97 40.84
C PRO C 243 27.62 15.23 40.90
N TRP C 244 28.26 16.39 40.75
CA TRP C 244 27.57 17.66 40.92
C TRP C 244 27.22 18.39 39.62
N ALA C 245 27.86 18.00 38.51
CA ALA C 245 27.65 18.70 37.24
C ALA C 245 26.19 18.71 36.73
N THR C 246 25.82 19.79 36.05
CA THR C 246 24.48 19.89 35.45
C THR C 246 24.54 19.88 33.93
N PHE C 247 25.73 19.64 33.38
CA PHE C 247 25.87 19.46 31.94
C PHE C 247 24.72 18.62 31.35
N GLN C 248 24.21 19.07 30.22
CA GLN C 248 23.22 18.29 29.48
C GLN C 248 22.03 17.89 30.37
N ASN C 249 21.59 18.87 31.14
CA ASN C 249 20.39 18.82 31.98
C ASN C 249 20.29 17.70 33.01
N MET C 250 21.42 17.28 33.57
CA MET C 250 21.37 16.36 34.70
C MET C 250 20.93 17.18 35.90
N LYS C 251 19.98 16.66 36.68
CA LYS C 251 19.37 17.45 37.76
C LYS C 251 20.29 17.58 38.98
N ALA C 252 21.25 16.67 39.10
CA ALA C 252 22.21 16.69 40.22
C ALA C 252 21.49 16.75 41.58
N HIS C 253 21.81 17.77 42.37
CA HIS C 253 21.27 17.88 43.73
C HIS C 253 19.77 18.10 43.78
N LYS C 254 19.17 18.37 42.61
CA LYS C 254 17.73 18.61 42.50
C LYS C 254 16.99 17.38 41.96
N ASP C 255 17.72 16.31 41.73
CA ASP C 255 17.10 15.05 41.30
C ASP C 255 16.30 14.38 42.45
N THR C 256 15.46 13.41 42.11
CA THR C 256 14.69 12.66 43.12
C THR C 256 15.58 11.77 44.02
N VAL C 257 16.84 11.58 43.62
CA VAL C 257 17.86 10.95 44.44
C VAL C 257 19.09 11.87 44.37
N HIS C 258 19.63 12.21 45.53
CA HIS C 258 20.79 13.08 45.62
C HIS C 258 22.03 12.32 45.08
N PRO C 259 22.99 13.05 44.49
CA PRO C 259 24.22 12.47 43.96
C PRO C 259 25.15 11.85 45.02
N LEU C 260 24.98 12.22 46.29
CA LEU C 260 25.76 11.55 47.33
C LEU C 260 25.22 10.18 47.61
N THR C 261 23.89 10.02 47.57
CA THR C 261 23.28 8.68 47.60
C THR C 261 23.84 7.88 46.44
N THR C 262 23.71 8.42 45.22
CA THR C 262 24.16 7.69 44.01
C THR C 262 25.64 7.32 44.01
N PHE C 263 26.52 8.30 44.14
CA PHE C 263 27.93 8.01 43.94
C PHE C 263 28.69 7.38 45.11
N SER C 264 28.19 7.56 46.33
CA SER C 264 28.76 6.84 47.45
C SER C 264 28.39 5.39 47.24
N TYR C 265 27.23 5.12 46.64
CA TYR C 265 26.90 3.74 46.28
C TYR C 265 27.94 3.15 45.35
N LEU C 266 28.20 3.84 44.23
CA LEU C 266 29.08 3.33 43.18
C LEU C 266 30.51 3.25 43.62
N VAL C 267 30.96 4.27 44.36
CA VAL C 267 32.36 4.34 44.78
C VAL C 267 32.66 3.30 45.82
N HIS C 268 31.73 3.10 46.75
CA HIS C 268 31.88 2.08 47.78
C HIS C 268 31.99 0.67 47.20
N GLU C 269 31.13 0.36 46.23
CA GLU C 269 31.15 -0.93 45.51
C GLU C 269 32.46 -1.12 44.73
N LEU C 270 33.08 -0.02 44.34
CA LEU C 270 34.34 -0.06 43.66
C LEU C 270 35.46 -0.42 44.62
N GLN C 271 35.34 0.05 45.85
CA GLN C 271 36.31 -0.23 46.91
C GLN C 271 36.21 -1.67 47.45
N GLN C 272 34.98 -2.15 47.61
CA GLN C 272 34.73 -3.53 47.97
C GLN C 272 35.36 -4.44 46.91
N ARG C 273 35.47 -3.94 45.68
CA ARG C 273 36.13 -4.72 44.62
C ARG C 273 37.64 -4.61 44.73
N ALA C 274 38.11 -3.48 45.24
CA ALA C 274 39.54 -3.34 45.54
C ALA C 274 39.93 -4.32 46.66
N ASP C 275 39.13 -4.35 47.72
CA ASP C 275 39.39 -5.24 48.84
C ASP C 275 39.70 -6.69 48.40
N LYS C 276 39.07 -7.14 47.32
CA LYS C 276 39.22 -8.50 46.78
C LYS C 276 40.37 -8.71 45.76
N GLY C 277 41.19 -7.68 45.52
CA GLY C 277 42.30 -7.77 44.58
C GLY C 277 41.98 -7.24 43.19
N GLN C 278 40.76 -6.74 43.02
CA GLN C 278 40.29 -6.26 41.73
C GLN C 278 40.07 -4.73 41.72
N GLY C 279 40.90 -4.00 42.47
CA GLY C 279 40.76 -2.56 42.55
C GLY C 279 41.16 -1.90 41.24
N ILE C 280 40.25 -1.11 40.65
CA ILE C 280 40.55 -0.37 39.43
C ILE C 280 41.64 0.69 39.71
N ALA C 281 42.31 1.14 38.66
CA ALA C 281 43.50 1.98 38.76
C ALA C 281 43.29 3.33 39.47
N TYR C 282 42.16 3.97 39.19
CA TYR C 282 41.91 5.31 39.71
C TYR C 282 40.47 5.76 39.54
N ILE C 283 40.11 6.81 40.26
CA ILE C 283 38.81 7.42 40.07
C ILE C 283 38.96 8.91 39.78
N SER C 284 38.60 9.30 38.55
CA SER C 284 38.55 10.69 38.11
C SER C 284 37.23 11.32 38.59
N VAL C 285 37.33 12.41 39.34
CA VAL C 285 36.15 13.20 39.77
C VAL C 285 36.28 14.68 39.39
N VAL C 286 35.18 15.24 38.92
CA VAL C 286 35.10 16.64 38.51
C VAL C 286 34.66 17.45 39.72
N GLU C 287 35.51 18.37 40.14
CA GLU C 287 35.21 19.27 41.26
C GLU C 287 34.05 20.23 40.97
N PRO C 288 33.25 20.53 42.01
CA PRO C 288 31.99 21.29 41.91
C PRO C 288 32.15 22.73 41.41
N ARG C 289 33.39 23.20 41.35
CA ARG C 289 33.76 24.51 40.77
C ARG C 289 33.59 24.53 39.24
N VAL C 290 33.30 23.37 38.67
CA VAL C 290 33.27 23.21 37.24
C VAL C 290 32.24 22.17 36.85
N SER C 291 31.69 22.34 35.66
CA SER C 291 30.59 21.50 35.18
C SER C 291 30.73 21.36 33.66
N GLY C 292 31.26 20.23 33.20
CA GLY C 292 31.57 20.05 31.80
C GLY C 292 32.70 20.96 31.38
N ASN C 293 32.51 21.68 30.29
CA ASN C 293 33.53 22.58 29.78
C ASN C 293 33.37 24.02 30.27
N VAL C 294 32.84 24.21 31.47
CA VAL C 294 32.41 25.53 31.91
C VAL C 294 32.49 25.75 33.45
N ASP C 295 32.81 26.95 33.90
CA ASP C 295 32.90 27.20 35.36
C ASP C 295 31.56 27.26 36.06
N VAL C 296 31.58 27.20 37.39
CA VAL C 296 30.37 27.28 38.20
C VAL C 296 30.49 28.37 39.26
N SER C 297 29.63 29.39 39.13
CA SER C 297 29.56 30.49 40.08
C SER C 297 29.63 29.99 41.52
N GLU C 298 30.30 30.74 42.38
CA GLU C 298 30.50 30.31 43.75
C GLU C 298 29.16 30.06 44.45
N GLU C 299 28.15 30.82 44.06
CA GLU C 299 26.81 30.72 44.65
C GLU C 299 26.17 29.32 44.45
N ASP C 300 26.47 28.69 43.32
CA ASP C 300 25.74 27.50 42.86
C ASP C 300 26.26 26.13 43.32
N GLN C 301 27.54 26.04 43.70
CA GLN C 301 28.13 24.78 44.18
C GLN C 301 27.40 24.22 45.40
N ALA C 302 26.85 23.01 45.29
CA ALA C 302 26.00 22.45 46.35
C ALA C 302 26.55 21.23 47.11
N GLY C 303 27.80 20.86 46.85
CA GLY C 303 28.45 19.78 47.56
C GLY C 303 29.87 19.57 47.08
N ASP C 304 30.65 18.76 47.78
CA ASP C 304 32.01 18.46 47.34
C ASP C 304 32.27 16.96 47.20
N ASN C 305 33.49 16.62 46.77
CA ASN C 305 33.85 15.23 46.57
C ASN C 305 34.65 14.65 47.73
N GLU C 306 34.44 15.17 48.93
CA GLU C 306 35.16 14.66 50.08
C GLU C 306 34.71 13.23 50.39
N PHE C 307 33.49 12.91 49.98
CA PHE C 307 32.94 11.56 50.17
C PHE C 307 33.73 10.46 49.43
N VAL C 308 34.32 10.81 48.29
CA VAL C 308 35.13 9.87 47.53
C VAL C 308 36.45 9.55 48.25
N SER C 309 37.03 10.53 48.94
CA SER C 309 38.28 10.31 49.64
C SER C 309 38.05 9.41 50.84
N LYS C 310 36.85 9.52 51.42
CA LYS C 310 36.49 8.82 52.65
C LYS C 310 36.03 7.38 52.41
N ILE C 311 35.62 7.08 51.19
CA ILE C 311 35.12 5.74 50.84
C ILE C 311 36.15 4.92 50.03
N TRP C 312 36.89 5.60 49.13
CA TRP C 312 37.91 4.98 48.26
C TRP C 312 39.36 5.20 48.73
N LYS C 313 40.12 4.10 48.84
CA LYS C 313 41.48 4.16 49.38
C LYS C 313 42.56 4.15 48.28
N GLY C 314 42.12 4.09 47.02
CA GLY C 314 43.04 4.01 45.90
C GLY C 314 43.43 5.37 45.37
N VAL C 315 43.88 5.42 44.11
CA VAL C 315 44.17 6.71 43.51
C VAL C 315 42.86 7.44 43.10
N ILE C 316 42.86 8.76 43.22
CA ILE C 316 41.74 9.61 42.89
C ILE C 316 42.28 10.74 42.01
N LEU C 317 41.65 11.01 40.88
CA LEU C 317 42.06 12.17 40.06
C LEU C 317 41.04 13.34 40.14
N LYS C 318 41.53 14.56 40.39
CA LYS C 318 40.67 15.72 40.54
C LYS C 318 40.98 16.79 39.50
N ALA C 319 39.92 17.41 38.96
CA ALA C 319 40.02 18.57 38.08
C ALA C 319 38.84 19.52 38.23
N GLY C 320 39.10 20.78 37.97
CA GLY C 320 38.12 21.82 38.14
C GLY C 320 38.73 23.11 38.62
N ASN C 321 39.30 23.88 37.68
CA ASN C 321 39.80 25.22 37.99
C ASN C 321 40.69 25.27 39.21
N TYR C 322 41.87 24.67 39.12
CA TYR C 322 42.75 24.66 40.27
C TYR C 322 43.54 25.97 40.37
N SER C 323 43.42 26.82 39.36
CA SER C 323 44.18 28.07 39.37
C SER C 323 43.33 29.19 39.96
N TYR C 324 42.14 28.85 40.44
CA TYR C 324 41.23 29.82 41.02
C TYR C 324 41.80 30.47 42.28
N ASP C 325 42.81 29.86 42.86
CA ASP C 325 43.44 30.43 44.05
C ASP C 325 44.93 30.57 43.83
N ALA C 326 45.33 30.68 42.57
CA ALA C 326 46.68 31.10 42.23
C ALA C 326 46.93 32.44 42.92
N PRO C 327 48.20 32.81 43.13
CA PRO C 327 49.43 32.10 42.74
C PRO C 327 49.80 31.01 43.72
N GLU C 328 49.19 31.00 44.90
CA GLU C 328 49.66 30.14 45.99
C GLU C 328 49.18 28.68 45.95
N PHE C 329 48.04 28.43 45.29
CA PHE C 329 47.52 27.06 45.10
C PHE C 329 47.17 26.37 46.42
N LYS C 330 46.44 27.07 47.28
CA LYS C 330 46.14 26.51 48.60
C LYS C 330 45.28 25.25 48.45
N THR C 331 44.20 25.36 47.71
CA THR C 331 43.28 24.24 47.50
C THR C 331 43.96 23.05 46.81
N LEU C 332 44.77 23.31 45.79
CA LEU C 332 45.46 22.20 45.14
C LEU C 332 46.39 21.49 46.15
N LYS C 333 47.07 22.28 46.97
CA LYS C 333 47.97 21.74 48.00
C LYS C 333 47.27 20.91 49.10
N GLU C 334 46.07 21.29 49.50
CA GLU C 334 45.34 20.49 50.49
C GLU C 334 44.95 19.14 49.87
N ASP C 335 44.42 19.19 48.65
CA ASP C 335 43.88 18.03 47.97
C ASP C 335 44.91 16.93 47.67
N ILE C 336 46.10 17.31 47.19
CA ILE C 336 47.15 16.33 46.86
C ILE C 336 48.00 15.92 48.08
N ALA C 337 47.59 16.34 49.27
CA ALA C 337 48.37 16.04 50.48
C ALA C 337 48.05 14.66 51.06
N ASP C 338 46.95 14.03 50.67
CA ASP C 338 46.76 12.65 51.15
C ASP C 338 47.77 11.72 50.46
N LYS C 339 48.46 12.25 49.45
CA LYS C 339 49.57 11.56 48.80
C LYS C 339 49.17 10.52 47.76
N ARG C 340 47.85 10.33 47.59
CA ARG C 340 47.31 9.44 46.55
C ARG C 340 46.36 10.21 45.64
N THR C 341 46.40 11.53 45.71
CA THR C 341 45.57 12.33 44.81
C THR C 341 46.38 12.88 43.63
N LEU C 342 45.73 12.95 42.47
CA LEU C 342 46.35 13.54 41.28
C LEU C 342 45.57 14.80 40.92
N VAL C 343 46.28 15.83 40.45
CA VAL C 343 45.63 17.06 39.99
C VAL C 343 45.65 17.28 38.45
N GLY C 344 44.45 17.37 37.87
CA GLY C 344 44.30 17.57 36.43
C GLY C 344 44.02 19.02 36.07
N PHE C 345 44.78 19.52 35.09
CA PHE C 345 44.55 20.82 34.46
C PHE C 345 44.18 20.63 33.00
N SER C 346 42.96 21.04 32.61
CA SER C 346 42.44 20.89 31.24
C SER C 346 42.67 22.13 30.34
N ARG C 347 41.91 23.18 30.62
CA ARG C 347 41.94 24.37 29.77
C ARG C 347 43.32 25.00 29.67
N TYR C 348 44.04 25.10 30.79
CA TYR C 348 45.37 25.72 30.73
C TYR C 348 46.32 24.78 30.04
N PHE C 349 45.92 23.51 29.92
CA PHE C 349 46.76 22.53 29.24
C PHE C 349 46.64 22.62 27.71
N THR C 350 45.57 23.24 27.22
CA THR C 350 45.40 23.49 25.80
C THR C 350 46.31 24.64 25.28
N SER C 351 46.48 25.68 26.08
CA SER C 351 47.29 26.83 25.69
C SER C 351 48.70 26.82 26.28
N ASN C 352 48.94 25.91 27.22
CA ASN C 352 50.29 25.69 27.71
C ASN C 352 50.77 24.27 27.41
N PRO C 353 51.32 24.05 26.21
CA PRO C 353 51.76 22.67 25.99
C PRO C 353 52.78 22.16 27.04
N ASN C 354 53.67 23.03 27.50
CA ASN C 354 54.63 22.62 28.54
C ASN C 354 54.14 22.88 29.96
N LEU C 355 52.83 22.77 30.19
CA LEU C 355 52.17 23.14 31.47
C LEU C 355 52.84 22.65 32.75
N VAL C 356 53.30 21.41 32.75
CA VAL C 356 53.91 20.78 33.91
C VAL C 356 55.26 21.42 34.25
N TRP C 357 56.02 21.75 33.22
CA TRP C 357 57.28 22.46 33.40
C TRP C 357 57.03 23.82 34.04
N LYS C 358 56.03 24.52 33.52
CA LYS C 358 55.57 25.79 34.06
C LYS C 358 55.12 25.75 35.53
N LEU C 359 54.29 24.78 35.91
CA LEU C 359 53.88 24.61 37.32
C LEU C 359 55.06 24.30 38.26
N ARG C 360 55.99 23.51 37.76
CA ARG C 360 57.15 23.09 38.52
C ARG C 360 57.97 24.29 38.89
N ASP C 361 58.10 25.23 37.95
CA ASP C 361 59.04 26.33 38.05
C ASP C 361 58.41 27.65 38.51
N GLY C 362 57.11 27.81 38.29
CA GLY C 362 56.45 29.05 38.66
C GLY C 362 56.34 30.03 37.50
N ILE C 363 56.76 29.56 36.31
CA ILE C 363 56.59 30.31 35.08
C ILE C 363 55.11 30.61 34.81
N ASP C 364 54.84 31.72 34.13
CA ASP C 364 53.47 32.26 34.04
C ASP C 364 52.59 31.64 32.95
N LEU C 365 51.39 31.22 33.34
CA LEU C 365 50.50 30.49 32.45
C LEU C 365 49.83 31.37 31.37
N VAL C 366 50.13 31.04 30.11
CA VAL C 366 49.48 31.67 28.96
C VAL C 366 47.97 31.47 28.96
N PRO C 367 47.20 32.55 28.77
CA PRO C 367 45.74 32.41 28.78
C PRO C 367 45.27 31.52 27.64
N TYR C 368 44.20 30.74 27.88
CA TYR C 368 43.68 29.82 26.87
C TYR C 368 42.61 30.48 26.02
N ASP C 369 42.53 30.06 24.76
CA ASP C 369 41.61 30.67 23.80
C ASP C 369 40.31 29.85 23.60
N ARG C 370 39.27 30.16 24.36
CA ARG C 370 38.01 29.38 24.29
C ARG C 370 37.45 29.32 22.86
N ASN C 371 37.73 30.35 22.08
CA ASN C 371 37.22 30.44 20.71
C ASN C 371 37.68 29.27 19.83
N THR C 372 38.87 28.75 20.11
CA THR C 372 39.42 27.67 19.28
C THR C 372 39.46 26.29 19.97
N PHE C 373 38.66 26.12 21.02
CA PHE C 373 38.46 24.81 21.65
C PHE C 373 37.93 23.74 20.66
N TYR C 374 37.08 24.15 19.71
CA TYR C 374 36.33 23.19 18.91
C TYR C 374 36.36 23.42 17.38
N SER C 375 37.25 24.31 16.92
CA SER C 375 37.43 24.55 15.48
C SER C 375 37.98 23.30 14.82
N ASP C 376 37.84 23.22 13.50
CA ASP C 376 38.23 22.03 12.77
C ASP C 376 39.63 22.11 12.18
N ASN C 377 40.39 23.13 12.59
CA ASN C 377 41.73 23.33 12.02
C ASN C 377 42.83 23.58 13.03
N ASN C 378 44.05 23.74 12.55
CA ASN C 378 45.17 23.82 13.46
C ASN C 378 45.31 25.16 14.17
N TYR C 379 44.48 26.12 13.82
CA TYR C 379 44.66 27.41 14.47
C TYR C 379 44.12 27.41 15.90
N GLY C 380 45.03 27.58 16.85
CA GLY C 380 44.68 27.52 18.25
C GLY C 380 44.80 26.12 18.84
N TYR C 381 45.44 25.22 18.08
CA TYR C 381 45.66 23.82 18.50
C TYR C 381 47.15 23.64 18.83
N ASN C 382 47.96 23.36 17.81
CA ASN C 382 49.40 23.20 18.00
C ASN C 382 50.15 24.53 17.93
N THR C 383 49.44 25.60 17.64
CA THR C 383 50.08 26.92 17.47
C THR C 383 50.68 27.44 18.79
N PHE C 384 50.07 27.07 19.92
CA PHE C 384 50.60 27.46 21.23
C PHE C 384 51.99 26.90 21.50
N SER C 385 52.47 25.98 20.66
CA SER C 385 53.81 25.44 20.84
CA SER C 385 53.81 25.43 20.82
C SER C 385 54.79 26.08 19.86
N MET C 386 54.28 26.95 19.00
CA MET C 386 55.14 27.70 18.12
C MET C 386 55.59 28.94 18.89
N ASP C 387 56.52 29.69 18.32
CA ASP C 387 56.84 31.04 18.76
C ASP C 387 55.77 31.95 18.14
N SER C 388 55.11 32.77 18.96
CA SER C 388 53.99 33.58 18.48
CA SER C 388 53.99 33.58 18.48
C SER C 388 54.33 34.53 17.33
N GLU C 389 55.59 34.95 17.25
CA GLU C 389 56.02 35.78 16.13
CA GLU C 389 56.05 35.77 16.12
C GLU C 389 56.01 34.99 14.81
N GLU C 390 56.02 33.66 14.94
CA GLU C 390 56.08 32.73 13.80
C GLU C 390 54.71 32.34 13.20
N VAL C 391 53.76 32.02 14.07
CA VAL C 391 52.43 31.56 13.67
C VAL C 391 51.86 32.38 12.52
N ASP C 392 51.52 31.75 11.40
CA ASP C 392 50.81 32.44 10.31
C ASP C 392 49.31 32.11 10.38
N LYS C 393 48.56 32.90 11.15
CA LYS C 393 47.17 32.60 11.44
C LYS C 393 46.40 32.10 10.21
N GLU C 394 46.60 32.76 9.09
CA GLU C 394 45.88 32.45 7.86
CA GLU C 394 45.88 32.45 7.86
C GLU C 394 46.29 31.10 7.30
N LEU C 395 47.59 30.83 7.30
CA LEU C 395 48.09 29.53 6.85
C LEU C 395 47.43 28.42 7.65
N GLU C 396 47.33 28.63 8.96
CA GLU C 396 46.90 27.62 9.93
C GLU C 396 45.39 27.31 9.93
N ILE C 397 44.57 28.33 9.73
CA ILE C 397 43.13 28.14 9.58
C ILE C 397 42.81 27.31 8.33
N LYS C 398 43.83 27.01 7.56
CA LYS C 398 43.74 26.11 6.40
C LYS C 398 44.23 24.70 6.75
N ARG C 399 45.23 24.62 7.64
CA ARG C 399 45.80 23.35 8.07
C ARG C 399 44.76 22.53 8.79
N VAL C 400 44.01 21.76 8.02
CA VAL C 400 43.04 20.87 8.61
C VAL C 400 43.72 19.52 8.93
N PRO C 401 43.07 18.68 9.75
CA PRO C 401 43.70 17.40 10.07
C PRO C 401 43.87 16.53 8.82
N SER C 402 45.09 16.08 8.52
CA SER C 402 45.29 15.04 7.51
C SER C 402 45.86 13.76 8.15
N ALA C 403 46.01 12.70 7.36
CA ALA C 403 46.48 11.41 7.89
C ALA C 403 47.92 11.48 8.40
N ILE C 404 48.26 10.51 9.25
CA ILE C 404 49.60 10.40 9.85
C ILE C 404 50.66 9.93 8.86
N GLU C 405 51.85 10.54 8.92
CA GLU C 405 53.01 10.12 8.11
C GLU C 405 52.78 10.32 6.60
N SER D 2 -22.55 -8.00 -18.67
CA SER D 2 -23.41 -7.04 -19.40
C SER D 2 -24.60 -7.62 -20.22
N SER D 3 -25.79 -7.06 -20.00
CA SER D 3 -27.04 -7.55 -20.60
C SER D 3 -27.10 -7.30 -22.11
N VAL D 4 -27.71 -8.24 -22.85
CA VAL D 4 -27.72 -8.19 -24.33
C VAL D 4 -28.98 -7.55 -24.97
N LYS D 5 -28.85 -6.33 -25.47
CA LYS D 5 -29.94 -5.69 -26.23
C LYS D 5 -30.18 -6.40 -27.57
N ILE D 6 -31.44 -6.67 -27.88
CA ILE D 6 -31.82 -7.42 -29.09
C ILE D 6 -33.10 -6.86 -29.70
N SER D 7 -33.23 -6.99 -31.01
CA SER D 7 -34.47 -6.60 -31.66
CA SER D 7 -34.46 -6.62 -31.69
C SER D 7 -35.43 -7.80 -31.67
N PRO D 8 -36.74 -7.52 -31.86
CA PRO D 8 -37.77 -8.56 -31.76
C PRO D 8 -37.74 -9.61 -32.89
N LEU D 9 -37.85 -10.90 -32.55
CA LEU D 9 -37.91 -11.98 -33.55
C LEU D 9 -39.34 -12.43 -33.96
N LYS D 10 -40.35 -11.82 -33.34
CA LYS D 10 -41.77 -12.11 -33.57
C LYS D 10 -42.23 -12.31 -35.01
N ASP D 11 -41.83 -11.41 -35.89
CA ASP D 11 -42.36 -11.41 -37.25
C ASP D 11 -41.50 -12.21 -38.20
N SER D 12 -40.46 -12.84 -37.67
CA SER D 12 -39.52 -13.59 -38.50
C SER D 12 -39.88 -15.07 -38.65
N GLU D 13 -38.97 -15.82 -39.28
CA GLU D 13 -39.20 -17.22 -39.60
C GLU D 13 -39.02 -18.10 -38.36
N ALA D 14 -38.66 -17.47 -37.25
CA ALA D 14 -38.43 -18.19 -35.99
C ALA D 14 -39.72 -18.54 -35.26
N PHE D 15 -40.81 -17.84 -35.58
CA PHE D 15 -42.13 -18.16 -35.03
C PHE D 15 -43.12 -18.66 -36.10
N GLN D 16 -42.60 -19.49 -36.99
CA GLN D 16 -43.38 -20.22 -37.96
C GLN D 16 -43.29 -21.74 -37.69
N SER D 17 -44.44 -22.41 -37.67
CA SER D 17 -44.49 -23.84 -37.37
C SER D 17 -43.63 -24.70 -38.29
N ILE D 18 -42.84 -25.60 -37.69
CA ILE D 18 -41.99 -26.54 -38.44
C ILE D 18 -42.25 -27.98 -37.95
N LYS D 19 -42.33 -28.92 -38.89
CA LYS D 19 -42.61 -30.32 -38.56
C LYS D 19 -41.31 -31.11 -38.34
N VAL D 20 -41.12 -31.63 -37.14
CA VAL D 20 -39.93 -32.43 -36.86
C VAL D 20 -40.39 -33.79 -36.37
N GLY D 21 -40.25 -34.81 -37.23
CA GLY D 21 -40.86 -36.10 -36.98
C GLY D 21 -42.38 -36.01 -36.97
N ASN D 22 -42.98 -36.40 -35.85
CA ASN D 22 -44.44 -36.47 -35.74
C ASN D 22 -44.99 -35.28 -34.98
N ASN D 23 -44.08 -34.46 -34.47
CA ASN D 23 -44.49 -33.27 -33.74
C ASN D 23 -44.29 -31.96 -34.49
N THR D 24 -45.07 -30.95 -34.13
CA THR D 24 -44.96 -29.66 -34.78
C THR D 24 -44.64 -28.55 -33.77
N LEU D 25 -43.42 -28.04 -33.87
CA LEU D 25 -42.94 -26.93 -33.05
C LEU D 25 -43.45 -25.60 -33.61
N GLN D 26 -43.84 -24.70 -32.70
CA GLN D 26 -44.32 -23.35 -33.06
C GLN D 26 -43.24 -22.26 -32.98
N THR D 27 -42.03 -22.64 -32.55
CA THR D 27 -40.87 -21.73 -32.54
C THR D 27 -39.63 -22.45 -33.01
N LYS D 28 -38.74 -21.76 -33.72
CA LYS D 28 -37.58 -22.46 -34.23
C LYS D 28 -36.44 -22.44 -33.21
N ILE D 29 -36.71 -21.81 -32.06
CA ILE D 29 -35.70 -21.64 -30.99
C ILE D 29 -35.70 -22.79 -29.98
N VAL D 30 -34.54 -23.44 -29.86
CA VAL D 30 -34.38 -24.68 -29.12
C VAL D 30 -33.44 -24.53 -27.90
N TYR D 31 -33.73 -25.23 -26.80
CA TYR D 31 -32.78 -25.36 -25.70
C TYR D 31 -31.92 -26.60 -25.93
N PRO D 32 -30.67 -26.41 -26.36
CA PRO D 32 -29.80 -27.56 -26.65
C PRO D 32 -29.38 -28.34 -25.38
N PRO D 33 -28.86 -29.57 -25.54
CA PRO D 33 -28.50 -30.36 -24.36
C PRO D 33 -27.48 -29.64 -23.45
N THR D 34 -27.91 -29.30 -22.24
CA THR D 34 -27.05 -28.56 -21.35
C THR D 34 -26.83 -29.17 -19.94
N THR D 35 -25.79 -30.01 -19.84
CA THR D 35 -25.36 -30.67 -18.60
C THR D 35 -25.23 -29.68 -17.45
N ARG D 36 -25.66 -30.07 -16.25
CA ARG D 36 -25.67 -29.14 -15.11
C ARG D 36 -25.25 -29.77 -13.77
N PHE D 37 -25.19 -31.09 -13.71
CA PHE D 37 -24.80 -31.78 -12.49
C PHE D 37 -25.72 -31.44 -11.29
N ARG D 38 -27.02 -31.36 -11.57
CA ARG D 38 -28.03 -31.21 -10.53
C ARG D 38 -28.94 -32.43 -10.36
N ALA D 39 -28.43 -33.61 -10.69
CA ALA D 39 -29.13 -34.87 -10.45
C ALA D 39 -28.63 -35.47 -9.13
N LEU D 40 -29.28 -36.55 -8.69
CA LEU D 40 -28.97 -37.21 -7.42
C LEU D 40 -27.77 -38.16 -7.51
N GLU D 41 -27.26 -38.55 -6.34
CA GLU D 41 -26.06 -39.38 -6.24
C GLU D 41 -26.16 -40.65 -7.10
N ASP D 42 -27.38 -41.16 -7.21
CA ASP D 42 -27.67 -42.39 -7.94
C ASP D 42 -28.03 -42.13 -9.41
N HIS D 43 -27.86 -40.89 -9.87
CA HIS D 43 -28.06 -40.51 -11.27
C HIS D 43 -29.54 -40.40 -11.71
N THR D 44 -30.45 -40.27 -10.74
CA THR D 44 -31.88 -40.15 -11.01
C THR D 44 -32.30 -38.70 -11.01
N PRO D 45 -33.10 -38.28 -12.01
CA PRO D 45 -33.72 -36.95 -12.10
C PRO D 45 -34.34 -36.45 -10.79
N SER D 46 -34.36 -35.14 -10.59
CA SER D 46 -34.63 -34.54 -9.28
C SER D 46 -35.62 -33.40 -9.32
N ASP D 47 -36.16 -33.03 -8.16
CA ASP D 47 -37.21 -32.01 -8.08
C ASP D 47 -36.73 -30.66 -8.60
N LEU D 48 -35.39 -30.54 -8.66
CA LEU D 48 -34.77 -29.34 -9.22
C LEU D 48 -34.82 -29.37 -10.75
N GLN D 49 -34.34 -30.47 -11.34
CA GLN D 49 -34.43 -30.65 -12.79
C GLN D 49 -35.89 -30.51 -13.28
N LEU D 50 -36.85 -30.66 -12.36
CA LEU D 50 -38.25 -30.50 -12.70
C LEU D 50 -38.61 -29.05 -12.99
N GLN D 51 -38.42 -28.20 -12.00
CA GLN D 51 -38.74 -26.79 -12.17
C GLN D 51 -37.88 -26.22 -13.31
N TYR D 52 -36.65 -26.69 -13.41
CA TYR D 52 -35.70 -26.20 -14.41
C TYR D 52 -36.19 -26.39 -15.86
N TYR D 53 -36.73 -27.57 -16.15
CA TYR D 53 -37.24 -27.87 -17.48
C TYR D 53 -38.70 -27.44 -17.59
N GLY D 54 -39.45 -27.67 -16.50
CA GLY D 54 -40.77 -27.11 -16.37
C GLY D 54 -40.72 -25.68 -16.84
N ASP D 55 -39.90 -24.88 -16.17
CA ASP D 55 -39.79 -23.43 -16.38
C ASP D 55 -39.55 -22.95 -17.82
N ARG D 56 -38.78 -23.72 -18.58
CA ARG D 56 -38.33 -23.31 -19.90
C ARG D 56 -39.17 -23.91 -21.05
N SER D 57 -40.48 -24.04 -20.84
CA SER D 57 -41.34 -24.69 -21.84
C SER D 57 -42.66 -23.93 -21.93
N THR D 58 -42.77 -22.86 -21.17
CA THR D 58 -44.01 -22.09 -21.10
C THR D 58 -44.49 -21.51 -22.43
N PHE D 59 -43.62 -21.51 -23.44
CA PHE D 59 -44.06 -21.13 -24.79
C PHE D 59 -44.39 -22.37 -25.64
N PRO D 60 -45.68 -22.55 -25.93
CA PRO D 60 -46.32 -23.68 -26.63
C PRO D 60 -45.55 -24.17 -27.87
N GLY D 61 -45.02 -25.38 -27.82
CA GLY D 61 -44.38 -25.94 -29.00
C GLY D 61 -42.87 -25.73 -29.04
N THR D 62 -42.26 -25.45 -27.89
CA THR D 62 -40.81 -25.32 -27.84
C THR D 62 -40.16 -26.68 -27.69
N LEU D 63 -39.07 -26.91 -28.41
CA LEU D 63 -38.37 -28.18 -28.29
C LEU D 63 -37.18 -28.09 -27.31
N LEU D 64 -37.20 -28.88 -26.24
CA LEU D 64 -36.08 -28.90 -25.30
C LEU D 64 -35.23 -30.16 -25.48
N ILE D 65 -33.93 -30.07 -25.21
CA ILE D 65 -33.10 -31.25 -25.26
C ILE D 65 -32.35 -31.38 -23.93
N THR D 66 -32.60 -32.47 -23.24
CA THR D 66 -32.05 -32.69 -21.92
C THR D 66 -30.55 -32.77 -21.93
N GLU D 67 -29.96 -32.46 -20.78
CA GLU D 67 -28.54 -32.66 -20.53
C GLU D 67 -28.11 -34.09 -20.84
N ALA D 68 -26.94 -34.21 -21.45
CA ALA D 68 -26.30 -35.51 -21.66
C ALA D 68 -26.66 -36.48 -20.55
N THR D 69 -27.18 -37.64 -20.93
CA THR D 69 -27.63 -38.63 -19.97
C THR D 69 -26.93 -39.95 -20.27
N PHE D 70 -26.70 -40.77 -19.24
CA PHE D 70 -25.96 -42.03 -19.41
C PHE D 70 -26.90 -43.13 -19.90
N VAL D 71 -26.43 -43.89 -20.88
CA VAL D 71 -27.18 -45.03 -21.39
C VAL D 71 -27.04 -46.23 -20.45
N SER D 72 -25.89 -46.29 -19.75
CA SER D 72 -25.61 -47.36 -18.77
C SER D 72 -24.51 -46.96 -17.76
N PRO D 73 -24.27 -47.83 -16.75
CA PRO D 73 -23.32 -47.53 -15.67
C PRO D 73 -21.94 -47.27 -16.23
N GLN D 74 -21.50 -48.15 -17.12
CA GLN D 74 -20.19 -48.06 -17.78
C GLN D 74 -20.12 -46.90 -18.79
N ALA D 75 -21.20 -46.11 -18.87
CA ALA D 75 -21.23 -44.93 -19.74
C ALA D 75 -20.99 -43.63 -18.98
N SER D 76 -21.13 -43.67 -17.65
CA SER D 76 -20.83 -42.50 -16.83
C SER D 76 -19.31 -42.26 -16.80
N GLY D 77 -18.84 -41.55 -15.77
CA GLY D 77 -17.41 -41.26 -15.63
C GLY D 77 -17.14 -39.81 -15.29
N TRP D 78 -18.21 -39.12 -14.85
CA TRP D 78 -18.13 -37.73 -14.36
C TRP D 78 -18.16 -37.76 -12.83
N GLU D 79 -17.63 -36.69 -12.23
CA GLU D 79 -17.62 -36.54 -10.77
C GLU D 79 -18.75 -35.61 -10.32
N GLY D 80 -19.59 -35.23 -11.27
CA GLY D 80 -20.79 -34.48 -10.98
C GLY D 80 -21.96 -35.43 -11.16
N ALA D 81 -23.08 -35.11 -10.52
CA ALA D 81 -24.23 -35.99 -10.57
C ALA D 81 -25.01 -35.79 -11.89
N ALA D 82 -24.57 -36.47 -12.94
CA ALA D 82 -25.27 -36.46 -14.22
C ALA D 82 -26.27 -37.62 -14.28
N PRO D 83 -27.50 -37.38 -14.77
CA PRO D 83 -28.50 -38.46 -14.84
C PRO D 83 -28.17 -39.61 -15.80
N GLY D 84 -28.93 -40.69 -15.63
CA GLY D 84 -28.90 -41.79 -16.58
C GLY D 84 -30.32 -42.11 -16.99
N ILE D 85 -30.45 -43.09 -17.88
CA ILE D 85 -31.78 -43.57 -18.29
C ILE D 85 -31.66 -45.05 -18.67
N TRP D 86 -31.17 -45.86 -17.73
CA TRP D 86 -31.04 -47.31 -17.93
C TRP D 86 -31.94 -48.13 -16.99
N THR D 87 -32.24 -47.59 -15.81
CA THR D 87 -33.10 -48.25 -14.84
C THR D 87 -34.55 -47.81 -15.02
N ASP D 88 -35.45 -48.45 -14.28
CA ASP D 88 -36.83 -47.98 -14.23
C ASP D 88 -36.98 -46.78 -13.27
N LYS D 89 -36.15 -46.75 -12.22
CA LYS D 89 -36.20 -45.66 -11.24
C LYS D 89 -35.88 -44.28 -11.87
N HIS D 90 -34.91 -44.30 -12.80
CA HIS D 90 -34.63 -43.19 -13.70
C HIS D 90 -35.87 -42.84 -14.51
N ALA D 91 -36.17 -43.65 -15.52
CA ALA D 91 -37.35 -43.52 -16.41
C ALA D 91 -38.67 -43.02 -15.77
N LYS D 92 -39.05 -43.57 -14.62
CA LYS D 92 -40.27 -43.11 -13.97
C LYS D 92 -40.16 -41.63 -13.58
N ALA D 93 -38.96 -41.19 -13.23
CA ALA D 93 -38.70 -39.80 -12.79
C ALA D 93 -38.58 -38.78 -13.93
N TRP D 94 -37.71 -39.09 -14.89
CA TRP D 94 -37.62 -38.34 -16.15
C TRP D 94 -38.98 -38.22 -16.76
N LYS D 95 -39.96 -38.94 -16.20
CA LYS D 95 -41.31 -39.03 -16.76
C LYS D 95 -42.29 -38.03 -16.13
N VAL D 96 -41.98 -37.55 -14.94
CA VAL D 96 -42.77 -36.48 -14.33
C VAL D 96 -42.38 -35.19 -15.06
N ILE D 97 -41.15 -35.25 -15.59
CA ILE D 97 -40.56 -34.15 -16.34
C ILE D 97 -41.25 -34.03 -17.69
N THR D 98 -41.14 -35.07 -18.54
CA THR D 98 -41.80 -35.05 -19.84
C THR D 98 -43.28 -34.66 -19.74
N ASP D 99 -43.92 -34.98 -18.61
CA ASP D 99 -45.33 -34.67 -18.45
C ASP D 99 -45.59 -33.17 -18.25
N LYS D 100 -44.69 -32.50 -17.53
CA LYS D 100 -44.82 -31.06 -17.26
C LYS D 100 -44.63 -30.20 -18.51
N VAL D 101 -43.55 -30.49 -19.24
CA VAL D 101 -43.27 -29.96 -20.56
C VAL D 101 -44.46 -30.16 -21.52
N HIS D 102 -45.00 -31.37 -21.55
CA HIS D 102 -46.14 -31.73 -22.44
C HIS D 102 -47.43 -30.99 -22.08
N ALA D 103 -47.82 -30.99 -20.81
CA ALA D 103 -49.00 -30.23 -20.39
C ALA D 103 -48.84 -28.76 -20.80
N ASN D 104 -47.68 -28.44 -21.35
CA ASN D 104 -47.37 -27.08 -21.78
C ASN D 104 -47.20 -26.97 -23.30
N GLY D 105 -47.79 -27.90 -24.03
CA GLY D 105 -47.76 -27.85 -25.46
C GLY D 105 -46.41 -28.24 -26.04
N SER D 106 -45.41 -28.37 -25.18
CA SER D 106 -44.07 -28.48 -25.72
C SER D 106 -43.54 -29.92 -25.83
N PHE D 107 -42.33 -30.05 -26.34
CA PHE D 107 -41.76 -31.37 -26.58
C PHE D 107 -40.41 -31.49 -25.86
N VAL D 108 -39.85 -32.69 -25.83
CA VAL D 108 -38.55 -32.89 -25.22
C VAL D 108 -37.81 -34.06 -25.83
N SER D 109 -36.52 -33.86 -26.02
CA SER D 109 -35.67 -34.82 -26.68
C SER D 109 -34.66 -35.19 -25.59
N THR D 110 -33.99 -36.35 -25.69
CA THR D 110 -32.95 -36.65 -24.71
C THR D 110 -31.61 -36.99 -25.36
N GLN D 111 -30.55 -36.44 -24.80
CA GLN D 111 -29.25 -36.74 -25.33
C GLN D 111 -28.71 -37.94 -24.58
N LEU D 112 -28.20 -38.91 -25.33
CA LEU D 112 -27.63 -40.10 -24.73
C LEU D 112 -26.10 -40.04 -24.81
N ILE D 113 -25.46 -39.83 -23.67
CA ILE D 113 -24.02 -39.67 -23.65
C ILE D 113 -23.26 -40.92 -23.20
N PHE D 114 -22.01 -40.97 -23.61
CA PHE D 114 -21.14 -42.07 -23.29
C PHE D 114 -19.76 -41.48 -23.35
N LEU D 115 -19.16 -41.27 -22.18
CA LEU D 115 -17.88 -40.58 -22.08
C LEU D 115 -16.71 -41.39 -22.62
N GLY D 116 -16.65 -42.67 -22.26
CA GLY D 116 -15.53 -43.50 -22.66
C GLY D 116 -14.19 -42.84 -22.35
N ARG D 117 -13.30 -42.88 -23.34
CA ARG D 117 -11.90 -42.46 -23.16
C ARG D 117 -11.62 -41.35 -22.13
N VAL D 118 -12.66 -40.66 -21.65
CA VAL D 118 -12.43 -39.56 -20.72
C VAL D 118 -13.25 -39.66 -19.44
N ALA D 119 -13.75 -40.86 -19.16
CA ALA D 119 -14.39 -41.13 -17.88
C ALA D 119 -13.34 -40.99 -16.77
N ASP D 120 -13.72 -40.39 -15.64
CA ASP D 120 -12.80 -40.29 -14.50
C ASP D 120 -12.40 -41.68 -14.03
N PRO D 121 -11.10 -41.99 -14.05
CA PRO D 121 -10.64 -43.37 -13.76
C PRO D 121 -10.94 -43.84 -12.31
N ALA D 122 -11.19 -42.89 -11.42
CA ALA D 122 -11.50 -43.21 -10.02
C ALA D 122 -12.99 -43.48 -9.78
N VAL D 123 -13.84 -43.06 -10.72
CA VAL D 123 -15.27 -43.32 -10.61
C VAL D 123 -15.72 -44.62 -11.29
N MET D 124 -15.17 -44.90 -12.48
CA MET D 124 -15.38 -46.18 -13.18
C MET D 124 -14.94 -47.34 -12.29
N LYS D 125 -14.09 -47.01 -11.33
CA LYS D 125 -13.48 -47.99 -10.44
C LYS D 125 -14.38 -48.34 -9.25
N THR D 126 -15.14 -47.37 -8.72
CA THR D 126 -16.08 -47.68 -7.64
C THR D 126 -17.26 -48.51 -8.17
N ARG D 127 -17.19 -48.82 -9.46
CA ARG D 127 -18.17 -49.67 -10.14
C ARG D 127 -17.47 -50.85 -10.77
N GLY D 128 -16.21 -51.09 -10.38
CA GLY D 128 -15.43 -52.21 -10.87
C GLY D 128 -15.35 -52.33 -12.38
N LEU D 129 -14.89 -51.26 -13.03
CA LEU D 129 -14.90 -51.16 -14.47
C LEU D 129 -13.61 -50.51 -14.98
N ASN D 130 -13.52 -50.33 -16.28
CA ASN D 130 -12.42 -49.56 -16.86
C ASN D 130 -12.92 -48.26 -17.46
N PRO D 131 -12.00 -47.41 -17.93
CA PRO D 131 -12.43 -46.44 -18.94
C PRO D 131 -12.46 -47.15 -20.30
N VAL D 132 -13.43 -46.85 -21.18
CA VAL D 132 -13.46 -47.53 -22.49
C VAL D 132 -13.62 -46.61 -23.68
N SER D 133 -13.28 -47.16 -24.85
CA SER D 133 -13.37 -46.43 -26.10
C SER D 133 -13.06 -47.35 -27.25
N ALA D 134 -12.78 -46.76 -28.41
CA ALA D 134 -12.54 -47.51 -29.64
C ALA D 134 -11.10 -48.00 -29.71
N SER D 135 -10.24 -47.35 -28.95
CA SER D 135 -8.83 -47.67 -28.88
C SER D 135 -8.37 -47.24 -27.50
N ALA D 136 -7.15 -47.59 -27.12
CA ALA D 136 -6.67 -47.24 -25.78
C ALA D 136 -5.93 -45.89 -25.79
N THR D 137 -6.68 -44.80 -25.70
CA THR D 137 -6.10 -43.46 -25.73
C THR D 137 -6.55 -42.58 -24.56
N TYR D 138 -5.86 -41.45 -24.38
CA TYR D 138 -6.16 -40.52 -23.30
C TYR D 138 -6.19 -39.11 -23.86
N GLU D 139 -7.07 -38.29 -23.30
CA GLU D 139 -7.14 -36.87 -23.59
C GLU D 139 -5.74 -36.25 -23.51
N SER D 140 -5.20 -36.22 -22.29
CA SER D 140 -3.91 -35.59 -22.00
C SER D 140 -2.86 -36.59 -21.49
N ASP D 141 -1.65 -36.08 -21.25
CA ASP D 141 -0.64 -36.84 -20.51
C ASP D 141 -1.03 -36.85 -19.04
N ALA D 142 -1.76 -35.81 -18.62
CA ALA D 142 -2.22 -35.67 -17.24
C ALA D 142 -3.34 -36.65 -16.92
N ALA D 143 -4.01 -37.14 -17.95
CA ALA D 143 -5.17 -38.02 -17.79
C ALA D 143 -4.79 -39.48 -17.95
N LYS D 144 -3.63 -39.72 -18.55
CA LYS D 144 -3.03 -41.07 -18.58
C LYS D 144 -2.37 -41.36 -17.23
N GLU D 145 -1.64 -40.38 -16.71
CA GLU D 145 -0.97 -40.52 -15.43
C GLU D 145 -1.97 -40.68 -14.27
N ALA D 146 -3.04 -39.88 -14.27
CA ALA D 146 -4.07 -39.97 -13.23
C ALA D 146 -4.83 -41.30 -13.28
N ALA D 147 -4.84 -41.92 -14.46
CA ALA D 147 -5.51 -43.22 -14.67
C ALA D 147 -4.66 -44.37 -14.14
N GLU D 148 -3.43 -44.49 -14.65
CA GLU D 148 -2.51 -45.55 -14.25
C GLU D 148 -2.15 -45.47 -12.75
N ALA D 149 -2.25 -44.27 -12.19
CA ALA D 149 -1.91 -44.04 -10.79
C ALA D 149 -2.90 -44.68 -9.80
N VAL D 150 -4.02 -45.19 -10.31
CA VAL D 150 -4.98 -45.87 -9.45
C VAL D 150 -5.40 -47.20 -10.08
N GLY D 151 -4.50 -47.79 -10.87
CA GLY D 151 -4.71 -49.11 -11.45
C GLY D 151 -5.94 -49.29 -12.32
N ASN D 152 -6.32 -48.23 -13.03
CA ASN D 152 -7.55 -48.24 -13.85
C ASN D 152 -7.35 -47.61 -15.22
N PRO D 153 -6.55 -48.26 -16.08
CA PRO D 153 -6.22 -47.75 -17.42
C PRO D 153 -7.31 -48.00 -18.46
N VAL D 154 -7.39 -47.14 -19.48
CA VAL D 154 -8.37 -47.28 -20.56
C VAL D 154 -8.14 -48.57 -21.36
N ARG D 155 -9.22 -49.31 -21.63
CA ARG D 155 -9.10 -50.51 -22.46
C ARG D 155 -10.01 -50.43 -23.68
N ALA D 156 -9.50 -50.92 -24.81
CA ALA D 156 -10.24 -50.91 -26.08
C ALA D 156 -11.37 -51.92 -26.07
N LEU D 157 -12.54 -51.49 -26.52
CA LEU D 157 -13.70 -52.35 -26.57
C LEU D 157 -13.40 -53.52 -27.52
N THR D 158 -14.03 -54.66 -27.25
CA THR D 158 -13.85 -55.82 -28.10
C THR D 158 -15.04 -55.92 -29.04
N THR D 159 -14.77 -56.30 -30.28
CA THR D 159 -15.81 -56.40 -31.29
C THR D 159 -17.16 -56.81 -30.69
N GLN D 160 -17.14 -57.63 -29.65
CA GLN D 160 -18.38 -58.05 -28.99
C GLN D 160 -18.96 -56.93 -28.11
N GLU D 161 -18.09 -56.21 -27.39
CA GLU D 161 -18.54 -55.07 -26.62
C GLU D 161 -19.12 -53.92 -27.46
N VAL D 162 -18.57 -53.70 -28.65
CA VAL D 162 -19.12 -52.75 -29.60
C VAL D 162 -20.59 -53.11 -29.91
N LYS D 163 -20.86 -54.41 -30.05
CA LYS D 163 -22.22 -54.92 -30.29
C LYS D 163 -23.12 -54.86 -29.05
N ASP D 164 -22.55 -55.15 -27.88
CA ASP D 164 -23.32 -55.11 -26.64
C ASP D 164 -23.91 -53.73 -26.49
N LEU D 165 -23.24 -52.77 -27.11
CA LEU D 165 -23.64 -51.37 -27.07
C LEU D 165 -24.94 -51.11 -27.83
N VAL D 166 -24.94 -51.53 -29.09
CA VAL D 166 -26.08 -51.40 -30.01
C VAL D 166 -27.30 -52.15 -29.48
N TYR D 167 -27.07 -53.39 -29.06
CA TYR D 167 -28.15 -54.34 -28.77
C TYR D 167 -28.57 -54.44 -27.29
N GLU D 168 -27.64 -54.17 -26.38
CA GLU D 168 -27.88 -54.22 -24.92
C GLU D 168 -27.87 -52.85 -24.26
N ALA D 169 -26.78 -52.13 -24.49
CA ALA D 169 -26.49 -50.84 -23.86
C ALA D 169 -27.42 -49.72 -24.32
N TYR D 170 -27.41 -49.45 -25.63
CA TYR D 170 -28.22 -48.37 -26.22
C TYR D 170 -29.69 -48.74 -26.38
N THR D 171 -29.95 -50.01 -26.68
CA THR D 171 -31.31 -50.53 -26.85
C THR D 171 -32.11 -50.45 -25.55
N ASN D 172 -31.59 -51.04 -24.47
CA ASN D 172 -32.17 -50.85 -23.14
C ASN D 172 -32.46 -49.37 -23.00
N ALA D 173 -31.38 -48.61 -23.22
CA ALA D 173 -31.39 -47.15 -23.17
C ALA D 173 -32.58 -46.58 -23.91
N ALA D 174 -32.63 -46.81 -25.22
CA ALA D 174 -33.70 -46.26 -26.05
C ALA D 174 -35.11 -46.64 -25.54
N GLN D 175 -35.25 -47.84 -24.97
CA GLN D 175 -36.54 -48.32 -24.47
C GLN D 175 -36.97 -47.76 -23.12
N LYS D 176 -36.05 -47.70 -22.17
CA LYS D 176 -36.30 -46.99 -20.92
C LYS D 176 -36.73 -45.54 -21.22
N ALA D 177 -36.25 -45.02 -22.35
CA ALA D 177 -36.48 -43.65 -22.78
C ALA D 177 -37.92 -43.38 -23.25
N MET D 178 -38.45 -44.34 -24.02
CA MET D 178 -39.84 -44.32 -24.50
C MET D 178 -40.84 -44.52 -23.37
N ASP D 179 -40.48 -45.39 -22.43
CA ASP D 179 -41.26 -45.57 -21.20
C ASP D 179 -41.35 -44.23 -20.50
N ALA D 180 -40.23 -43.50 -20.57
CA ALA D 180 -39.98 -42.26 -19.85
C ALA D 180 -40.79 -41.01 -20.30
N GLY D 181 -41.15 -40.92 -21.58
CA GLY D 181 -41.97 -39.80 -22.04
C GLY D 181 -41.32 -38.95 -23.12
N PHE D 182 -40.11 -39.33 -23.51
CA PHE D 182 -39.32 -38.54 -24.46
C PHE D 182 -39.88 -38.64 -25.87
N ASP D 183 -40.05 -37.47 -26.47
CA ASP D 183 -40.51 -37.37 -27.84
C ASP D 183 -39.36 -37.69 -28.80
N TYR D 184 -38.13 -37.49 -28.33
CA TYR D 184 -36.97 -37.96 -29.08
C TYR D 184 -35.85 -38.50 -28.20
N ILE D 185 -34.81 -38.94 -28.86
CA ILE D 185 -33.56 -39.32 -28.21
C ILE D 185 -32.42 -38.92 -29.13
N GLU D 186 -31.45 -38.21 -28.60
CA GLU D 186 -30.36 -37.74 -29.45
C GLU D 186 -29.05 -38.43 -29.08
N LEU D 187 -28.50 -39.17 -30.05
CA LEU D 187 -27.15 -39.71 -29.99
C LEU D 187 -26.09 -38.60 -29.98
N HIS D 188 -25.36 -38.46 -28.87
CA HIS D 188 -24.32 -37.44 -28.73
C HIS D 188 -23.04 -37.84 -29.44
N ALA D 189 -22.94 -37.55 -30.72
CA ALA D 189 -21.78 -37.98 -31.49
C ALA D 189 -20.78 -36.85 -31.66
N ALA D 190 -20.65 -36.01 -30.64
CA ALA D 190 -19.74 -34.86 -30.72
C ALA D 190 -18.83 -34.73 -29.51
N HIS D 191 -18.18 -33.57 -29.42
CA HIS D 191 -17.44 -33.15 -28.23
C HIS D 191 -16.39 -34.13 -27.66
N GLY D 192 -15.85 -35.01 -28.52
CA GLY D 192 -14.82 -35.95 -28.11
C GLY D 192 -15.28 -37.12 -27.24
N TYR D 193 -16.60 -37.40 -27.23
CA TYR D 193 -17.17 -38.53 -26.49
C TYR D 193 -17.19 -39.81 -27.33
N LEU D 194 -17.84 -40.86 -26.82
CA LEU D 194 -17.62 -42.19 -27.40
C LEU D 194 -17.88 -42.28 -28.88
N LEU D 195 -19.08 -41.91 -29.30
CA LEU D 195 -19.39 -41.87 -30.71
C LEU D 195 -18.39 -41.01 -31.53
N ASP D 196 -18.05 -39.82 -31.01
CA ASP D 196 -16.99 -38.99 -31.62
C ASP D 196 -15.62 -39.71 -31.58
N GLN D 197 -15.26 -40.31 -30.44
CA GLN D 197 -14.03 -41.10 -30.32
C GLN D 197 -13.94 -42.21 -31.39
N PHE D 198 -15.05 -42.92 -31.58
CA PHE D 198 -15.20 -43.91 -32.63
C PHE D 198 -15.16 -43.34 -34.07
N LEU D 199 -15.67 -42.12 -34.26
CA LEU D 199 -15.77 -41.50 -35.59
C LEU D 199 -14.43 -41.04 -36.20
N GLN D 200 -13.50 -40.60 -35.34
CA GLN D 200 -12.30 -39.87 -35.77
C GLN D 200 -10.93 -40.56 -35.51
N PRO D 201 -10.11 -40.63 -36.55
CA PRO D 201 -8.85 -41.39 -36.60
C PRO D 201 -7.87 -41.10 -35.47
N CYS D 202 -8.05 -40.01 -34.74
CA CYS D 202 -7.13 -39.67 -33.66
C CYS D 202 -7.44 -40.51 -32.43
N THR D 203 -8.65 -41.07 -32.40
CA THR D 203 -9.12 -41.80 -31.23
C THR D 203 -9.61 -43.23 -31.57
N ASN D 204 -9.43 -43.62 -32.82
CA ASN D 204 -9.92 -44.90 -33.32
C ASN D 204 -8.99 -45.48 -34.38
N GLN D 205 -8.04 -46.31 -33.93
CA GLN D 205 -7.14 -47.03 -34.81
CA GLN D 205 -7.19 -47.03 -34.87
C GLN D 205 -7.47 -48.54 -34.79
N ARG D 206 -8.70 -48.88 -34.40
CA ARG D 206 -9.15 -50.27 -34.27
C ARG D 206 -8.85 -51.14 -35.49
N THR D 207 -8.56 -52.42 -35.25
CA THR D 207 -8.14 -53.32 -36.32
C THR D 207 -9.32 -54.12 -36.91
N ASP D 208 -10.44 -54.15 -36.19
CA ASP D 208 -11.62 -54.87 -36.64
C ASP D 208 -12.40 -54.07 -37.70
N GLU D 209 -13.72 -54.01 -37.56
CA GLU D 209 -14.56 -53.39 -38.57
C GLU D 209 -15.15 -52.05 -38.09
N TYR D 210 -14.80 -51.67 -36.88
CA TYR D 210 -15.24 -50.41 -36.30
C TYR D 210 -14.09 -49.40 -36.31
N GLY D 211 -13.19 -49.58 -37.27
CA GLY D 211 -12.03 -48.72 -37.45
C GLY D 211 -11.16 -49.20 -38.60
N GLY D 212 -10.24 -48.35 -39.04
CA GLY D 212 -9.28 -48.72 -40.07
C GLY D 212 -9.63 -48.16 -41.44
N SER D 213 -10.90 -47.78 -41.61
CA SER D 213 -11.30 -46.98 -42.78
C SER D 213 -12.22 -45.83 -42.35
N ILE D 214 -12.70 -45.09 -43.33
CA ILE D 214 -13.66 -44.04 -43.01
C ILE D 214 -15.02 -44.67 -42.73
N GLU D 215 -15.45 -45.53 -43.64
CA GLU D 215 -16.70 -46.26 -43.48
C GLU D 215 -16.75 -46.99 -42.13
N ASN D 216 -15.74 -47.83 -41.89
CA ASN D 216 -15.63 -48.59 -40.63
C ASN D 216 -15.76 -47.72 -39.40
N ARG D 217 -15.02 -46.62 -39.40
CA ARG D 217 -15.07 -45.69 -38.28
C ARG D 217 -16.51 -45.20 -37.99
N ALA D 218 -17.32 -45.10 -39.04
CA ALA D 218 -18.70 -44.68 -38.92
C ALA D 218 -19.60 -45.84 -38.55
N ARG D 219 -19.21 -47.03 -39.00
CA ARG D 219 -20.01 -48.24 -38.80
C ARG D 219 -20.83 -48.33 -37.50
N LEU D 220 -20.22 -48.08 -36.34
CA LEU D 220 -20.94 -48.24 -35.07
C LEU D 220 -22.11 -47.29 -34.95
N ILE D 221 -21.91 -46.05 -35.37
CA ILE D 221 -22.88 -44.99 -35.13
C ILE D 221 -24.14 -45.20 -35.98
N LEU D 222 -23.95 -45.43 -37.28
CA LEU D 222 -25.02 -45.83 -38.19
C LEU D 222 -25.71 -47.14 -37.73
N GLU D 223 -24.92 -48.09 -37.26
CA GLU D 223 -25.47 -49.33 -36.71
C GLU D 223 -26.43 -49.02 -35.56
N LEU D 224 -26.17 -47.92 -34.88
CA LEU D 224 -27.00 -47.50 -33.77
C LEU D 224 -28.25 -46.81 -34.30
N ILE D 225 -28.07 -46.08 -35.40
CA ILE D 225 -29.18 -45.36 -36.06
C ILE D 225 -30.18 -46.37 -36.63
N ASP D 226 -29.65 -47.34 -37.35
CA ASP D 226 -30.44 -48.37 -37.99
C ASP D 226 -31.24 -49.23 -37.00
N HIS D 227 -30.62 -49.57 -35.87
CA HIS D 227 -31.28 -50.43 -34.89
C HIS D 227 -32.31 -49.69 -34.03
N LEU D 228 -31.92 -48.51 -33.55
CA LEU D 228 -32.80 -47.66 -32.74
C LEU D 228 -33.92 -47.14 -33.63
N SER D 229 -33.67 -47.12 -34.94
CA SER D 229 -34.70 -46.70 -35.87
C SER D 229 -35.84 -47.71 -35.81
N THR D 230 -35.49 -48.99 -35.75
CA THR D 230 -36.48 -50.09 -35.67
C THR D 230 -37.13 -50.27 -34.28
N ILE D 231 -36.57 -49.66 -33.25
CA ILE D 231 -37.12 -49.80 -31.90
C ILE D 231 -38.02 -48.63 -31.48
N VAL D 232 -37.83 -47.49 -32.14
CA VAL D 232 -38.47 -46.25 -31.72
C VAL D 232 -38.96 -45.49 -32.94
N GLY D 233 -38.31 -45.77 -34.08
CA GLY D 233 -38.70 -45.21 -35.36
C GLY D 233 -37.99 -43.93 -35.70
N ALA D 234 -37.25 -43.94 -36.82
CA ALA D 234 -36.47 -42.80 -37.31
C ALA D 234 -37.00 -41.42 -36.86
N ASP D 235 -38.32 -41.26 -36.82
CA ASP D 235 -38.97 -39.99 -36.50
C ASP D 235 -38.90 -39.61 -35.02
N LYS D 236 -37.98 -40.25 -34.31
CA LYS D 236 -37.70 -39.92 -32.91
C LYS D 236 -36.19 -39.99 -32.61
N ILE D 237 -35.39 -40.27 -33.65
CA ILE D 237 -33.94 -40.26 -33.55
C ILE D 237 -33.28 -38.96 -34.03
N GLY D 238 -32.50 -38.33 -33.13
CA GLY D 238 -31.64 -37.19 -33.47
C GLY D 238 -30.15 -37.46 -33.18
N ILE D 239 -29.27 -36.67 -33.80
CA ILE D 239 -27.83 -36.87 -33.66
C ILE D 239 -27.07 -35.52 -33.67
N ARG D 240 -26.17 -35.31 -32.70
CA ARG D 240 -25.36 -34.09 -32.65
C ARG D 240 -23.92 -34.34 -33.12
N ILE D 241 -23.35 -33.37 -33.82
CA ILE D 241 -21.96 -33.47 -34.25
C ILE D 241 -21.21 -32.12 -34.15
N SER D 242 -19.97 -32.16 -33.69
CA SER D 242 -19.18 -30.94 -33.56
C SER D 242 -17.90 -31.08 -34.39
N PRO D 243 -18.03 -30.99 -35.72
CA PRO D 243 -17.01 -31.35 -36.71
C PRO D 243 -15.71 -30.57 -36.54
N TRP D 244 -15.83 -29.32 -36.08
CA TRP D 244 -14.67 -28.45 -35.93
C TRP D 244 -14.23 -28.27 -34.49
N ALA D 245 -15.00 -28.81 -33.54
CA ALA D 245 -14.60 -28.70 -32.14
C ALA D 245 -13.34 -29.51 -31.83
N THR D 246 -12.66 -29.07 -30.77
CA THR D 246 -11.36 -29.57 -30.40
C THR D 246 -11.47 -30.00 -28.96
N PHE D 247 -12.66 -29.83 -28.41
CA PHE D 247 -12.96 -30.27 -27.05
C PHE D 247 -12.35 -31.64 -26.76
N GLN D 248 -11.82 -31.76 -25.54
CA GLN D 248 -11.21 -33.01 -25.10
C GLN D 248 -10.21 -33.55 -26.14
N ASN D 249 -9.34 -32.64 -26.58
CA ASN D 249 -8.22 -32.89 -27.49
C ASN D 249 -8.55 -33.68 -28.77
N MET D 250 -9.66 -33.32 -29.40
CA MET D 250 -9.99 -33.85 -30.71
C MET D 250 -9.26 -33.03 -31.76
N LYS D 251 -8.55 -33.71 -32.66
CA LYS D 251 -7.68 -33.07 -33.64
C LYS D 251 -8.40 -32.09 -34.57
N ALA D 252 -9.69 -32.34 -34.77
CA ALA D 252 -10.50 -31.53 -35.68
C ALA D 252 -9.78 -31.38 -37.03
N HIS D 253 -9.27 -30.18 -37.34
CA HIS D 253 -8.69 -29.95 -38.67
C HIS D 253 -7.28 -30.48 -38.87
N LYS D 254 -6.57 -30.75 -37.77
CA LYS D 254 -5.18 -31.22 -37.81
C LYS D 254 -5.09 -32.75 -37.83
N ASP D 255 -6.22 -33.42 -38.03
CA ASP D 255 -6.25 -34.88 -38.00
C ASP D 255 -5.71 -35.44 -39.31
N THR D 256 -5.67 -36.76 -39.44
CA THR D 256 -5.24 -37.40 -40.69
C THR D 256 -6.44 -37.56 -41.63
N VAL D 257 -7.61 -37.22 -41.09
CA VAL D 257 -8.80 -37.11 -41.91
C VAL D 257 -9.56 -35.89 -41.43
N HIS D 258 -9.74 -34.95 -42.35
CA HIS D 258 -10.46 -33.72 -42.11
C HIS D 258 -11.89 -34.10 -41.73
N PRO D 259 -12.50 -33.35 -40.81
CA PRO D 259 -13.92 -33.55 -40.48
C PRO D 259 -14.90 -33.45 -41.69
N LEU D 260 -14.56 -32.68 -42.73
CA LEU D 260 -15.42 -32.61 -43.92
C LEU D 260 -15.51 -33.99 -44.55
N THR D 261 -14.35 -34.62 -44.73
CA THR D 261 -14.29 -36.01 -45.17
C THR D 261 -15.13 -36.86 -44.22
N THR D 262 -14.80 -36.79 -42.92
CA THR D 262 -15.51 -37.55 -41.89
C THR D 262 -17.01 -37.31 -41.85
N PHE D 263 -17.43 -36.05 -41.74
CA PHE D 263 -18.85 -35.82 -41.49
C PHE D 263 -19.74 -35.73 -42.72
N SER D 264 -19.19 -35.39 -43.88
CA SER D 264 -19.98 -35.45 -45.11
C SER D 264 -20.38 -36.90 -45.42
N TYR D 265 -19.44 -37.84 -45.28
CA TYR D 265 -19.79 -39.25 -45.37
C TYR D 265 -20.95 -39.60 -44.44
N LEU D 266 -20.78 -39.34 -43.14
CA LEU D 266 -21.79 -39.73 -42.16
C LEU D 266 -23.13 -39.10 -42.48
N VAL D 267 -23.13 -37.83 -42.87
CA VAL D 267 -24.39 -37.15 -43.16
C VAL D 267 -25.04 -37.63 -44.45
N HIS D 268 -24.24 -37.93 -45.46
CA HIS D 268 -24.77 -38.42 -46.72
C HIS D 268 -25.38 -39.81 -46.60
N GLU D 269 -24.89 -40.61 -45.67
CA GLU D 269 -25.50 -41.93 -45.39
C GLU D 269 -26.78 -41.69 -44.62
N LEU D 270 -26.85 -40.60 -43.88
CA LEU D 270 -28.07 -40.28 -43.19
C LEU D 270 -29.17 -39.79 -44.14
N GLN D 271 -28.77 -39.24 -45.28
CA GLN D 271 -29.74 -38.76 -46.27
C GLN D 271 -30.27 -39.96 -47.04
N GLN D 272 -29.36 -40.88 -47.36
CA GLN D 272 -29.73 -42.08 -48.09
C GLN D 272 -30.75 -42.88 -47.28
N ARG D 273 -30.63 -42.83 -45.95
CA ARG D 273 -31.62 -43.45 -45.07
C ARG D 273 -32.95 -42.71 -45.12
N ALA D 274 -32.87 -41.39 -45.21
CA ALA D 274 -34.06 -40.56 -45.32
C ALA D 274 -34.76 -40.80 -46.66
N ASP D 275 -33.96 -40.99 -47.70
CA ASP D 275 -34.49 -41.31 -49.04
C ASP D 275 -35.31 -42.61 -49.10
N LYS D 276 -35.07 -43.51 -48.14
CA LYS D 276 -35.80 -44.78 -48.04
C LYS D 276 -37.00 -44.72 -47.09
N GLY D 277 -37.16 -43.61 -46.37
CA GLY D 277 -38.30 -43.42 -45.49
C GLY D 277 -37.93 -43.59 -44.03
N GLN D 278 -36.65 -43.90 -43.82
CA GLN D 278 -36.07 -44.05 -42.49
C GLN D 278 -35.27 -42.81 -42.09
N GLY D 279 -35.62 -41.66 -42.64
CA GLY D 279 -34.99 -40.39 -42.29
C GLY D 279 -35.20 -39.98 -40.83
N ILE D 280 -34.09 -39.75 -40.12
CA ILE D 280 -34.19 -39.40 -38.71
C ILE D 280 -34.84 -38.03 -38.57
N ALA D 281 -35.22 -37.65 -37.35
CA ALA D 281 -35.96 -36.40 -37.13
C ALA D 281 -35.16 -35.11 -37.46
N TYR D 282 -33.91 -35.05 -36.99
CA TYR D 282 -33.08 -33.86 -37.19
C TYR D 282 -31.60 -34.10 -36.94
N ILE D 283 -30.75 -33.31 -37.59
CA ILE D 283 -29.33 -33.34 -37.29
C ILE D 283 -28.96 -32.08 -36.52
N SER D 284 -28.51 -32.24 -35.28
CA SER D 284 -28.09 -31.13 -34.42
C SER D 284 -26.60 -30.86 -34.68
N VAL D 285 -26.27 -29.63 -35.07
CA VAL D 285 -24.86 -29.24 -35.25
C VAL D 285 -24.39 -28.16 -34.27
N VAL D 286 -23.08 -28.04 -34.18
CA VAL D 286 -22.41 -27.08 -33.34
C VAL D 286 -21.79 -26.11 -34.31
N GLU D 287 -22.06 -24.83 -34.15
CA GLU D 287 -21.46 -23.82 -35.03
C GLU D 287 -19.99 -23.58 -34.66
N PRO D 288 -19.12 -23.38 -35.67
CA PRO D 288 -17.67 -23.32 -35.43
C PRO D 288 -17.22 -22.20 -34.50
N ARG D 289 -18.15 -21.33 -34.08
CA ARG D 289 -17.91 -20.27 -33.09
C ARG D 289 -17.90 -20.83 -31.68
N VAL D 290 -17.97 -22.16 -31.54
CA VAL D 290 -18.04 -22.79 -30.22
C VAL D 290 -17.47 -24.20 -30.27
N SER D 291 -16.88 -24.62 -29.15
CA SER D 291 -16.30 -25.96 -29.00
C SER D 291 -16.58 -26.50 -27.59
N GLY D 292 -17.47 -27.48 -27.48
CA GLY D 292 -17.97 -27.87 -26.18
C GLY D 292 -18.65 -26.71 -25.47
N ASN D 293 -18.21 -26.38 -24.26
CA ASN D 293 -18.82 -25.35 -23.41
C ASN D 293 -18.24 -23.94 -23.55
N VAL D 294 -17.39 -23.73 -24.56
CA VAL D 294 -16.52 -22.56 -24.62
C VAL D 294 -16.46 -21.92 -26.00
N ASP D 295 -16.15 -20.62 -26.05
CA ASP D 295 -16.00 -19.90 -27.33
C ASP D 295 -14.70 -20.16 -28.11
N VAL D 296 -14.80 -20.15 -29.43
CA VAL D 296 -13.63 -20.16 -30.30
C VAL D 296 -13.40 -18.73 -30.81
N SER D 297 -12.21 -18.21 -30.60
CA SER D 297 -11.93 -16.85 -31.04
C SER D 297 -11.95 -16.85 -32.56
N GLU D 298 -12.37 -15.74 -33.16
CA GLU D 298 -12.55 -15.71 -34.61
C GLU D 298 -11.26 -16.06 -35.38
N GLU D 299 -10.12 -15.88 -34.75
CA GLU D 299 -8.85 -16.26 -35.38
C GLU D 299 -8.85 -17.74 -35.74
N ASP D 300 -9.39 -18.57 -34.86
CA ASP D 300 -9.21 -20.04 -34.92
C ASP D 300 -10.28 -20.83 -35.68
N GLN D 301 -11.45 -20.24 -35.91
CA GLN D 301 -12.51 -20.88 -36.69
C GLN D 301 -12.00 -21.25 -38.09
N ALA D 302 -12.08 -22.53 -38.47
CA ALA D 302 -11.44 -23.04 -39.68
C ALA D 302 -12.39 -23.74 -40.68
N GLY D 303 -13.66 -23.31 -40.69
CA GLY D 303 -14.66 -23.92 -41.53
C GLY D 303 -16.07 -23.70 -41.02
N ASP D 304 -17.06 -24.04 -41.84
CA ASP D 304 -18.47 -23.94 -41.44
C ASP D 304 -19.20 -25.27 -41.66
N ASN D 305 -20.49 -25.27 -41.35
CA ASN D 305 -21.34 -26.44 -41.46
C ASN D 305 -22.28 -26.35 -42.67
N GLU D 306 -21.85 -25.60 -43.68
CA GLU D 306 -22.73 -25.31 -44.81
C GLU D 306 -22.85 -26.58 -45.63
N PHE D 307 -21.87 -27.46 -45.49
CA PHE D 307 -21.93 -28.77 -46.14
C PHE D 307 -23.09 -29.62 -45.60
N VAL D 308 -23.44 -29.44 -44.32
CA VAL D 308 -24.55 -30.18 -43.75
C VAL D 308 -25.89 -29.82 -44.41
N SER D 309 -26.02 -28.56 -44.83
CA SER D 309 -27.27 -28.12 -45.46
C SER D 309 -27.32 -28.53 -46.94
N LYS D 310 -26.14 -28.78 -47.51
CA LYS D 310 -26.02 -29.17 -48.92
C LYS D 310 -26.17 -30.69 -49.10
N ILE D 311 -26.10 -31.44 -48.01
CA ILE D 311 -26.23 -32.89 -48.06
C ILE D 311 -27.55 -33.39 -47.40
N TRP D 312 -27.85 -32.89 -46.20
CA TRP D 312 -29.09 -33.22 -45.48
C TRP D 312 -30.29 -32.38 -45.94
N LYS D 313 -31.38 -33.03 -46.38
CA LYS D 313 -32.56 -32.30 -46.85
C LYS D 313 -33.63 -32.06 -45.77
N GLY D 314 -33.46 -32.67 -44.60
CA GLY D 314 -34.41 -32.53 -43.51
C GLY D 314 -33.99 -31.57 -42.41
N VAL D 315 -34.71 -31.56 -41.29
CA VAL D 315 -34.46 -30.60 -40.22
C VAL D 315 -33.00 -30.59 -39.72
N ILE D 316 -32.48 -29.37 -39.56
CA ILE D 316 -31.17 -29.12 -38.97
C ILE D 316 -31.38 -28.25 -37.74
N LEU D 317 -30.67 -28.57 -36.66
CA LEU D 317 -30.59 -27.70 -35.48
C LEU D 317 -29.19 -27.08 -35.40
N LYS D 318 -29.13 -25.77 -35.17
CA LYS D 318 -27.83 -25.11 -35.06
C LYS D 318 -27.72 -24.43 -33.71
N ALA D 319 -26.53 -24.51 -33.10
CA ALA D 319 -26.21 -23.70 -31.91
C ALA D 319 -24.75 -23.28 -31.84
N GLY D 320 -24.52 -22.11 -31.26
CA GLY D 320 -23.18 -21.61 -31.06
C GLY D 320 -23.08 -20.10 -31.08
N ASN D 321 -23.38 -19.47 -29.95
CA ASN D 321 -23.20 -18.02 -29.79
C ASN D 321 -23.88 -17.26 -30.93
N TYR D 322 -25.20 -17.18 -30.87
CA TYR D 322 -25.94 -16.54 -31.93
C TYR D 322 -26.21 -15.09 -31.60
N SER D 323 -26.04 -14.70 -30.34
CA SER D 323 -26.23 -13.29 -29.98
C SER D 323 -25.01 -12.45 -30.31
N TYR D 324 -23.99 -13.07 -30.91
CA TYR D 324 -22.77 -12.35 -31.30
C TYR D 324 -22.97 -11.23 -32.30
N ASP D 325 -24.07 -11.24 -33.04
CA ASP D 325 -24.35 -10.12 -33.92
C ASP D 325 -25.65 -9.44 -33.57
N ALA D 326 -26.05 -9.62 -32.30
CA ALA D 326 -27.12 -8.83 -31.72
C ALA D 326 -26.73 -7.36 -31.86
N PRO D 327 -27.73 -6.46 -31.90
CA PRO D 327 -29.17 -6.70 -31.72
C PRO D 327 -29.93 -7.12 -32.98
N GLU D 328 -29.25 -7.25 -34.12
CA GLU D 328 -29.93 -7.51 -35.37
C GLU D 328 -30.11 -9.00 -35.73
N PHE D 329 -29.23 -9.85 -35.22
CA PHE D 329 -29.36 -11.28 -35.43
C PHE D 329 -29.23 -11.63 -36.92
N LYS D 330 -28.37 -10.90 -37.62
CA LYS D 330 -28.15 -11.09 -39.04
C LYS D 330 -27.75 -12.53 -39.39
N THR D 331 -26.83 -13.10 -38.61
CA THR D 331 -26.40 -14.47 -38.87
C THR D 331 -27.52 -15.47 -38.60
N LEU D 332 -28.26 -15.27 -37.52
CA LEU D 332 -29.38 -16.15 -37.18
C LEU D 332 -30.45 -16.14 -38.28
N LYS D 333 -30.73 -14.95 -38.81
CA LYS D 333 -31.78 -14.84 -39.82
C LYS D 333 -31.40 -15.52 -41.14
N GLU D 334 -30.14 -15.43 -41.54
CA GLU D 334 -29.70 -16.09 -42.77
C GLU D 334 -29.74 -17.61 -42.58
N ASP D 335 -29.34 -18.04 -41.39
CA ASP D 335 -29.33 -19.46 -41.00
C ASP D 335 -30.72 -20.10 -40.99
N ILE D 336 -31.76 -19.34 -40.64
CA ILE D 336 -33.11 -19.90 -40.62
C ILE D 336 -33.97 -19.55 -41.85
N ALA D 337 -33.36 -18.96 -42.86
CA ALA D 337 -34.11 -18.60 -44.07
C ALA D 337 -34.54 -19.79 -44.92
N ASP D 338 -33.87 -20.94 -44.81
CA ASP D 338 -34.29 -22.08 -45.63
C ASP D 338 -35.49 -22.80 -45.04
N LYS D 339 -35.95 -22.31 -43.88
CA LYS D 339 -37.26 -22.71 -43.35
C LYS D 339 -37.32 -24.13 -42.77
N ARG D 340 -36.21 -24.86 -42.83
CA ARG D 340 -36.05 -26.15 -42.16
C ARG D 340 -34.91 -26.14 -41.14
N THR D 341 -34.41 -24.94 -40.81
CA THR D 341 -33.32 -24.81 -39.83
C THR D 341 -33.84 -24.37 -38.45
N LEU D 342 -33.34 -25.03 -37.41
CA LEU D 342 -33.65 -24.68 -36.03
C LEU D 342 -32.44 -23.98 -35.38
N VAL D 343 -32.69 -23.10 -34.40
CA VAL D 343 -31.61 -22.36 -33.75
C VAL D 343 -31.62 -22.52 -32.22
N GLY D 344 -30.56 -23.13 -31.69
CA GLY D 344 -30.46 -23.39 -30.27
C GLY D 344 -29.72 -22.33 -29.49
N PHE D 345 -30.31 -21.90 -28.37
CA PHE D 345 -29.71 -20.95 -27.43
C PHE D 345 -29.50 -21.51 -26.01
N SER D 346 -28.34 -22.14 -25.79
CA SER D 346 -27.97 -22.83 -24.54
C SER D 346 -27.67 -21.94 -23.32
N ARG D 347 -26.50 -21.28 -23.35
CA ARG D 347 -25.97 -20.53 -22.21
C ARG D 347 -26.91 -19.43 -21.74
N TYR D 348 -27.45 -18.69 -22.69
CA TYR D 348 -28.40 -17.64 -22.36
C TYR D 348 -29.70 -18.30 -21.93
N PHE D 349 -29.83 -19.61 -22.19
CA PHE D 349 -31.00 -20.33 -21.71
C PHE D 349 -30.92 -20.51 -20.19
N THR D 350 -29.76 -20.98 -19.74
CA THR D 350 -29.48 -21.12 -18.31
C THR D 350 -29.87 -19.94 -17.43
N SER D 351 -29.84 -18.71 -17.98
CA SER D 351 -30.16 -17.48 -17.20
C SER D 351 -31.43 -16.73 -17.64
N ASN D 352 -32.00 -17.19 -18.74
CA ASN D 352 -33.31 -16.74 -19.16
C ASN D 352 -34.15 -17.99 -19.30
N PRO D 353 -34.91 -18.33 -18.24
CA PRO D 353 -35.74 -19.51 -18.44
C PRO D 353 -36.87 -19.17 -19.43
N ASN D 354 -37.32 -17.92 -19.46
CA ASN D 354 -38.31 -17.50 -20.46
C ASN D 354 -37.68 -16.93 -21.76
N LEU D 355 -36.52 -17.46 -22.13
CA LEU D 355 -35.76 -17.00 -23.29
C LEU D 355 -36.54 -16.88 -24.61
N VAL D 356 -37.54 -17.74 -24.83
CA VAL D 356 -38.33 -17.66 -26.06
C VAL D 356 -39.29 -16.49 -26.13
N TRP D 357 -39.82 -16.05 -24.98
CA TRP D 357 -40.69 -14.87 -24.95
C TRP D 357 -39.85 -13.64 -25.17
N LYS D 358 -38.62 -13.71 -24.69
CA LYS D 358 -37.73 -12.57 -24.74
C LYS D 358 -37.26 -12.31 -26.17
N LEU D 359 -36.79 -13.36 -26.84
CA LEU D 359 -36.40 -13.25 -28.25
C LEU D 359 -37.57 -12.78 -29.13
N ARG D 360 -38.80 -13.04 -28.69
CA ARG D 360 -39.96 -12.73 -29.50
C ARG D 360 -40.24 -11.24 -29.43
N ASP D 361 -39.90 -10.64 -28.30
CA ASP D 361 -40.32 -9.26 -28.04
C ASP D 361 -39.17 -8.26 -28.00
N GLY D 362 -37.94 -8.75 -27.94
CA GLY D 362 -36.77 -7.90 -27.96
C GLY D 362 -36.33 -7.47 -26.57
N ILE D 363 -36.97 -8.07 -25.56
CA ILE D 363 -36.63 -7.86 -24.17
C ILE D 363 -35.17 -8.25 -23.98
N ASP D 364 -34.39 -7.39 -23.31
CA ASP D 364 -32.95 -7.60 -23.17
C ASP D 364 -32.67 -8.81 -22.32
N LEU D 365 -31.79 -9.67 -22.82
CA LEU D 365 -31.37 -10.88 -22.11
C LEU D 365 -30.56 -10.58 -20.84
N VAL D 366 -30.95 -11.22 -19.73
CA VAL D 366 -30.13 -11.26 -18.54
C VAL D 366 -28.88 -12.09 -18.82
N PRO D 367 -27.74 -11.73 -18.21
CA PRO D 367 -26.48 -12.46 -18.47
C PRO D 367 -26.33 -13.73 -17.64
N TYR D 368 -25.44 -14.64 -18.05
CA TYR D 368 -25.29 -15.94 -17.38
C TYR D 368 -24.06 -16.07 -16.46
N ASP D 369 -24.16 -16.96 -15.48
CA ASP D 369 -23.10 -17.15 -14.50
C ASP D 369 -22.31 -18.43 -14.68
N ARG D 370 -21.29 -18.37 -15.55
CA ARG D 370 -20.41 -19.52 -15.84
C ARG D 370 -19.95 -20.31 -14.60
N ASN D 371 -19.89 -19.64 -13.45
CA ASN D 371 -19.51 -20.26 -12.18
C ASN D 371 -20.48 -21.36 -11.73
N THR D 372 -21.77 -21.09 -11.88
CA THR D 372 -22.83 -22.00 -11.42
C THR D 372 -23.39 -22.94 -12.52
N PHE D 373 -22.67 -23.04 -13.64
CA PHE D 373 -22.90 -24.03 -14.72
C PHE D 373 -22.75 -25.48 -14.25
N TYR D 374 -21.79 -25.73 -13.37
CA TYR D 374 -21.45 -27.10 -13.01
C TYR D 374 -21.49 -27.30 -11.49
N SER D 375 -22.03 -26.31 -10.78
CA SER D 375 -22.16 -26.43 -9.33
C SER D 375 -23.17 -27.53 -8.99
N ASP D 376 -23.36 -27.84 -7.72
CA ASP D 376 -24.09 -29.04 -7.32
C ASP D 376 -25.39 -28.75 -6.60
N ASN D 377 -25.74 -27.47 -6.50
CA ASN D 377 -26.86 -27.05 -5.70
C ASN D 377 -27.72 -26.04 -6.42
N ASN D 378 -28.73 -25.53 -5.74
CA ASN D 378 -29.72 -24.68 -6.37
C ASN D 378 -29.14 -23.35 -6.84
N TYR D 379 -28.13 -22.85 -6.14
CA TYR D 379 -27.67 -21.49 -6.40
C TYR D 379 -27.08 -21.28 -7.80
N GLY D 380 -27.78 -20.47 -8.60
CA GLY D 380 -27.41 -20.28 -9.99
C GLY D 380 -28.07 -21.24 -10.96
N TYR D 381 -28.99 -22.08 -10.48
CA TYR D 381 -29.69 -23.05 -11.33
C TYR D 381 -31.14 -22.60 -11.57
N ASN D 382 -32.01 -22.81 -10.59
CA ASN D 382 -33.42 -22.41 -10.72
C ASN D 382 -33.71 -21.02 -10.17
N THR D 383 -32.67 -20.30 -9.76
CA THR D 383 -32.79 -18.97 -9.14
C THR D 383 -33.26 -17.84 -10.10
N PHE D 384 -32.79 -17.88 -11.37
CA PHE D 384 -33.11 -16.87 -12.39
C PHE D 384 -34.60 -16.71 -12.71
N SER D 385 -35.43 -17.56 -12.10
CA SER D 385 -36.85 -17.58 -12.41
CA SER D 385 -36.85 -17.59 -12.40
C SER D 385 -37.67 -16.89 -11.32
N MET D 386 -37.00 -16.48 -10.25
CA MET D 386 -37.69 -15.80 -9.17
C MET D 386 -37.59 -14.30 -9.38
N ASP D 387 -37.86 -13.54 -8.34
CA ASP D 387 -37.43 -12.15 -8.31
C ASP D 387 -35.99 -12.08 -7.78
N SER D 388 -35.13 -11.41 -8.53
CA SER D 388 -33.69 -11.33 -8.24
C SER D 388 -33.36 -10.97 -6.78
N GLU D 389 -34.29 -10.32 -6.10
CA GLU D 389 -34.06 -9.84 -4.73
CA GLU D 389 -34.04 -9.84 -4.73
C GLU D 389 -34.44 -10.84 -3.64
N GLU D 390 -35.34 -11.75 -3.96
CA GLU D 390 -35.79 -12.75 -2.99
C GLU D 390 -34.72 -13.80 -2.70
N VAL D 391 -33.86 -14.05 -3.69
CA VAL D 391 -32.83 -15.09 -3.59
C VAL D 391 -31.93 -15.02 -2.32
N ASP D 392 -32.26 -15.83 -1.32
CA ASP D 392 -31.38 -16.05 -0.17
C ASP D 392 -30.16 -16.82 -0.68
N LYS D 393 -29.11 -16.09 -1.08
CA LYS D 393 -27.93 -16.72 -1.68
C LYS D 393 -27.47 -17.96 -0.90
N GLU D 394 -27.81 -18.01 0.38
CA GLU D 394 -27.46 -19.14 1.24
CA GLU D 394 -27.45 -19.15 1.22
C GLU D 394 -28.47 -20.28 1.09
N LEU D 395 -29.68 -20.06 1.61
CA LEU D 395 -30.73 -21.06 1.56
C LEU D 395 -30.74 -21.82 0.24
N GLU D 396 -30.13 -21.21 -0.79
CA GLU D 396 -30.13 -21.78 -2.13
C GLU D 396 -28.83 -22.53 -2.42
N ILE D 397 -27.79 -22.27 -1.63
CA ILE D 397 -26.61 -23.13 -1.62
C ILE D 397 -26.94 -24.37 -0.78
N LYS D 398 -27.54 -24.14 0.38
CA LYS D 398 -28.08 -25.23 1.20
C LYS D 398 -28.80 -26.27 0.33
N ARG D 399 -29.73 -25.79 -0.48
CA ARG D 399 -30.68 -26.60 -1.25
C ARG D 399 -30.06 -27.45 -2.36
N VAL D 400 -29.90 -28.73 -2.09
CA VAL D 400 -29.38 -29.64 -3.09
C VAL D 400 -30.53 -30.38 -3.77
N PRO D 401 -30.21 -31.25 -4.72
CA PRO D 401 -31.28 -32.06 -5.31
C PRO D 401 -31.80 -33.10 -4.32
N SER D 402 -33.09 -33.05 -4.03
CA SER D 402 -33.77 -34.10 -3.29
C SER D 402 -34.53 -35.01 -4.27
N ALA D 403 -35.79 -35.34 -3.94
CA ALA D 403 -36.62 -36.14 -4.85
C ALA D 403 -38.02 -35.56 -5.04
N ILE D 404 -38.78 -36.20 -5.94
CA ILE D 404 -40.02 -35.63 -6.48
C ILE D 404 -41.30 -36.05 -5.72
N GLU D 405 -42.23 -35.10 -5.55
CA GLU D 405 -43.51 -35.37 -4.88
C GLU D 405 -43.32 -35.76 -3.41
N SER E 2 39.83 16.33 83.13
CA SER E 2 39.97 17.56 83.95
C SER E 2 38.70 17.88 84.75
N SER E 3 38.67 19.10 85.31
CA SER E 3 37.42 19.77 85.63
C SER E 3 37.39 20.89 84.60
N VAL E 4 36.21 21.20 84.07
CA VAL E 4 36.14 21.89 82.77
C VAL E 4 35.96 23.42 82.82
N LYS E 5 37.04 24.16 82.61
CA LYS E 5 36.93 25.60 82.36
C LYS E 5 36.28 25.79 81.00
N ILE E 6 35.48 26.86 80.89
CA ILE E 6 34.83 27.20 79.63
C ILE E 6 34.71 28.71 79.44
N SER E 7 34.32 29.10 78.23
CA SER E 7 34.18 30.51 77.90
CA SER E 7 34.17 30.50 77.89
C SER E 7 32.71 30.88 77.76
N PRO E 8 32.38 32.16 78.01
CA PRO E 8 30.98 32.57 77.92
C PRO E 8 30.42 32.40 76.50
N LEU E 9 29.29 31.71 76.41
CA LEU E 9 28.63 31.56 75.14
C LEU E 9 27.53 32.61 74.94
N LYS E 10 27.42 33.54 75.87
CA LYS E 10 26.35 34.55 75.85
C LYS E 10 26.20 35.27 74.50
N ASP E 11 27.31 35.71 73.92
CA ASP E 11 27.24 36.58 72.76
C ASP E 11 27.53 35.83 71.47
N SER E 12 27.22 34.54 71.49
CA SER E 12 27.37 33.72 70.30
C SER E 12 26.01 33.29 69.79
N GLU E 13 26.03 32.55 68.69
CA GLU E 13 24.78 32.17 68.06
C GLU E 13 23.95 31.27 69.01
N ALA E 14 24.59 30.73 70.04
CA ALA E 14 23.91 29.78 70.93
C ALA E 14 22.72 30.36 71.72
N PHE E 15 22.64 31.68 71.84
CA PHE E 15 21.55 32.26 72.63
C PHE E 15 20.56 33.12 71.84
N GLN E 16 20.60 32.96 70.52
CA GLN E 16 19.63 33.58 69.62
C GLN E 16 18.45 32.64 69.43
N SER E 17 17.23 33.19 69.40
CA SER E 17 16.06 32.33 69.27
C SER E 17 16.07 31.56 67.95
N ILE E 18 15.29 30.47 67.93
CA ILE E 18 15.15 29.55 66.80
C ILE E 18 13.76 28.91 66.90
N LYS E 19 13.12 28.76 65.75
CA LYS E 19 11.78 28.18 65.69
C LYS E 19 11.92 26.74 65.24
N VAL E 20 11.56 25.81 66.13
CA VAL E 20 11.66 24.38 65.83
C VAL E 20 10.23 23.81 65.78
N GLY E 21 9.78 23.43 64.59
CA GLY E 21 8.39 23.10 64.43
C GLY E 21 7.55 24.29 64.80
N ASN E 22 6.77 24.17 65.86
CA ASN E 22 5.87 25.26 66.23
C ASN E 22 6.22 26.02 67.52
N ASN E 23 7.32 25.63 68.15
CA ASN E 23 7.79 26.30 69.35
C ASN E 23 9.10 27.05 69.11
N THR E 24 9.32 28.13 69.85
CA THR E 24 10.53 28.93 69.69
C THR E 24 11.48 28.76 70.87
N LEU E 25 12.56 28.01 70.67
CA LEU E 25 13.63 27.84 71.66
C LEU E 25 14.39 29.16 71.88
N GLN E 26 14.74 29.48 73.13
CA GLN E 26 15.54 30.69 73.40
C GLN E 26 17.00 30.35 73.66
N THR E 27 17.34 29.06 73.65
CA THR E 27 18.74 28.64 73.58
C THR E 27 18.84 27.60 72.51
N LYS E 28 20.01 27.49 71.88
CA LYS E 28 20.26 26.40 70.93
C LYS E 28 20.96 25.23 71.62
N ILE E 29 20.98 25.24 72.95
CA ILE E 29 21.60 24.15 73.72
C ILE E 29 20.48 23.21 74.17
N VAL E 30 20.78 21.91 74.15
CA VAL E 30 19.71 20.92 74.30
C VAL E 30 20.18 19.72 75.12
N TYR E 31 19.28 19.23 75.97
CA TYR E 31 19.48 17.94 76.65
C TYR E 31 19.07 16.78 75.71
N PRO E 32 20.07 16.02 75.20
CA PRO E 32 19.76 14.92 74.29
C PRO E 32 19.18 13.78 75.08
N PRO E 33 18.43 12.89 74.42
CA PRO E 33 17.93 11.69 75.12
C PRO E 33 19.04 11.00 75.94
N THR E 34 18.82 10.76 77.24
CA THR E 34 19.82 10.09 78.10
C THR E 34 19.17 9.04 79.05
N THR E 35 19.44 7.76 78.80
CA THR E 35 18.87 6.62 79.55
C THR E 35 19.45 6.48 80.98
N ARG E 36 18.58 6.55 81.98
CA ARG E 36 19.05 6.57 83.37
C ARG E 36 18.52 5.40 84.20
N PHE E 37 17.41 4.83 83.78
CA PHE E 37 16.85 3.68 84.48
C PHE E 37 16.26 4.07 85.84
N ARG E 38 15.70 5.26 85.96
CA ARG E 38 15.09 5.67 87.23
C ARG E 38 13.58 5.69 87.19
N ALA E 39 12.99 4.98 86.24
CA ALA E 39 11.55 4.87 86.16
C ALA E 39 11.06 3.84 87.17
N LEU E 40 9.74 3.71 87.31
CA LEU E 40 9.17 2.65 88.15
C LEU E 40 9.38 1.29 87.49
N GLU E 41 9.14 0.22 88.25
CA GLU E 41 9.37 -1.14 87.76
C GLU E 41 8.42 -1.52 86.60
N ASP E 42 7.22 -0.94 86.58
CA ASP E 42 6.25 -1.17 85.50
C ASP E 42 6.35 -0.11 84.39
N HIS E 43 7.50 0.56 84.35
CA HIS E 43 7.83 1.50 83.30
C HIS E 43 7.03 2.82 83.31
N THR E 44 6.34 3.08 84.42
CA THR E 44 5.75 4.41 84.64
C THR E 44 6.85 5.40 85.03
N PRO E 45 6.65 6.69 84.71
CA PRO E 45 7.55 7.77 85.16
C PRO E 45 7.49 7.99 86.67
N SER E 46 8.65 8.21 87.30
CA SER E 46 8.77 8.30 88.76
C SER E 46 8.73 9.73 89.33
N ASP E 47 9.01 9.83 90.63
CA ASP E 47 9.15 11.12 91.31
C ASP E 47 10.59 11.63 91.18
N LEU E 48 11.53 10.72 90.98
CA LEU E 48 12.91 11.11 90.70
C LEU E 48 13.00 11.72 89.29
N GLN E 49 12.24 11.17 88.35
CA GLN E 49 12.25 11.73 87.02
C GLN E 49 11.60 13.13 86.98
N LEU E 50 10.48 13.33 87.69
CA LEU E 50 9.83 14.65 87.76
C LEU E 50 10.80 15.79 88.15
N GLN E 51 11.49 15.65 89.28
CA GLN E 51 12.49 16.63 89.68
C GLN E 51 13.66 16.69 88.68
N TYR E 52 14.05 15.55 88.13
CA TYR E 52 15.26 15.49 87.29
C TYR E 52 15.14 16.35 86.03
N TYR E 53 14.03 16.20 85.31
CA TYR E 53 13.81 16.99 84.10
C TYR E 53 13.37 18.41 84.45
N GLY E 54 12.65 18.56 85.55
CA GLY E 54 12.37 19.88 86.09
C GLY E 54 13.61 20.74 86.31
N ASP E 55 14.67 20.16 86.86
CA ASP E 55 15.89 20.91 87.19
C ASP E 55 16.59 21.48 85.96
N ARG E 56 16.45 20.79 84.83
CA ARG E 56 17.21 21.15 83.64
C ARG E 56 16.44 22.07 82.70
N SER E 57 15.19 22.34 83.04
CA SER E 57 14.33 23.23 82.25
C SER E 57 14.27 24.64 82.83
N THR E 58 15.28 25.05 83.58
CA THR E 58 15.22 26.34 84.26
C THR E 58 15.53 27.52 83.36
N PHE E 59 16.34 27.32 82.33
CA PHE E 59 16.49 28.42 81.36
C PHE E 59 15.34 28.47 80.34
N PRO E 60 14.44 29.45 80.49
CA PRO E 60 13.17 29.41 79.74
C PRO E 60 13.36 29.17 78.25
N GLY E 61 12.76 28.09 77.73
CA GLY E 61 12.82 27.77 76.31
C GLY E 61 14.00 26.91 75.90
N THR E 62 14.43 26.01 76.78
CA THR E 62 15.42 24.99 76.46
C THR E 62 14.67 23.82 75.83
N LEU E 63 15.32 23.07 74.95
CA LEU E 63 14.68 21.84 74.49
C LEU E 63 15.22 20.63 75.25
N LEU E 64 14.30 19.91 75.89
CA LEU E 64 14.63 18.66 76.57
C LEU E 64 14.09 17.43 75.80
N ILE E 65 14.99 16.49 75.53
CA ILE E 65 14.63 15.23 74.90
C ILE E 65 14.66 14.13 75.95
N THR E 66 13.50 13.58 76.27
CA THR E 66 13.44 12.53 77.29
C THR E 66 14.24 11.30 76.87
N GLU E 67 14.86 10.66 77.87
CA GLU E 67 15.48 9.35 77.70
C GLU E 67 14.61 8.40 76.85
N ALA E 68 15.26 7.40 76.24
CA ALA E 68 14.57 6.31 75.54
C ALA E 68 13.33 5.79 76.27
N THR E 69 12.18 5.86 75.62
CA THR E 69 10.92 5.39 76.19
C THR E 69 10.38 4.25 75.31
N PHE E 70 9.66 3.28 75.89
CA PHE E 70 9.17 2.12 75.14
C PHE E 70 7.82 2.41 74.45
N VAL E 71 7.67 1.96 73.21
CA VAL E 71 6.46 2.24 72.43
C VAL E 71 5.38 1.21 72.72
N SER E 72 5.79 0.13 73.37
CA SER E 72 4.92 -1.00 73.69
C SER E 72 5.71 -2.04 74.49
N PRO E 73 5.06 -3.12 74.93
CA PRO E 73 5.74 -4.26 75.57
C PRO E 73 6.82 -4.92 74.72
N GLN E 74 6.59 -5.06 73.42
CA GLN E 74 7.51 -5.78 72.53
C GLN E 74 8.78 -4.96 72.27
N ALA E 75 8.68 -3.67 72.58
CA ALA E 75 9.77 -2.72 72.41
C ALA E 75 10.80 -2.83 73.53
N SER E 76 10.45 -3.54 74.62
CA SER E 76 11.33 -3.65 75.78
C SER E 76 12.46 -4.65 75.59
N GLY E 77 13.22 -4.88 76.65
CA GLY E 77 14.33 -5.79 76.59
C GLY E 77 15.45 -5.40 77.53
N TRP E 78 15.17 -4.46 78.43
CA TRP E 78 16.20 -3.99 79.36
C TRP E 78 15.88 -4.46 80.76
N GLU E 79 16.94 -4.86 81.49
CA GLU E 79 16.83 -5.25 82.88
C GLU E 79 16.53 -4.02 83.76
N GLY E 80 17.31 -2.95 83.56
CA GLY E 80 17.03 -1.68 84.21
C GLY E 80 15.67 -1.16 83.79
N ALA E 81 15.03 -0.34 84.60
CA ALA E 81 13.67 0.10 84.27
C ALA E 81 13.60 1.46 83.55
N ALA E 82 13.37 1.44 82.24
CA ALA E 82 13.16 2.65 81.44
C ALA E 82 11.64 2.92 81.32
N PRO E 83 11.27 4.18 81.07
CA PRO E 83 9.82 4.44 81.00
C PRO E 83 9.19 3.92 79.71
N GLY E 84 7.87 3.89 79.66
CA GLY E 84 7.12 3.50 78.47
C GLY E 84 6.07 4.55 78.21
N ILE E 85 5.31 4.39 77.13
CA ILE E 85 4.33 5.42 76.78
C ILE E 85 3.23 4.79 75.93
N TRP E 86 2.67 3.71 76.47
CA TRP E 86 1.66 2.94 75.78
C TRP E 86 0.41 2.76 76.63
N THR E 87 0.43 3.28 77.84
CA THR E 87 -0.77 3.26 78.70
C THR E 87 -1.16 4.64 79.22
N ASP E 88 -2.42 4.79 79.62
CA ASP E 88 -2.86 6.02 80.27
C ASP E 88 -2.05 6.31 81.53
N LYS E 89 -1.63 5.26 82.23
CA LYS E 89 -0.90 5.45 83.47
C LYS E 89 0.45 6.07 83.12
N HIS E 90 0.98 5.68 81.97
CA HIS E 90 2.22 6.27 81.49
C HIS E 90 2.04 7.74 81.11
N ALA E 91 1.01 8.04 80.34
CA ALA E 91 0.76 9.39 79.85
C ALA E 91 0.44 10.37 80.97
N LYS E 92 -0.44 9.97 81.89
CA LYS E 92 -0.88 10.85 82.97
C LYS E 92 0.29 11.25 83.87
N ALA E 93 1.26 10.35 83.99
CA ALA E 93 2.44 10.60 84.81
C ALA E 93 3.47 11.48 84.07
N TRP E 94 3.79 11.12 82.82
CA TRP E 94 4.62 11.99 82.00
C TRP E 94 4.03 13.41 81.96
N LYS E 95 2.70 13.49 81.90
CA LYS E 95 2.00 14.77 81.88
C LYS E 95 2.30 15.61 83.12
N VAL E 96 2.71 14.97 84.22
CA VAL E 96 3.12 15.70 85.41
C VAL E 96 4.51 16.26 85.19
N ILE E 97 5.41 15.45 84.63
CA ILE E 97 6.74 15.94 84.21
C ILE E 97 6.71 17.00 83.08
N THR E 98 5.85 16.82 82.07
CA THR E 98 5.87 17.75 80.93
C THR E 98 5.16 19.06 81.25
N ASP E 99 4.21 19.02 82.18
CA ASP E 99 3.50 20.22 82.63
C ASP E 99 4.48 21.06 83.43
N LYS E 100 5.46 20.38 84.02
CA LYS E 100 6.45 21.04 84.84
C LYS E 100 7.45 21.79 83.98
N VAL E 101 7.93 21.16 82.90
CA VAL E 101 8.84 21.85 81.99
C VAL E 101 8.11 23.02 81.28
N HIS E 102 6.84 22.83 80.97
CA HIS E 102 6.09 23.91 80.32
C HIS E 102 5.93 25.11 81.26
N ALA E 103 5.78 24.83 82.56
CA ALA E 103 5.62 25.90 83.55
C ALA E 103 6.86 26.79 83.60
N ASN E 104 8.00 26.25 83.18
CA ASN E 104 9.25 27.00 83.10
C ASN E 104 9.54 27.62 81.72
N GLY E 105 8.58 27.53 80.81
CA GLY E 105 8.74 28.12 79.49
C GLY E 105 9.66 27.35 78.56
N SER E 106 9.86 26.06 78.87
CA SER E 106 10.67 25.22 78.01
C SER E 106 9.85 24.15 77.31
N PHE E 107 10.56 23.28 76.58
CA PHE E 107 9.92 22.30 75.71
C PHE E 107 10.58 20.94 75.87
N VAL E 108 9.78 19.92 75.62
CA VAL E 108 10.22 18.55 75.82
C VAL E 108 9.77 17.67 74.66
N SER E 109 10.71 16.87 74.16
CA SER E 109 10.48 15.94 73.08
C SER E 109 10.73 14.55 73.68
N THR E 110 9.81 13.60 73.46
CA THR E 110 10.03 12.25 73.95
C THR E 110 10.66 11.33 72.88
N GLN E 111 11.54 10.43 73.28
CA GLN E 111 12.17 9.53 72.31
C GLN E 111 11.62 8.10 72.33
N LEU E 112 10.88 7.77 71.27
CA LEU E 112 10.23 6.47 71.12
C LEU E 112 11.19 5.40 70.60
N ILE E 113 11.60 4.50 71.51
CA ILE E 113 12.48 3.40 71.15
C ILE E 113 11.76 2.05 71.03
N PHE E 114 12.43 1.15 70.30
CA PHE E 114 12.11 -0.26 70.20
C PHE E 114 13.50 -0.87 70.22
N LEU E 115 13.71 -1.86 71.08
CA LEU E 115 15.03 -2.44 71.27
C LEU E 115 15.46 -3.31 70.10
N GLY E 116 14.63 -4.29 69.78
CA GLY E 116 14.93 -5.24 68.72
C GLY E 116 15.80 -6.39 69.16
N ARG E 117 16.73 -6.79 68.31
CA ARG E 117 17.55 -7.99 68.51
C ARG E 117 18.39 -8.01 69.79
N VAL E 118 18.58 -6.83 70.38
CA VAL E 118 19.45 -6.70 71.54
C VAL E 118 18.68 -6.82 72.87
N ALA E 119 17.34 -6.89 72.79
CA ALA E 119 16.51 -7.09 73.98
C ALA E 119 16.90 -8.39 74.73
N ASP E 120 16.82 -8.34 76.06
CA ASP E 120 17.23 -9.47 76.92
C ASP E 120 16.30 -10.66 76.74
N PRO E 121 16.86 -11.79 76.30
CA PRO E 121 16.01 -12.94 75.96
C PRO E 121 15.28 -13.44 77.19
N ALA E 122 15.92 -13.30 78.36
CA ALA E 122 15.34 -13.67 79.65
C ALA E 122 14.20 -12.73 80.08
N VAL E 123 14.42 -11.41 79.97
CA VAL E 123 13.36 -10.44 80.23
C VAL E 123 12.15 -10.66 79.31
N MET E 124 12.42 -10.80 78.01
CA MET E 124 11.36 -11.01 77.02
C MET E 124 10.52 -12.24 77.35
N LYS E 125 11.20 -13.28 77.86
CA LYS E 125 10.52 -14.53 78.23
C LYS E 125 9.37 -14.30 79.22
N THR E 126 9.62 -13.53 80.28
CA THR E 126 8.61 -13.25 81.30
C THR E 126 7.33 -12.58 80.76
N ARG E 127 7.43 -11.93 79.59
CA ARG E 127 6.29 -11.24 79.01
C ARG E 127 5.51 -12.12 78.01
N GLY E 128 6.05 -13.31 77.75
CA GLY E 128 5.47 -14.26 76.82
C GLY E 128 5.94 -14.05 75.39
N LEU E 129 7.14 -13.47 75.23
CA LEU E 129 7.58 -12.92 73.95
C LEU E 129 9.00 -13.34 73.54
N ASN E 130 9.32 -13.11 72.26
CA ASN E 130 10.65 -13.38 71.70
C ASN E 130 11.44 -12.08 71.55
N PRO E 131 12.78 -12.15 71.53
CA PRO E 131 13.38 -10.97 70.90
C PRO E 131 12.87 -10.90 69.46
N VAL E 132 12.50 -9.71 68.97
CA VAL E 132 12.13 -9.54 67.55
C VAL E 132 13.07 -8.55 66.87
N SER E 133 13.19 -8.65 65.54
CA SER E 133 14.13 -7.83 64.78
C SER E 133 13.65 -7.75 63.34
N ALA E 134 14.47 -7.20 62.45
CA ALA E 134 14.14 -7.21 61.03
C ALA E 134 14.52 -8.58 60.46
N SER E 135 15.68 -9.06 60.90
CA SER E 135 16.18 -10.36 60.47
C SER E 135 16.77 -11.10 61.67
N ALA E 136 16.31 -12.33 61.88
CA ALA E 136 16.85 -13.19 62.93
C ALA E 136 18.39 -13.26 62.98
N THR E 137 19.00 -12.22 63.51
CA THR E 137 20.45 -12.17 63.70
C THR E 137 20.74 -11.82 65.16
N TYR E 138 21.96 -11.99 65.61
CA TYR E 138 22.27 -11.59 66.98
C TYR E 138 23.32 -10.50 67.05
N GLU E 139 23.31 -9.74 68.14
CA GLU E 139 24.32 -8.72 68.37
C GLU E 139 25.75 -9.28 68.34
N SER E 140 26.00 -10.31 69.14
CA SER E 140 27.30 -11.00 69.18
C SER E 140 27.05 -12.48 69.43
N ASP E 141 28.11 -13.28 69.54
CA ASP E 141 27.93 -14.69 69.82
C ASP E 141 27.38 -14.90 71.23
N ALA E 142 27.96 -14.19 72.19
CA ALA E 142 27.48 -14.22 73.57
C ALA E 142 25.97 -14.14 73.61
N ALA E 143 25.39 -13.24 72.83
CA ALA E 143 23.95 -13.01 72.82
C ALA E 143 23.18 -14.10 72.08
N LYS E 144 23.90 -14.90 71.29
CA LYS E 144 23.30 -16.05 70.62
C LYS E 144 23.10 -17.21 71.62
N GLU E 145 24.12 -17.47 72.42
CA GLU E 145 24.09 -18.54 73.42
C GLU E 145 23.20 -18.18 74.60
N ALA E 146 23.34 -16.95 75.08
CA ALA E 146 22.46 -16.40 76.11
C ALA E 146 20.97 -16.62 75.78
N ALA E 147 20.57 -16.28 74.55
CA ALA E 147 19.17 -16.43 74.13
C ALA E 147 18.77 -17.90 73.99
N GLU E 148 19.58 -18.68 73.27
CA GLU E 148 19.30 -20.09 73.09
C GLU E 148 19.26 -20.76 74.45
N ALA E 149 20.31 -20.57 75.25
CA ALA E 149 20.34 -21.08 76.62
C ALA E 149 18.98 -21.09 77.36
N VAL E 150 18.18 -20.04 77.20
CA VAL E 150 16.92 -19.94 77.93
C VAL E 150 15.70 -20.20 77.04
N GLY E 151 15.96 -20.62 75.81
CA GLY E 151 14.90 -21.06 74.90
C GLY E 151 13.95 -19.97 74.41
N ASN E 152 14.53 -18.83 74.01
CA ASN E 152 13.79 -17.67 73.49
C ASN E 152 14.64 -16.95 72.44
N PRO E 153 14.88 -17.59 71.29
CA PRO E 153 15.80 -17.00 70.31
C PRO E 153 15.14 -15.85 69.54
N VAL E 154 15.95 -15.02 68.88
CA VAL E 154 15.41 -13.84 68.18
C VAL E 154 14.93 -14.19 66.77
N ARG E 155 13.64 -13.96 66.53
CA ARG E 155 13.03 -14.31 65.26
C ARG E 155 12.85 -13.08 64.36
N ALA E 156 12.73 -13.30 63.05
CA ALA E 156 12.36 -12.24 62.09
C ALA E 156 10.87 -11.88 62.16
N LEU E 157 10.53 -10.61 62.00
CA LEU E 157 9.14 -10.16 62.03
C LEU E 157 8.35 -10.55 60.78
N THR E 158 7.02 -10.62 60.91
CA THR E 158 6.19 -10.92 59.75
C THR E 158 5.87 -9.63 59.02
N THR E 159 5.61 -9.71 57.72
CA THR E 159 5.30 -8.52 56.97
C THR E 159 4.09 -7.84 57.59
N GLN E 160 3.26 -8.62 58.28
CA GLN E 160 2.10 -8.08 58.99
C GLN E 160 2.52 -7.35 60.28
N GLU E 161 3.47 -7.93 61.02
CA GLU E 161 3.94 -7.38 62.28
C GLU E 161 4.63 -6.03 62.10
N VAL E 162 5.44 -5.94 61.04
CA VAL E 162 6.02 -4.66 60.61
C VAL E 162 4.91 -3.61 60.41
N LYS E 163 3.86 -3.97 59.68
CA LYS E 163 2.71 -3.09 59.47
C LYS E 163 2.04 -2.71 60.79
N ASP E 164 1.98 -3.63 61.72
CA ASP E 164 1.30 -3.35 62.99
C ASP E 164 2.16 -2.41 63.83
N LEU E 165 3.47 -2.41 63.55
CA LEU E 165 4.39 -1.43 64.15
C LEU E 165 3.91 -0.05 63.76
N VAL E 166 3.51 0.07 62.50
CA VAL E 166 3.10 1.34 61.95
C VAL E 166 1.73 1.76 62.52
N TYR E 167 0.73 0.90 62.39
CA TYR E 167 -0.65 1.27 62.72
C TYR E 167 -1.15 0.93 64.13
N GLU E 168 -0.38 0.13 64.87
CA GLU E 168 -0.69 -0.19 66.27
C GLU E 168 0.38 0.30 67.26
N ALA E 169 1.50 -0.41 67.36
CA ALA E 169 2.59 0.01 68.27
C ALA E 169 2.85 1.54 68.31
N TYR E 170 3.55 2.04 67.31
CA TYR E 170 3.97 3.44 67.30
C TYR E 170 2.80 4.42 67.27
N THR E 171 1.75 4.08 66.54
CA THR E 171 0.54 4.90 66.52
C THR E 171 0.00 5.15 67.94
N ASN E 172 -0.18 4.08 68.68
CA ASN E 172 -0.60 4.13 70.08
C ASN E 172 0.39 4.92 70.96
N ALA E 173 1.68 4.69 70.75
CA ALA E 173 2.70 5.46 71.46
C ALA E 173 2.54 6.96 71.17
N ALA E 174 2.31 7.31 69.91
CA ALA E 174 2.23 8.71 69.49
C ALA E 174 1.00 9.42 69.99
N GLN E 175 -0.06 8.66 70.27
CA GLN E 175 -1.30 9.28 70.74
C GLN E 175 -1.28 9.45 72.25
N LYS E 176 -0.46 8.63 72.92
CA LYS E 176 -0.23 8.74 74.37
C LYS E 176 0.79 9.84 74.62
N ALA E 177 1.78 9.93 73.74
CA ALA E 177 2.74 11.01 73.84
C ALA E 177 1.97 12.32 73.84
N MET E 178 0.97 12.44 72.96
CA MET E 178 0.19 13.69 72.89
C MET E 178 -0.72 13.89 74.12
N ASP E 179 -1.28 12.81 74.66
CA ASP E 179 -2.03 12.90 75.91
C ASP E 179 -1.12 13.41 77.05
N ALA E 180 0.10 12.86 77.10
CA ALA E 180 1.12 13.20 78.09
C ALA E 180 1.63 14.63 77.94
N GLY E 181 1.22 15.30 76.86
CA GLY E 181 1.62 16.66 76.58
C GLY E 181 3.03 16.91 76.05
N PHE E 182 3.64 15.91 75.40
CA PHE E 182 4.98 16.12 74.79
C PHE E 182 4.91 17.05 73.59
N ASP E 183 5.96 17.85 73.39
CA ASP E 183 5.99 18.81 72.28
C ASP E 183 6.47 18.16 70.99
N TYR E 184 7.18 17.04 71.11
CA TYR E 184 7.63 16.31 69.94
C TYR E 184 7.74 14.83 70.25
N ILE E 185 7.78 14.01 69.20
CA ILE E 185 8.23 12.62 69.31
C ILE E 185 9.44 12.47 68.40
N GLU E 186 10.46 11.80 68.89
CA GLU E 186 11.70 11.61 68.16
C GLU E 186 11.84 10.10 68.02
N LEU E 187 11.91 9.61 66.78
CA LEU E 187 12.13 8.18 66.53
C LEU E 187 13.58 7.84 66.74
N HIS E 188 13.83 6.66 67.31
CA HIS E 188 15.19 6.25 67.58
C HIS E 188 15.72 5.36 66.49
N ALA E 189 16.47 5.94 65.56
CA ALA E 189 17.03 5.18 64.45
C ALA E 189 18.53 5.23 64.52
N ALA E 190 19.03 5.31 65.75
CA ALA E 190 20.47 5.38 65.99
C ALA E 190 20.93 4.18 66.84
N HIS E 191 22.24 3.99 66.95
CA HIS E 191 22.80 3.04 67.94
C HIS E 191 22.33 1.58 67.86
N GLY E 192 21.88 1.12 66.70
CA GLY E 192 21.58 -0.28 66.51
C GLY E 192 20.37 -0.88 67.21
N TYR E 193 19.38 -0.05 67.52
CA TYR E 193 18.06 -0.55 67.99
C TYR E 193 17.15 -0.81 66.80
N LEU E 194 15.88 -1.08 67.04
CA LEU E 194 15.04 -1.65 65.99
C LEU E 194 15.18 -0.93 64.65
N LEU E 195 14.84 0.36 64.64
CA LEU E 195 14.78 1.15 63.41
C LEU E 195 16.13 1.27 62.67
N ASP E 196 17.23 1.31 63.42
CA ASP E 196 18.54 1.25 62.79
C ASP E 196 18.75 -0.16 62.20
N GLN E 197 18.21 -1.16 62.88
CA GLN E 197 18.42 -2.56 62.47
C GLN E 197 17.89 -2.84 61.08
N PHE E 198 16.80 -2.19 60.72
CA PHE E 198 16.24 -2.27 59.37
C PHE E 198 17.11 -1.51 58.34
N LEU E 199 17.46 -0.26 58.66
CA LEU E 199 18.14 0.61 57.70
C LEU E 199 19.40 0.03 57.06
N GLN E 200 20.22 -0.63 57.87
CA GLN E 200 21.53 -1.05 57.41
C GLN E 200 21.48 -2.49 56.91
N PRO E 201 22.38 -2.84 56.01
CA PRO E 201 22.24 -4.20 55.47
C PRO E 201 22.69 -5.34 56.42
N CYS E 202 23.67 -5.12 57.29
CA CYS E 202 24.16 -6.16 58.19
C CYS E 202 23.11 -6.70 59.20
N THR E 203 22.01 -5.98 59.37
CA THR E 203 20.98 -6.38 60.33
C THR E 203 19.66 -6.74 59.64
N ASN E 204 19.56 -6.36 58.37
CA ASN E 204 18.36 -6.57 57.59
C ASN E 204 18.61 -7.35 56.31
N GLN E 205 18.12 -8.57 56.26
CA GLN E 205 18.26 -9.39 55.08
CA GLN E 205 18.25 -9.36 55.05
C GLN E 205 16.91 -9.88 54.56
N ARG E 206 15.83 -9.21 54.99
CA ARG E 206 14.48 -9.58 54.57
C ARG E 206 14.35 -9.70 53.05
N THR E 207 13.25 -10.29 52.61
CA THR E 207 13.02 -10.48 51.20
C THR E 207 11.62 -9.99 50.81
N ASP E 208 10.87 -9.50 51.80
CA ASP E 208 9.65 -8.75 51.50
C ASP E 208 9.95 -7.26 51.16
N GLU E 209 8.88 -6.46 51.07
CA GLU E 209 9.01 -5.04 50.73
C GLU E 209 9.89 -4.22 51.71
N TYR E 210 10.21 -4.80 52.86
CA TYR E 210 10.99 -4.08 53.84
C TYR E 210 12.44 -4.51 53.88
N GLY E 211 12.93 -5.04 52.77
CA GLY E 211 14.33 -5.37 52.66
C GLY E 211 14.79 -5.61 51.23
N GLY E 212 16.07 -5.97 51.07
CA GLY E 212 16.59 -6.36 49.76
C GLY E 212 17.18 -5.21 48.93
N SER E 213 16.98 -3.99 49.39
CA SER E 213 17.54 -2.81 48.75
C SER E 213 17.57 -1.65 49.74
N ILE E 214 18.40 -0.65 49.47
CA ILE E 214 18.37 0.59 50.23
C ILE E 214 16.93 1.13 50.29
N GLU E 215 16.30 1.27 49.12
CA GLU E 215 14.92 1.72 49.02
C GLU E 215 14.07 0.99 50.05
N ASN E 216 14.17 -0.34 50.01
CA ASN E 216 13.32 -1.24 50.81
C ASN E 216 13.58 -1.20 52.32
N ARG E 217 14.83 -1.38 52.74
CA ARG E 217 15.19 -1.23 54.17
C ARG E 217 14.50 0.01 54.81
N ALA E 218 14.82 1.20 54.28
CA ALA E 218 14.30 2.48 54.76
C ALA E 218 12.75 2.62 54.74
N ARG E 219 12.10 1.76 53.96
CA ARG E 219 10.64 1.83 53.83
C ARG E 219 9.90 1.92 55.17
N LEU E 220 10.39 1.23 56.20
CA LEU E 220 9.66 1.23 57.47
C LEU E 220 9.75 2.59 58.16
N ILE E 221 10.96 3.13 58.21
CA ILE E 221 11.15 4.44 58.81
C ILE E 221 10.29 5.48 58.08
N LEU E 222 10.39 5.52 56.76
CA LEU E 222 9.60 6.50 55.97
C LEU E 222 8.09 6.32 56.19
N GLU E 223 7.61 5.07 56.25
CA GLU E 223 6.19 4.79 56.55
C GLU E 223 5.77 5.24 57.96
N LEU E 224 6.72 5.29 58.89
CA LEU E 224 6.47 5.76 60.24
C LEU E 224 6.43 7.29 60.26
N ILE E 225 7.32 7.90 59.48
CA ILE E 225 7.32 9.36 59.29
C ILE E 225 6.01 9.87 58.65
N ASP E 226 5.67 9.33 57.47
CA ASP E 226 4.50 9.76 56.68
C ASP E 226 3.20 9.52 57.43
N HIS E 227 3.12 8.38 58.12
CA HIS E 227 1.94 8.05 58.93
C HIS E 227 1.82 8.92 60.19
N LEU E 228 2.88 8.98 60.98
CA LEU E 228 2.90 9.79 62.21
C LEU E 228 2.71 11.28 61.88
N SER E 229 3.27 11.73 60.76
CA SER E 229 3.06 13.10 60.30
C SER E 229 1.57 13.46 60.19
N THR E 230 0.71 12.45 60.01
CA THR E 230 -0.72 12.71 59.90
C THR E 230 -1.51 12.51 61.21
N ILE E 231 -0.83 12.04 62.26
CA ILE E 231 -1.45 11.90 63.58
C ILE E 231 -1.02 13.05 64.50
N VAL E 232 0.30 13.26 64.62
CA VAL E 232 0.82 14.35 65.44
C VAL E 232 1.00 15.67 64.65
N GLY E 233 1.03 15.57 63.33
CA GLY E 233 1.50 16.66 62.49
C GLY E 233 3.01 16.52 62.36
N ALA E 234 3.56 16.86 61.20
CA ALA E 234 5.00 16.68 60.96
C ALA E 234 5.87 17.65 61.78
N ASP E 235 5.29 18.73 62.25
CA ASP E 235 6.04 19.68 63.03
C ASP E 235 6.30 19.18 64.44
N LYS E 236 5.61 18.10 64.83
CA LYS E 236 5.87 17.46 66.13
C LYS E 236 6.75 16.20 66.09
N ILE E 237 7.49 16.02 65.00
CA ILE E 237 8.23 14.78 64.80
C ILE E 237 9.71 15.01 64.58
N GLY E 238 10.51 14.18 65.21
CA GLY E 238 11.94 14.22 64.99
C GLY E 238 12.45 12.82 64.89
N ILE E 239 13.71 12.68 64.48
CA ILE E 239 14.34 11.39 64.27
C ILE E 239 15.82 11.53 64.58
N ARG E 240 16.38 10.52 65.23
CA ARG E 240 17.80 10.53 65.52
C ARG E 240 18.50 9.44 64.74
N ILE E 241 19.75 9.69 64.37
CA ILE E 241 20.58 8.70 63.69
C ILE E 241 22.01 8.85 64.13
N SER E 242 22.76 7.78 63.92
CA SER E 242 24.16 7.69 64.29
C SER E 242 24.88 7.06 63.11
N PRO E 243 24.97 7.78 61.99
CA PRO E 243 25.59 7.24 60.78
C PRO E 243 26.88 6.45 60.98
N TRP E 244 27.72 6.85 61.93
CA TRP E 244 29.07 6.33 62.01
C TRP E 244 29.27 5.46 63.22
N ALA E 245 28.20 5.33 63.99
CA ALA E 245 28.21 4.53 65.21
C ALA E 245 28.41 3.04 64.92
N THR E 246 29.04 2.34 65.87
CA THR E 246 29.26 0.90 65.79
C THR E 246 28.81 0.23 67.08
N PHE E 247 28.09 0.99 67.90
CA PHE E 247 27.45 0.50 69.10
C PHE E 247 26.59 -0.70 68.77
N GLN E 248 26.55 -1.67 69.70
CA GLN E 248 25.77 -2.90 69.55
C GLN E 248 26.06 -3.56 68.20
N ASN E 249 27.33 -3.51 67.81
CA ASN E 249 27.89 -4.20 66.62
C ASN E 249 27.37 -3.79 65.22
N MET E 250 26.92 -2.54 65.07
CA MET E 250 26.61 -2.00 63.76
C MET E 250 27.93 -1.94 62.97
N LYS E 251 27.90 -2.28 61.70
CA LYS E 251 29.16 -2.48 61.01
C LYS E 251 29.73 -1.14 60.53
N ALA E 252 28.83 -0.17 60.45
CA ALA E 252 29.20 1.20 60.06
C ALA E 252 29.91 1.22 58.70
N HIS E 253 31.10 1.84 58.65
CA HIS E 253 31.82 1.97 57.38
C HIS E 253 32.35 0.64 56.85
N LYS E 254 32.05 -0.45 57.56
CA LYS E 254 32.53 -1.78 57.19
C LYS E 254 31.39 -2.66 56.64
N ASP E 255 30.23 -2.04 56.43
CA ASP E 255 29.04 -2.75 55.91
C ASP E 255 29.09 -2.88 54.38
N THR E 256 28.14 -3.63 53.81
CA THR E 256 28.01 -3.77 52.35
C THR E 256 27.39 -2.51 51.69
N VAL E 257 26.87 -1.62 52.53
CA VAL E 257 26.32 -0.33 52.14
C VAL E 257 26.88 0.75 53.10
N HIS E 258 27.82 1.55 52.61
CA HIS E 258 28.41 2.61 53.44
C HIS E 258 27.33 3.54 54.03
N PRO E 259 27.50 3.98 55.29
CA PRO E 259 26.46 4.76 55.97
C PRO E 259 26.11 6.06 55.25
N LEU E 260 27.07 6.58 54.46
CA LEU E 260 26.85 7.76 53.61
C LEU E 260 25.73 7.54 52.61
N THR E 261 25.69 6.34 52.03
CA THR E 261 24.65 5.97 51.08
C THR E 261 23.32 5.80 51.81
N THR E 262 23.32 4.90 52.79
CA THR E 262 22.12 4.63 53.57
C THR E 262 21.50 5.90 54.12
N PHE E 263 22.35 6.80 54.64
CA PHE E 263 21.83 7.94 55.39
C PHE E 263 21.55 9.20 54.54
N SER E 264 22.28 9.39 53.43
CA SER E 264 21.87 10.40 52.43
C SER E 264 20.49 10.10 51.82
N TYR E 265 20.25 8.82 51.46
CA TYR E 265 18.95 8.42 50.96
C TYR E 265 17.86 8.87 51.91
N LEU E 266 18.03 8.60 53.20
CA LEU E 266 17.01 8.94 54.21
C LEU E 266 16.80 10.47 54.38
N VAL E 267 17.89 11.16 54.69
CA VAL E 267 17.83 12.60 54.80
C VAL E 267 17.11 13.20 53.57
N HIS E 268 17.59 12.87 52.37
CA HIS E 268 17.07 13.45 51.12
C HIS E 268 15.56 13.31 50.95
N GLU E 269 15.06 12.11 51.26
CA GLU E 269 13.63 11.80 51.33
C GLU E 269 12.89 12.61 52.42
N LEU E 270 13.55 12.89 53.55
CA LEU E 270 12.92 13.71 54.57
C LEU E 270 12.80 15.15 54.04
N GLN E 271 13.84 15.57 53.33
CA GLN E 271 13.87 16.89 52.71
C GLN E 271 12.72 17.03 51.72
N GLN E 272 12.61 16.08 50.80
CA GLN E 272 11.57 16.19 49.79
C GLN E 272 10.17 16.24 50.39
N ARG E 273 10.00 15.68 51.58
CA ARG E 273 8.72 15.79 52.28
C ARG E 273 8.57 17.18 52.80
N ALA E 274 9.69 17.83 53.06
CA ALA E 274 9.66 19.21 53.56
C ALA E 274 9.41 20.20 52.42
N ASP E 275 9.67 19.78 51.19
CA ASP E 275 9.43 20.61 50.02
C ASP E 275 7.95 20.63 49.67
N LYS E 276 7.21 19.65 50.18
CA LYS E 276 5.77 19.56 49.93
C LYS E 276 4.97 19.99 51.19
N GLY E 277 5.68 20.50 52.19
CA GLY E 277 5.05 21.02 53.41
C GLY E 277 4.94 20.03 54.56
N GLN E 278 5.64 18.90 54.46
CA GLN E 278 5.59 17.85 55.49
C GLN E 278 6.97 17.60 56.10
N GLY E 279 7.80 18.65 56.14
CA GLY E 279 9.13 18.54 56.72
C GLY E 279 9.01 18.27 58.20
N ILE E 280 9.78 17.31 58.71
CA ILE E 280 9.74 17.01 60.14
C ILE E 280 10.34 18.18 60.92
N ALA E 281 10.10 18.22 62.23
CA ALA E 281 10.67 19.28 63.05
C ALA E 281 12.20 19.33 63.04
N TYR E 282 12.87 18.19 63.02
CA TYR E 282 14.33 18.25 63.12
C TYR E 282 15.00 16.91 63.00
N ILE E 283 16.25 16.91 62.56
CA ILE E 283 17.03 15.69 62.46
C ILE E 283 18.11 15.69 63.52
N SER E 284 17.98 14.80 64.51
CA SER E 284 19.01 14.62 65.52
C SER E 284 20.06 13.66 64.94
N VAL E 285 21.30 14.11 64.81
CA VAL E 285 22.38 13.21 64.39
C VAL E 285 23.53 13.16 65.41
N VAL E 286 24.19 12.01 65.45
CA VAL E 286 25.22 11.75 66.45
C VAL E 286 26.60 11.92 65.83
N GLU E 287 27.38 12.83 66.39
CA GLU E 287 28.67 13.20 65.82
C GLU E 287 29.67 12.06 65.91
N PRO E 288 30.56 11.94 64.90
CA PRO E 288 31.50 10.83 64.76
C PRO E 288 32.45 10.69 65.94
N ARG E 289 32.44 11.67 66.85
CA ARG E 289 33.29 11.68 68.06
C ARG E 289 32.69 10.84 69.19
N VAL E 290 31.54 10.23 68.89
CA VAL E 290 30.74 9.50 69.87
C VAL E 290 30.10 8.30 69.19
N SER E 291 29.85 7.26 69.98
CA SER E 291 29.24 6.04 69.50
C SER E 291 28.42 5.45 70.64
N GLY E 292 27.18 5.89 70.76
CA GLY E 292 26.28 5.40 71.78
C GLY E 292 26.40 6.12 73.11
N ASN E 293 27.13 5.52 74.05
CA ASN E 293 27.35 6.10 75.39
C ASN E 293 28.84 6.26 75.69
N VAL E 294 29.65 5.98 74.67
CA VAL E 294 31.09 5.90 74.81
C VAL E 294 31.80 6.78 73.77
N ASP E 295 33.06 7.13 74.02
CA ASP E 295 33.81 7.98 73.10
C ASP E 295 34.52 7.16 72.00
N VAL E 296 34.58 7.74 70.80
CA VAL E 296 35.33 7.15 69.67
C VAL E 296 36.62 7.95 69.48
N SER E 297 37.77 7.29 69.45
CA SER E 297 39.04 8.03 69.35
C SER E 297 39.25 8.68 67.99
N GLU E 298 40.25 9.55 67.89
CA GLU E 298 40.41 10.40 66.71
C GLU E 298 40.60 9.65 65.39
N GLU E 299 41.61 8.80 65.28
CA GLU E 299 41.82 8.13 63.99
C GLU E 299 40.72 7.11 63.68
N ASP E 300 40.00 6.68 64.72
CA ASP E 300 38.85 5.78 64.56
C ASP E 300 37.59 6.48 64.01
N GLN E 301 37.67 7.78 63.77
CA GLN E 301 36.59 8.49 63.09
C GLN E 301 36.77 8.40 61.57
N ALA E 302 35.72 7.90 60.91
CA ALA E 302 35.79 7.56 59.50
C ALA E 302 34.83 8.39 58.67
N GLY E 303 34.62 9.63 59.08
CA GLY E 303 33.68 10.47 58.38
C GLY E 303 33.09 11.55 59.26
N ASP E 304 31.92 12.03 58.86
CA ASP E 304 31.31 13.18 59.52
C ASP E 304 29.87 13.27 59.09
N ASN E 305 29.15 14.21 59.70
CA ASN E 305 27.75 14.42 59.39
C ASN E 305 27.56 15.67 58.53
N GLU E 306 28.56 15.98 57.72
CA GLU E 306 28.50 17.15 56.85
C GLU E 306 27.35 17.01 55.84
N PHE E 307 27.17 15.79 55.33
CA PHE E 307 26.18 15.51 54.29
C PHE E 307 24.74 15.87 54.69
N VAL E 308 24.40 15.72 55.97
CA VAL E 308 23.05 16.08 56.44
C VAL E 308 22.78 17.59 56.25
N SER E 309 23.82 18.40 56.43
CA SER E 309 23.68 19.84 56.28
C SER E 309 23.62 20.20 54.80
N LYS E 310 24.40 19.48 53.98
CA LYS E 310 24.31 19.60 52.52
C LYS E 310 22.93 19.27 51.93
N ILE E 311 22.17 18.40 52.59
CA ILE E 311 20.94 17.86 52.02
C ILE E 311 19.66 18.37 52.67
N TRP E 312 19.72 18.58 53.99
CA TRP E 312 18.56 18.96 54.77
C TRP E 312 18.61 20.48 55.09
N LYS E 313 17.55 21.20 54.73
CA LYS E 313 17.55 22.65 54.83
C LYS E 313 16.98 23.11 56.17
N GLY E 314 16.53 22.14 56.96
CA GLY E 314 15.84 22.42 58.21
C GLY E 314 16.71 22.29 59.46
N VAL E 315 16.04 22.17 60.61
CA VAL E 315 16.75 22.16 61.89
C VAL E 315 17.54 20.86 62.13
N ILE E 316 18.85 20.99 62.39
CA ILE E 316 19.71 19.86 62.72
C ILE E 316 20.07 19.88 64.20
N LEU E 317 20.18 18.72 64.83
CA LEU E 317 20.64 18.65 66.21
C LEU E 317 21.84 17.73 66.27
N LYS E 318 23.01 18.30 66.49
CA LYS E 318 24.22 17.51 66.66
C LYS E 318 24.47 17.34 68.15
N ALA E 319 24.88 16.14 68.55
CA ALA E 319 25.38 15.92 69.91
C ALA E 319 26.66 15.11 69.78
N GLY E 320 27.56 15.18 70.76
CA GLY E 320 28.71 14.29 70.73
C GLY E 320 30.08 14.77 71.15
N ASN E 321 30.28 14.92 72.45
CA ASN E 321 31.60 15.32 72.95
C ASN E 321 31.96 16.72 72.45
N TYR E 322 31.00 17.64 72.58
CA TYR E 322 31.17 19.01 72.11
C TYR E 322 32.12 19.88 72.94
N SER E 323 32.66 19.32 74.01
CA SER E 323 33.58 20.05 74.89
C SER E 323 35.03 19.59 74.67
N TYR E 324 35.23 18.69 73.71
CA TYR E 324 36.57 18.20 73.39
C TYR E 324 37.53 19.34 73.12
N ASP E 325 37.02 20.42 72.52
CA ASP E 325 37.87 21.54 72.12
C ASP E 325 37.67 22.79 72.98
N ALA E 326 37.29 22.57 74.24
CA ALA E 326 37.18 23.67 75.21
C ALA E 326 38.55 24.19 75.60
N PRO E 327 38.62 25.37 76.23
CA PRO E 327 37.48 26.15 76.70
C PRO E 327 36.90 27.09 75.65
N GLU E 328 37.48 27.11 74.45
CA GLU E 328 37.05 28.09 73.46
C GLU E 328 35.90 27.66 72.53
N PHE E 329 35.58 26.35 72.52
CA PHE E 329 34.46 25.81 71.72
C PHE E 329 34.57 26.13 70.22
N LYS E 330 35.76 25.96 69.63
CA LYS E 330 35.94 26.34 68.23
C LYS E 330 34.98 25.57 67.35
N THR E 331 34.94 24.26 67.51
CA THR E 331 33.99 23.42 66.79
C THR E 331 32.52 23.74 67.11
N LEU E 332 32.17 23.78 68.39
CA LEU E 332 30.80 24.11 68.77
C LEU E 332 30.32 25.37 68.06
N LYS E 333 31.22 26.35 67.91
CA LYS E 333 30.90 27.62 67.25
C LYS E 333 30.80 27.50 65.72
N GLU E 334 31.69 26.70 65.11
CA GLU E 334 31.56 26.35 63.70
C GLU E 334 30.16 25.82 63.36
N ASP E 335 29.66 24.90 64.18
CA ASP E 335 28.44 24.13 63.87
C ASP E 335 27.12 24.85 64.07
N ILE E 336 27.09 25.86 64.92
CA ILE E 336 25.84 26.58 65.16
C ILE E 336 25.74 27.84 64.30
N ALA E 337 26.84 28.20 63.63
CA ALA E 337 26.93 29.39 62.78
C ALA E 337 25.88 29.43 61.69
N ASP E 338 25.48 28.27 61.18
CA ASP E 338 24.51 28.26 60.08
C ASP E 338 23.12 28.69 60.52
N LYS E 339 22.91 28.83 61.83
CA LYS E 339 21.69 29.44 62.42
C LYS E 339 20.43 28.55 62.46
N ARG E 340 20.63 27.27 62.12
CA ARG E 340 19.56 26.28 62.13
C ARG E 340 20.02 24.94 62.74
N THR E 341 21.25 24.93 63.26
CA THR E 341 21.81 23.78 63.98
C THR E 341 21.73 23.96 65.51
N LEU E 342 21.08 23.03 66.20
CA LEU E 342 21.20 22.97 67.67
C LEU E 342 22.39 22.11 68.12
N VAL E 343 22.86 22.28 69.35
CA VAL E 343 23.93 21.45 69.91
C VAL E 343 23.56 20.87 71.29
N GLY E 344 23.99 19.63 71.55
CA GLY E 344 23.59 18.93 72.77
C GLY E 344 24.74 18.36 73.59
N PHE E 345 24.60 18.48 74.90
CA PHE E 345 25.53 17.86 75.84
C PHE E 345 24.71 16.83 76.60
N SER E 346 25.21 15.60 76.68
CA SER E 346 24.48 14.56 77.43
C SER E 346 25.06 14.38 78.83
N ARG E 347 26.34 14.01 78.90
CA ARG E 347 27.02 13.78 80.17
C ARG E 347 27.06 14.99 81.12
N TYR E 348 27.44 16.14 80.60
CA TYR E 348 27.63 17.32 81.45
C TYR E 348 26.29 17.93 81.86
N PHE E 349 25.22 17.32 81.38
CA PHE E 349 23.88 17.74 81.76
C PHE E 349 23.39 16.79 82.88
N THR E 350 24.16 15.74 83.17
CA THR E 350 23.82 14.81 84.25
C THR E 350 24.32 15.38 85.58
N SER E 351 25.54 15.89 85.53
CA SER E 351 26.26 16.43 86.67
C SER E 351 25.98 17.93 86.84
N ASN E 352 25.52 18.55 85.76
CA ASN E 352 25.27 19.98 85.74
C ASN E 352 23.88 20.28 85.24
N PRO E 353 22.90 20.22 86.14
CA PRO E 353 21.47 20.43 85.84
C PRO E 353 21.14 21.85 85.34
N ASN E 354 21.98 22.82 85.64
CA ASN E 354 21.80 24.18 85.12
C ASN E 354 22.84 24.51 84.05
N LEU E 355 23.15 23.52 83.20
CA LEU E 355 24.21 23.66 82.21
C LEU E 355 24.01 24.87 81.26
N VAL E 356 22.77 25.10 80.84
CA VAL E 356 22.44 26.24 79.98
C VAL E 356 22.81 27.58 80.66
N TRP E 357 22.74 27.61 82.00
CA TRP E 357 23.19 28.75 82.79
C TRP E 357 24.71 28.81 82.92
N LYS E 358 25.35 27.66 83.17
CA LYS E 358 26.80 27.61 83.28
C LYS E 358 27.48 27.91 81.94
N LEU E 359 26.87 27.44 80.85
CA LEU E 359 27.50 27.55 79.54
C LEU E 359 27.47 29.00 79.05
N ARG E 360 26.42 29.68 79.49
CA ARG E 360 26.17 31.07 79.12
C ARG E 360 27.20 31.99 79.73
N ASP E 361 27.63 31.69 80.96
CA ASP E 361 28.41 32.64 81.75
C ASP E 361 29.88 32.22 81.96
N GLY E 362 30.26 31.09 81.40
CA GLY E 362 31.64 30.61 81.52
C GLY E 362 31.91 29.85 82.80
N ILE E 363 30.88 29.74 83.64
CA ILE E 363 30.96 28.99 84.89
C ILE E 363 31.61 27.63 84.68
N ASP E 364 32.43 27.18 85.62
CA ASP E 364 33.12 25.91 85.46
C ASP E 364 32.12 24.74 85.51
N LEU E 365 32.50 23.61 84.95
CA LEU E 365 31.56 22.49 84.82
C LEU E 365 31.91 21.27 85.69
N VAL E 366 30.93 20.88 86.52
CA VAL E 366 31.03 19.73 87.42
C VAL E 366 31.13 18.42 86.61
N PRO E 367 32.19 17.63 86.87
CA PRO E 367 32.39 16.35 86.17
C PRO E 367 31.20 15.40 86.30
N TYR E 368 31.21 14.33 85.50
CA TYR E 368 30.17 13.32 85.59
C TYR E 368 30.70 11.98 86.18
N ASP E 369 29.83 11.29 86.92
CA ASP E 369 30.15 9.98 87.49
C ASP E 369 29.64 8.91 86.55
N ARG E 370 30.51 8.40 85.70
CA ARG E 370 30.11 7.41 84.72
C ARG E 370 29.48 6.24 85.45
N ASN E 371 29.91 6.05 86.69
CA ASN E 371 29.56 4.88 87.48
C ASN E 371 28.11 4.89 88.06
N THR E 372 27.49 6.07 88.13
CA THR E 372 26.07 6.18 88.55
C THR E 372 25.06 6.53 87.43
N PHE E 373 25.46 6.39 86.16
CA PHE E 373 24.59 6.63 85.01
C PHE E 373 23.39 5.69 85.04
N TYR E 374 23.67 4.44 85.39
CA TYR E 374 22.69 3.38 85.24
C TYR E 374 22.18 2.76 86.57
N SER E 375 22.77 3.15 87.69
CA SER E 375 22.31 2.66 89.00
C SER E 375 20.81 2.95 89.14
N ASP E 376 20.15 2.30 90.09
CA ASP E 376 18.68 2.39 90.18
C ASP E 376 18.15 3.31 91.29
N ASN E 377 19.06 4.01 91.96
CA ASN E 377 18.73 4.89 93.08
C ASN E 377 19.11 6.33 92.76
N ASN E 378 18.74 7.24 93.67
CA ASN E 378 18.93 8.69 93.49
C ASN E 378 20.35 9.16 93.64
N TYR E 379 21.29 8.26 93.90
CA TYR E 379 22.67 8.69 94.08
C TYR E 379 23.42 8.84 92.77
N GLY E 380 23.78 10.10 92.46
CA GLY E 380 24.43 10.43 91.20
C GLY E 380 23.40 10.83 90.17
N TYR E 381 22.15 10.96 90.63
CA TYR E 381 21.03 11.30 89.77
C TYR E 381 20.55 12.71 90.09
N ASN E 382 19.63 12.82 91.04
CA ASN E 382 19.20 14.14 91.51
C ASN E 382 20.12 14.74 92.61
N THR E 383 21.25 14.09 92.91
CA THR E 383 22.15 14.61 93.94
C THR E 383 23.10 15.70 93.43
N PHE E 384 23.03 16.03 92.15
CA PHE E 384 23.85 17.12 91.61
C PHE E 384 23.14 18.48 91.71
N SER E 385 21.88 18.46 92.14
CA SER E 385 21.11 19.69 92.35
CA SER E 385 21.13 19.71 92.33
C SER E 385 21.35 20.30 93.73
N MET E 386 21.82 19.47 94.66
CA MET E 386 22.19 19.90 96.00
C MET E 386 23.69 20.18 96.07
N ASP E 387 24.11 20.95 97.07
CA ASP E 387 25.53 21.17 97.30
C ASP E 387 26.21 19.86 97.69
N SER E 388 27.27 19.48 96.97
CA SER E 388 27.98 18.23 97.26
CA SER E 388 27.98 18.23 97.26
C SER E 388 28.13 17.99 98.75
N GLU E 389 28.41 19.05 99.50
CA GLU E 389 28.59 18.98 100.95
CA GLU E 389 28.60 18.97 100.94
C GLU E 389 27.42 18.29 101.67
N GLU E 390 26.20 18.52 101.19
CA GLU E 390 24.99 18.02 101.87
C GLU E 390 24.59 16.58 101.52
N VAL E 391 25.11 16.05 100.41
CA VAL E 391 24.68 14.74 99.95
C VAL E 391 25.00 13.62 100.93
N ASP E 392 23.95 12.98 101.45
CA ASP E 392 24.12 11.81 102.30
C ASP E 392 24.09 10.57 101.40
N LYS E 393 25.27 10.09 101.03
CA LYS E 393 25.36 9.02 100.05
C LYS E 393 24.49 7.82 100.37
N GLU E 394 24.61 7.30 101.60
CA GLU E 394 23.85 6.11 101.99
CA GLU E 394 23.86 6.11 101.97
C GLU E 394 22.36 6.39 102.04
N LEU E 395 21.99 7.61 102.41
CA LEU E 395 20.58 8.00 102.42
C LEU E 395 20.05 8.00 100.98
N GLU E 396 20.83 8.61 100.07
CA GLU E 396 20.49 8.68 98.66
C GLU E 396 20.48 7.32 97.91
N ILE E 397 21.37 6.41 98.27
CA ILE E 397 21.42 5.10 97.63
C ILE E 397 20.18 4.25 97.93
N LYS E 398 19.43 4.62 98.97
CA LYS E 398 18.25 3.87 99.33
C LYS E 398 17.00 4.63 98.88
N ARG E 399 17.23 5.75 98.20
CA ARG E 399 16.15 6.44 97.52
C ARG E 399 15.93 5.80 96.15
N VAL E 400 14.73 5.28 95.97
CA VAL E 400 14.36 4.63 94.72
C VAL E 400 13.06 5.23 94.19
N PRO E 401 12.93 5.28 92.87
CA PRO E 401 11.74 5.79 92.19
C PRO E 401 10.47 5.42 92.94
N SER E 402 9.65 6.41 93.28
CA SER E 402 8.32 6.18 93.84
C SER E 402 7.24 6.80 92.94
N ALA E 403 5.97 6.53 93.22
CA ALA E 403 4.90 7.23 92.50
C ALA E 403 5.09 8.74 92.61
N ILE E 404 4.37 9.50 91.79
CA ILE E 404 4.44 10.95 91.88
C ILE E 404 3.35 11.50 92.80
N GLU E 405 3.70 12.49 93.62
CA GLU E 405 2.76 13.18 94.51
C GLU E 405 2.39 12.37 95.76
N SER F 2 -22.84 -11.84 -74.99
CA SER F 2 -22.80 -10.69 -75.91
C SER F 2 -21.36 -10.40 -76.41
N SER F 3 -21.14 -9.17 -76.88
CA SER F 3 -19.80 -8.65 -77.18
C SER F 3 -19.34 -7.85 -75.97
N VAL F 4 -18.83 -8.57 -74.97
CA VAL F 4 -18.93 -8.17 -73.56
C VAL F 4 -18.10 -6.98 -73.07
N LYS F 5 -18.80 -6.05 -72.40
CA LYS F 5 -18.15 -4.96 -71.68
C LYS F 5 -17.64 -5.44 -70.31
N ILE F 6 -16.42 -5.01 -69.98
CA ILE F 6 -15.77 -5.46 -68.74
C ILE F 6 -14.98 -4.34 -68.06
N SER F 7 -14.90 -4.37 -66.73
CA SER F 7 -14.08 -3.42 -65.99
CA SER F 7 -14.08 -3.42 -65.99
C SER F 7 -12.60 -3.78 -66.15
N PRO F 8 -11.70 -2.84 -65.84
CA PRO F 8 -10.28 -3.16 -65.97
C PRO F 8 -9.76 -3.84 -64.71
N LEU F 9 -8.96 -4.90 -64.89
CA LEU F 9 -8.42 -5.68 -63.78
C LEU F 9 -6.97 -5.33 -63.43
N LYS F 10 -6.38 -4.43 -64.22
CA LYS F 10 -5.03 -3.90 -63.97
C LYS F 10 -4.66 -3.62 -62.51
N ASP F 11 -5.64 -3.26 -61.69
CA ASP F 11 -5.32 -2.82 -60.32
C ASP F 11 -5.57 -3.88 -59.26
N SER F 12 -6.43 -4.85 -59.58
CA SER F 12 -6.81 -5.90 -58.65
C SER F 12 -5.67 -6.89 -58.40
N GLU F 13 -5.97 -7.92 -57.61
CA GLU F 13 -4.98 -8.95 -57.31
C GLU F 13 -4.58 -9.77 -58.55
N ALA F 14 -5.37 -9.70 -59.63
CA ALA F 14 -5.07 -10.48 -60.83
C ALA F 14 -3.71 -10.20 -61.44
N PHE F 15 -3.08 -9.12 -61.04
CA PHE F 15 -1.82 -8.73 -61.67
C PHE F 15 -0.68 -8.54 -60.65
N GLN F 16 -0.88 -9.16 -59.49
CA GLN F 16 0.15 -9.31 -58.47
C GLN F 16 0.95 -10.61 -58.70
N SER F 17 2.28 -10.52 -58.57
CA SER F 17 3.11 -11.71 -58.79
C SER F 17 2.76 -12.84 -57.82
N ILE F 18 2.74 -14.07 -58.33
CA ILE F 18 2.52 -15.27 -57.50
C ILE F 18 3.36 -16.49 -57.90
N LYS F 19 4.06 -17.05 -56.91
CA LYS F 19 4.90 -18.24 -57.06
C LYS F 19 4.06 -19.54 -57.16
N VAL F 20 4.11 -20.18 -58.33
CA VAL F 20 3.41 -21.44 -58.59
C VAL F 20 4.45 -22.54 -58.83
N GLY F 21 4.90 -23.18 -57.75
CA GLY F 21 5.98 -24.16 -57.84
C GLY F 21 7.32 -23.46 -57.88
N ASN F 22 8.10 -23.75 -58.92
CA ASN F 22 9.42 -23.15 -59.12
C ASN F 22 9.36 -21.86 -59.96
N ASN F 23 8.24 -21.65 -60.63
CA ASN F 23 8.05 -20.44 -61.43
C ASN F 23 7.21 -19.38 -60.70
N THR F 24 7.47 -18.11 -61.02
CA THR F 24 6.64 -17.01 -60.53
C THR F 24 5.80 -16.47 -61.69
N LEU F 25 4.47 -16.56 -61.59
CA LEU F 25 3.57 -15.98 -62.60
C LEU F 25 3.41 -14.45 -62.44
N GLN F 26 3.44 -13.70 -63.55
CA GLN F 26 3.19 -12.26 -63.44
C GLN F 26 1.72 -11.86 -63.62
N THR F 27 0.85 -12.81 -63.99
CA THR F 27 -0.60 -12.61 -64.00
C THR F 27 -1.31 -13.81 -63.40
N LYS F 28 -2.45 -13.58 -62.76
CA LYS F 28 -3.21 -14.70 -62.19
C LYS F 28 -4.23 -15.24 -63.18
N ILE F 29 -4.21 -14.76 -64.41
CA ILE F 29 -5.14 -15.26 -65.41
C ILE F 29 -4.50 -16.38 -66.20
N VAL F 30 -5.19 -17.51 -66.26
CA VAL F 30 -4.68 -18.76 -66.82
C VAL F 30 -5.62 -19.23 -67.93
N TYR F 31 -5.05 -19.70 -69.06
CA TYR F 31 -5.82 -20.40 -70.09
C TYR F 31 -6.02 -21.86 -69.72
N PRO F 32 -7.24 -22.27 -69.33
CA PRO F 32 -7.36 -23.65 -68.83
C PRO F 32 -7.34 -24.67 -69.98
N PRO F 33 -7.06 -25.95 -69.67
CA PRO F 33 -7.01 -26.98 -70.72
C PRO F 33 -8.23 -26.92 -71.63
N THR F 34 -8.01 -26.99 -72.94
CA THR F 34 -9.08 -26.80 -73.91
C THR F 34 -8.83 -27.60 -75.20
N THR F 35 -9.70 -28.57 -75.50
CA THR F 35 -9.57 -29.43 -76.68
C THR F 35 -10.07 -28.76 -77.97
N ARG F 36 -9.20 -28.71 -78.97
CA ARG F 36 -9.60 -28.09 -80.23
C ARG F 36 -9.39 -29.05 -81.39
N PHE F 37 -8.81 -30.21 -81.10
CA PHE F 37 -8.58 -31.22 -82.12
C PHE F 37 -7.88 -30.64 -83.36
N ARG F 38 -6.79 -29.93 -83.17
CA ARG F 38 -6.04 -29.43 -84.32
C ARG F 38 -4.64 -30.05 -84.38
N ALA F 39 -4.46 -31.16 -83.69
CA ALA F 39 -3.22 -31.91 -83.71
C ALA F 39 -3.13 -32.60 -85.07
N LEU F 40 -2.00 -33.20 -85.38
CA LEU F 40 -1.90 -33.98 -86.61
C LEU F 40 -2.53 -35.38 -86.49
N GLU F 41 -2.69 -36.05 -87.64
CA GLU F 41 -3.32 -37.35 -87.68
C GLU F 41 -2.76 -38.31 -86.63
N ASP F 42 -1.43 -38.35 -86.50
CA ASP F 42 -0.73 -39.31 -85.65
C ASP F 42 -0.50 -38.85 -84.20
N HIS F 43 -1.26 -37.83 -83.77
CA HIS F 43 -1.23 -37.32 -82.40
C HIS F 43 -0.04 -36.39 -82.05
N THR F 44 0.64 -35.92 -83.09
CA THR F 44 1.77 -34.99 -82.98
C THR F 44 1.29 -33.58 -83.30
N PRO F 45 1.75 -32.57 -82.53
CA PRO F 45 1.37 -31.15 -82.63
C PRO F 45 1.70 -30.48 -83.97
N SER F 46 0.87 -29.52 -84.36
CA SER F 46 0.89 -28.95 -85.71
C SER F 46 1.39 -27.52 -85.78
N ASP F 47 1.49 -26.99 -86.99
CA ASP F 47 1.82 -25.59 -87.20
C ASP F 47 0.66 -24.69 -86.78
N LEU F 48 -0.48 -25.31 -86.48
CA LEU F 48 -1.65 -24.56 -86.01
C LEU F 48 -1.62 -24.44 -84.49
N GLN F 49 -1.17 -25.49 -83.83
CA GLN F 49 -1.03 -25.42 -82.40
C GLN F 49 0.10 -24.45 -82.06
N LEU F 50 1.15 -24.44 -82.88
CA LEU F 50 2.28 -23.55 -82.63
C LEU F 50 1.89 -22.08 -82.55
N GLN F 51 1.27 -21.55 -83.60
CA GLN F 51 0.81 -20.17 -83.57
C GLN F 51 -0.22 -19.96 -82.44
N TYR F 52 -1.08 -20.94 -82.23
CA TYR F 52 -2.22 -20.76 -81.33
C TYR F 52 -1.84 -20.68 -79.84
N TYR F 53 -0.79 -21.39 -79.45
CA TYR F 53 -0.35 -21.33 -78.07
C TYR F 53 0.64 -20.18 -77.85
N GLY F 54 1.39 -19.85 -78.91
CA GLY F 54 2.28 -18.71 -78.89
C GLY F 54 1.49 -17.40 -78.84
N ASP F 55 0.31 -17.39 -79.46
CA ASP F 55 -0.53 -16.19 -79.56
C ASP F 55 -1.03 -15.74 -78.21
N ARG F 56 -1.19 -16.68 -77.29
CA ARG F 56 -1.87 -16.45 -76.04
C ARG F 56 -0.88 -16.31 -74.89
N SER F 57 0.40 -16.25 -75.25
CA SER F 57 1.49 -16.17 -74.29
C SER F 57 2.14 -14.79 -74.29
N THR F 58 1.53 -13.84 -75.00
CA THR F 58 2.12 -12.52 -75.21
C THR F 58 2.20 -11.66 -73.97
N PHE F 59 1.43 -11.99 -72.92
CA PHE F 59 1.63 -11.31 -71.64
C PHE F 59 2.65 -12.05 -70.76
N PRO F 60 3.84 -11.45 -70.54
CA PRO F 60 4.95 -12.16 -69.85
C PRO F 60 4.58 -12.79 -68.49
N GLY F 61 4.78 -14.10 -68.36
CA GLY F 61 4.48 -14.77 -67.12
C GLY F 61 3.07 -15.29 -66.99
N THR F 62 2.45 -15.59 -68.14
CA THR F 62 1.11 -16.16 -68.16
C THR F 62 1.29 -17.64 -68.01
N LEU F 63 0.44 -18.29 -67.22
CA LEU F 63 0.44 -19.75 -67.18
C LEU F 63 -0.62 -20.29 -68.14
N LEU F 64 -0.17 -21.01 -69.17
CA LEU F 64 -1.07 -21.65 -70.14
C LEU F 64 -1.13 -23.16 -69.87
N ILE F 65 -2.34 -23.72 -69.85
CA ILE F 65 -2.53 -25.15 -69.68
C ILE F 65 -3.00 -25.78 -71.01
N THR F 66 -2.24 -26.77 -71.48
CA THR F 66 -2.47 -27.33 -72.81
C THR F 66 -3.69 -28.24 -72.86
N GLU F 67 -4.34 -28.27 -74.03
CA GLU F 67 -5.42 -29.22 -74.33
C GLU F 67 -5.11 -30.61 -73.80
N ALA F 68 -6.15 -31.33 -73.35
CA ALA F 68 -6.01 -32.73 -72.95
C ALA F 68 -5.20 -33.46 -73.99
N THR F 69 -4.14 -34.12 -73.52
CA THR F 69 -3.23 -34.85 -74.38
C THR F 69 -3.09 -36.28 -73.85
N PHE F 70 -2.88 -37.24 -74.77
CA PHE F 70 -2.87 -38.68 -74.43
C PHE F 70 -1.54 -39.16 -73.82
N VAL F 71 -1.59 -39.98 -72.77
CA VAL F 71 -0.36 -40.54 -72.20
C VAL F 71 0.14 -41.76 -72.98
N SER F 72 -0.77 -42.38 -73.73
CA SER F 72 -0.48 -43.58 -74.54
C SER F 72 -1.56 -43.77 -75.62
N PRO F 73 -1.46 -44.84 -76.41
CA PRO F 73 -2.56 -45.09 -77.37
C PRO F 73 -3.76 -45.73 -76.69
N GLN F 74 -3.55 -46.32 -75.50
CA GLN F 74 -4.64 -46.88 -74.71
C GLN F 74 -5.51 -45.75 -74.15
N ALA F 75 -4.87 -44.63 -73.84
CA ALA F 75 -5.57 -43.49 -73.27
C ALA F 75 -6.42 -42.72 -74.30
N SER F 76 -6.33 -43.06 -75.57
CA SER F 76 -7.07 -42.36 -76.62
C SER F 76 -8.58 -42.67 -76.61
N GLY F 77 -9.27 -42.20 -77.65
CA GLY F 77 -10.69 -42.46 -77.81
C GLY F 77 -11.51 -41.44 -78.58
N TRP F 78 -10.88 -40.45 -79.20
CA TRP F 78 -11.65 -39.40 -79.90
C TRP F 78 -11.54 -39.52 -81.41
N GLU F 79 -12.61 -39.13 -82.08
CA GLU F 79 -12.65 -39.12 -83.53
C GLU F 79 -11.77 -37.99 -84.06
N GLY F 80 -11.72 -36.89 -83.30
CA GLY F 80 -10.93 -35.73 -83.68
C GLY F 80 -9.45 -35.87 -83.38
N ALA F 81 -8.63 -35.13 -84.13
CA ALA F 81 -7.19 -35.20 -84.00
C ALA F 81 -6.67 -34.51 -82.72
N ALA F 82 -6.85 -35.17 -81.57
CA ALA F 82 -6.22 -34.71 -80.34
C ALA F 82 -4.77 -35.21 -80.30
N PRO F 83 -3.91 -34.54 -79.52
CA PRO F 83 -2.46 -34.72 -79.49
C PRO F 83 -1.92 -35.67 -78.42
N GLY F 84 -0.75 -36.25 -78.66
CA GLY F 84 -0.16 -37.17 -77.71
C GLY F 84 1.11 -36.66 -77.06
N ILE F 85 1.59 -37.38 -76.05
CA ILE F 85 2.87 -37.08 -75.43
C ILE F 85 3.52 -38.37 -74.92
N TRP F 86 3.44 -39.44 -75.73
CA TRP F 86 4.07 -40.70 -75.36
C TRP F 86 5.37 -40.97 -76.15
N THR F 87 5.39 -40.64 -77.44
CA THR F 87 6.55 -40.94 -78.27
C THR F 87 7.53 -39.78 -78.34
N ASP F 88 8.69 -40.04 -78.95
CA ASP F 88 9.74 -39.03 -79.17
C ASP F 88 9.33 -38.00 -80.23
N LYS F 89 8.50 -38.40 -81.18
CA LYS F 89 8.05 -37.48 -82.22
C LYS F 89 7.22 -36.39 -81.55
N HIS F 90 6.39 -36.85 -80.62
CA HIS F 90 5.58 -35.98 -79.78
C HIS F 90 6.44 -34.93 -79.07
N ALA F 91 7.20 -35.34 -78.05
CA ALA F 91 8.08 -34.44 -77.31
C ALA F 91 8.74 -33.34 -78.15
N LYS F 92 9.50 -33.72 -79.17
CA LYS F 92 10.27 -32.78 -79.99
C LYS F 92 9.42 -31.70 -80.70
N ALA F 93 8.21 -32.07 -81.10
CA ALA F 93 7.27 -31.10 -81.68
C ALA F 93 6.68 -30.16 -80.63
N TRP F 94 6.32 -30.71 -79.47
CA TRP F 94 5.86 -29.88 -78.36
C TRP F 94 6.94 -28.89 -77.98
N LYS F 95 8.19 -29.37 -77.95
CA LYS F 95 9.34 -28.55 -77.62
C LYS F 95 9.25 -27.24 -78.39
N VAL F 96 9.25 -27.30 -79.72
CA VAL F 96 9.15 -26.09 -80.53
C VAL F 96 8.10 -25.12 -79.98
N ILE F 97 7.07 -25.69 -79.35
CA ILE F 97 5.92 -24.94 -78.83
C ILE F 97 6.11 -24.38 -77.42
N THR F 98 6.62 -25.19 -76.47
CA THR F 98 6.95 -24.69 -75.13
C THR F 98 8.18 -23.76 -75.16
N ASP F 99 8.97 -23.85 -76.22
CA ASP F 99 10.06 -22.92 -76.44
C ASP F 99 9.52 -21.56 -76.83
N LYS F 100 8.48 -21.55 -77.67
CA LYS F 100 7.86 -20.31 -78.13
C LYS F 100 7.23 -19.59 -76.94
N VAL F 101 6.47 -20.34 -76.14
CA VAL F 101 5.88 -19.78 -74.93
C VAL F 101 6.95 -19.26 -73.97
N HIS F 102 8.05 -20.00 -73.79
CA HIS F 102 9.13 -19.59 -72.86
C HIS F 102 9.89 -18.32 -73.29
N ALA F 103 9.94 -18.05 -74.59
CA ALA F 103 10.66 -16.89 -75.10
C ALA F 103 9.81 -15.61 -74.95
N ASN F 104 8.57 -15.79 -74.53
CA ASN F 104 7.68 -14.67 -74.22
C ASN F 104 7.58 -14.53 -72.71
N GLY F 105 8.46 -15.23 -71.99
CA GLY F 105 8.51 -15.17 -70.55
C GLY F 105 7.37 -15.90 -69.84
N SER F 106 6.64 -16.72 -70.57
CA SER F 106 5.48 -17.40 -70.01
C SER F 106 5.73 -18.88 -69.76
N PHE F 107 4.77 -19.53 -69.11
CA PHE F 107 4.92 -20.94 -68.76
C PHE F 107 3.78 -21.76 -69.31
N VAL F 108 4.02 -23.07 -69.40
CA VAL F 108 3.07 -23.98 -70.01
C VAL F 108 3.05 -25.26 -69.20
N SER F 109 1.86 -25.84 -69.07
CA SER F 109 1.66 -27.03 -68.27
C SER F 109 0.78 -27.94 -69.10
N THR F 110 1.20 -29.19 -69.30
CA THR F 110 0.41 -30.10 -70.15
C THR F 110 -0.62 -30.95 -69.39
N GLN F 111 -1.78 -31.13 -69.99
CA GLN F 111 -2.81 -31.94 -69.35
C GLN F 111 -2.84 -33.37 -69.88
N LEU F 112 -2.53 -34.31 -68.98
CA LEU F 112 -2.45 -35.71 -69.36
C LEU F 112 -3.79 -36.40 -69.13
N ILE F 113 -4.42 -36.81 -70.23
CA ILE F 113 -5.75 -37.41 -70.18
C ILE F 113 -5.72 -38.85 -70.61
N PHE F 114 -6.56 -39.67 -69.96
CA PHE F 114 -6.83 -41.03 -70.41
C PHE F 114 -8.36 -41.18 -70.43
N LEU F 115 -8.91 -41.42 -71.62
CA LEU F 115 -10.35 -41.47 -71.80
C LEU F 115 -11.01 -42.55 -70.94
N GLY F 116 -10.71 -43.80 -71.23
CA GLY F 116 -11.33 -44.92 -70.54
C GLY F 116 -12.76 -45.22 -71.00
N ARG F 117 -13.59 -45.58 -70.03
CA ARG F 117 -14.99 -45.99 -70.23
C ARG F 117 -15.81 -45.26 -71.30
N VAL F 118 -15.24 -44.19 -71.86
CA VAL F 118 -15.98 -43.36 -72.81
C VAL F 118 -15.21 -43.26 -74.12
N ALA F 119 -14.15 -44.07 -74.23
CA ALA F 119 -13.40 -44.12 -75.47
C ALA F 119 -14.24 -44.73 -76.60
N ASP F 120 -14.08 -44.19 -77.81
CA ASP F 120 -14.75 -44.70 -79.02
C ASP F 120 -14.37 -46.18 -79.15
N PRO F 121 -15.38 -47.07 -79.12
CA PRO F 121 -15.08 -48.50 -79.16
C PRO F 121 -14.57 -48.94 -80.54
N ALA F 122 -15.07 -48.31 -81.60
CA ALA F 122 -14.56 -48.55 -82.95
C ALA F 122 -13.06 -48.25 -83.03
N VAL F 123 -12.68 -47.00 -82.74
CA VAL F 123 -11.27 -46.56 -82.83
C VAL F 123 -10.32 -47.28 -81.87
N MET F 124 -10.82 -47.75 -80.73
CA MET F 124 -9.97 -48.56 -79.85
C MET F 124 -9.61 -49.90 -80.51
N LYS F 125 -10.51 -50.39 -81.37
CA LYS F 125 -10.21 -51.52 -82.23
C LYS F 125 -8.98 -51.19 -83.08
N THR F 126 -9.20 -50.42 -84.16
CA THR F 126 -8.14 -49.97 -85.07
C THR F 126 -6.72 -50.08 -84.48
N ARG F 127 -6.59 -49.81 -83.19
CA ARG F 127 -5.33 -49.96 -82.47
C ARG F 127 -5.24 -51.36 -81.85
N GLY F 128 -6.19 -52.23 -82.22
CA GLY F 128 -6.28 -53.57 -81.66
C GLY F 128 -6.42 -53.54 -80.14
N LEU F 129 -7.40 -52.78 -79.65
CA LEU F 129 -7.50 -52.47 -78.24
C LEU F 129 -8.92 -52.38 -77.71
N ASN F 130 -9.07 -52.69 -76.43
CA ASN F 130 -10.37 -52.57 -75.75
C ASN F 130 -10.65 -51.17 -75.17
N PRO F 131 -11.94 -50.76 -75.16
CA PRO F 131 -12.32 -49.61 -74.34
C PRO F 131 -12.25 -50.04 -72.89
N VAL F 132 -11.35 -49.43 -72.12
CA VAL F 132 -11.09 -49.85 -70.75
C VAL F 132 -11.55 -48.83 -69.68
N SER F 133 -11.61 -49.28 -68.42
CA SER F 133 -11.95 -48.41 -67.29
C SER F 133 -11.53 -49.05 -65.97
N ALA F 134 -12.29 -48.79 -64.90
CA ALA F 134 -11.96 -49.32 -63.58
C ALA F 134 -12.88 -50.47 -63.25
N SER F 135 -14.16 -50.29 -63.57
CA SER F 135 -15.13 -51.38 -63.64
C SER F 135 -15.51 -51.45 -65.12
N ALA F 136 -16.28 -52.45 -65.51
CA ALA F 136 -16.79 -52.47 -66.89
C ALA F 136 -18.17 -51.85 -66.93
N THR F 137 -18.22 -50.54 -67.11
CA THR F 137 -19.52 -49.83 -67.17
C THR F 137 -19.54 -48.83 -68.34
N TYR F 138 -20.74 -48.40 -68.73
CA TYR F 138 -20.84 -47.46 -69.84
C TYR F 138 -21.40 -46.13 -69.37
N GLU F 139 -21.01 -45.07 -70.07
CA GLU F 139 -21.62 -43.78 -69.85
C GLU F 139 -23.14 -43.97 -69.85
N SER F 140 -23.71 -44.15 -71.04
CA SER F 140 -25.16 -44.27 -71.22
C SER F 140 -25.58 -45.68 -71.66
N ASP F 141 -26.80 -45.81 -72.17
CA ASP F 141 -27.27 -47.07 -72.72
C ASP F 141 -26.95 -47.20 -74.20
N ALA F 142 -27.12 -46.11 -74.94
CA ALA F 142 -26.72 -46.06 -76.34
C ALA F 142 -25.21 -46.27 -76.41
N ALA F 143 -24.55 -45.91 -75.33
CA ALA F 143 -23.11 -46.12 -75.19
C ALA F 143 -22.78 -47.60 -75.25
N LYS F 144 -23.34 -48.39 -74.31
CA LYS F 144 -23.12 -49.84 -74.26
C LYS F 144 -23.35 -50.53 -75.61
N GLU F 145 -24.35 -50.07 -76.35
CA GLU F 145 -24.77 -50.75 -77.57
C GLU F 145 -23.80 -50.61 -78.74
N ALA F 146 -23.37 -49.39 -79.05
CA ALA F 146 -22.44 -49.15 -80.15
C ALA F 146 -21.09 -49.86 -79.95
N ALA F 147 -20.78 -50.17 -78.69
CA ALA F 147 -19.54 -50.84 -78.33
C ALA F 147 -19.61 -52.32 -78.68
N GLU F 148 -20.72 -52.95 -78.30
CA GLU F 148 -20.95 -54.34 -78.66
C GLU F 148 -21.15 -54.45 -80.17
N ALA F 149 -22.07 -53.65 -80.71
CA ALA F 149 -22.36 -53.66 -82.16
C ALA F 149 -21.11 -53.62 -83.06
N VAL F 150 -19.93 -53.61 -82.45
CA VAL F 150 -18.67 -53.74 -83.18
C VAL F 150 -17.75 -54.69 -82.42
N GLY F 151 -18.29 -55.28 -81.35
CA GLY F 151 -17.61 -56.35 -80.62
C GLY F 151 -16.40 -55.92 -79.82
N ASN F 152 -16.49 -54.72 -79.25
CA ASN F 152 -15.40 -54.13 -78.46
C ASN F 152 -15.94 -53.57 -77.14
N PRO F 153 -16.49 -54.45 -76.28
CA PRO F 153 -17.14 -53.97 -75.05
C PRO F 153 -16.13 -53.28 -74.15
N VAL F 154 -16.59 -52.58 -73.12
CA VAL F 154 -15.67 -52.04 -72.12
C VAL F 154 -15.24 -53.21 -71.26
N ARG F 155 -13.96 -53.28 -70.92
CA ARG F 155 -13.51 -54.31 -69.99
C ARG F 155 -12.82 -53.65 -68.81
N ALA F 156 -12.94 -54.24 -67.63
CA ALA F 156 -12.19 -53.75 -66.48
C ALA F 156 -10.71 -54.11 -66.60
N LEU F 157 -9.85 -53.15 -66.28
CA LEU F 157 -8.40 -53.38 -66.24
C LEU F 157 -8.10 -54.28 -65.05
N THR F 158 -6.90 -54.85 -65.05
CA THR F 158 -6.49 -55.74 -63.96
C THR F 158 -5.49 -55.07 -63.02
N THR F 159 -5.43 -55.56 -61.79
CA THR F 159 -4.48 -55.00 -60.79
C THR F 159 -3.03 -54.95 -61.30
N GLN F 160 -2.80 -55.44 -62.52
CA GLN F 160 -1.48 -55.41 -63.14
C GLN F 160 -1.37 -54.28 -64.18
N GLU F 161 -2.36 -54.17 -65.07
CA GLU F 161 -2.42 -53.09 -66.05
C GLU F 161 -2.54 -51.71 -65.37
N VAL F 162 -3.08 -51.72 -64.16
CA VAL F 162 -3.22 -50.51 -63.35
C VAL F 162 -1.86 -50.00 -62.81
N LYS F 163 -1.01 -50.93 -62.39
CA LYS F 163 0.34 -50.58 -62.03
C LYS F 163 1.09 -50.05 -63.26
N ASP F 164 0.74 -50.57 -64.45
CA ASP F 164 1.44 -50.18 -65.69
C ASP F 164 1.01 -48.83 -66.23
N LEU F 165 -0.15 -48.34 -65.80
CA LEU F 165 -0.50 -46.95 -66.04
C LEU F 165 0.48 -46.10 -65.21
N VAL F 166 0.56 -46.41 -63.92
CA VAL F 166 1.44 -45.71 -63.00
C VAL F 166 2.90 -45.78 -63.50
N TYR F 167 3.47 -47.00 -63.52
CA TYR F 167 4.91 -47.16 -63.74
C TYR F 167 5.39 -47.32 -65.20
N GLU F 168 4.46 -47.46 -66.15
CA GLU F 168 4.85 -47.53 -67.58
C GLU F 168 4.37 -46.38 -68.51
N ALA F 169 3.05 -46.17 -68.63
CA ALA F 169 2.51 -45.19 -69.59
C ALA F 169 2.52 -43.74 -69.11
N TYR F 170 2.25 -43.52 -67.83
CA TYR F 170 2.22 -42.18 -67.27
C TYR F 170 3.64 -41.65 -67.03
N THR F 171 4.46 -42.52 -66.44
CA THR F 171 5.89 -42.28 -66.30
C THR F 171 6.55 -41.97 -67.67
N ASN F 172 6.20 -42.75 -68.69
CA ASN F 172 6.60 -42.48 -70.07
C ASN F 172 6.22 -41.07 -70.55
N ALA F 173 4.97 -40.69 -70.39
CA ALA F 173 4.50 -39.37 -70.84
C ALA F 173 5.01 -38.23 -69.93
N ALA F 174 5.26 -38.54 -68.66
CA ALA F 174 5.80 -37.54 -67.71
C ALA F 174 7.28 -37.21 -67.96
N GLN F 175 7.98 -38.14 -68.61
CA GLN F 175 9.38 -37.95 -68.99
C GLN F 175 9.47 -37.32 -70.38
N LYS F 176 8.58 -37.74 -71.27
CA LYS F 176 8.43 -37.14 -72.60
C LYS F 176 7.84 -35.73 -72.47
N ALA F 177 7.34 -35.44 -71.26
CA ALA F 177 6.88 -34.11 -70.93
C ALA F 177 8.09 -33.24 -70.62
N MET F 178 8.91 -33.66 -69.66
CA MET F 178 10.12 -32.90 -69.31
C MET F 178 11.04 -32.74 -70.52
N ASP F 179 11.00 -33.71 -71.44
CA ASP F 179 11.76 -33.61 -72.67
C ASP F 179 11.17 -32.55 -73.60
N ALA F 180 9.85 -32.51 -73.68
CA ALA F 180 9.13 -31.54 -74.53
C ALA F 180 9.24 -30.07 -74.06
N GLY F 181 9.64 -29.89 -72.80
CA GLY F 181 9.89 -28.55 -72.28
C GLY F 181 8.82 -28.04 -71.32
N PHE F 182 7.88 -28.89 -70.93
CA PHE F 182 6.82 -28.46 -70.02
C PHE F 182 7.34 -28.07 -68.64
N ASP F 183 6.72 -27.05 -68.06
CA ASP F 183 7.05 -26.63 -66.70
C ASP F 183 6.16 -27.38 -65.73
N TYR F 184 5.03 -27.90 -66.21
CA TYR F 184 4.18 -28.77 -65.37
C TYR F 184 3.53 -29.91 -66.16
N ILE F 185 2.90 -30.83 -65.42
CA ILE F 185 2.05 -31.86 -65.99
C ILE F 185 0.79 -31.95 -65.14
N GLU F 186 -0.36 -32.02 -65.80
CA GLU F 186 -1.60 -32.06 -65.05
C GLU F 186 -2.34 -33.40 -65.15
N LEU F 187 -2.58 -34.03 -63.99
CA LEU F 187 -3.42 -35.22 -63.91
C LEU F 187 -4.90 -34.87 -64.11
N HIS F 188 -5.47 -35.36 -65.20
CA HIS F 188 -6.86 -35.08 -65.50
C HIS F 188 -7.84 -35.95 -64.70
N ALA F 189 -8.13 -35.55 -63.47
CA ALA F 189 -9.07 -36.27 -62.63
C ALA F 189 -10.43 -35.58 -62.62
N ALA F 190 -10.87 -35.13 -63.79
CA ALA F 190 -12.18 -34.46 -63.91
C ALA F 190 -13.02 -35.00 -65.10
N HIS F 191 -14.29 -34.63 -65.13
CA HIS F 191 -15.20 -34.89 -66.25
C HIS F 191 -15.40 -36.38 -66.56
N GLY F 192 -15.29 -37.23 -65.56
CA GLY F 192 -15.52 -38.66 -65.77
C GLY F 192 -14.67 -39.37 -66.81
N TYR F 193 -13.41 -38.95 -66.96
CA TYR F 193 -12.42 -39.73 -67.72
C TYR F 193 -11.76 -40.73 -66.78
N LEU F 194 -10.70 -41.38 -67.21
CA LEU F 194 -10.09 -42.47 -66.44
C LEU F 194 -9.99 -42.24 -64.92
N LEU F 195 -9.33 -41.15 -64.50
CA LEU F 195 -9.08 -40.93 -63.07
C LEU F 195 -10.33 -40.52 -62.28
N ASP F 196 -11.20 -39.70 -62.87
CA ASP F 196 -12.49 -39.42 -62.25
C ASP F 196 -13.29 -40.75 -62.08
N GLN F 197 -13.38 -41.55 -63.16
CA GLN F 197 -14.08 -42.85 -63.13
C GLN F 197 -13.65 -43.72 -61.94
N PHE F 198 -12.37 -43.60 -61.56
CA PHE F 198 -11.78 -44.42 -60.50
C PHE F 198 -12.06 -43.91 -59.09
N LEU F 199 -12.38 -42.63 -58.96
CA LEU F 199 -12.45 -41.98 -57.66
C LEU F 199 -13.84 -42.14 -57.07
N GLN F 200 -14.83 -42.11 -57.96
CA GLN F 200 -16.23 -42.11 -57.55
C GLN F 200 -16.88 -43.48 -57.74
N PRO F 201 -17.73 -43.88 -56.78
CA PRO F 201 -18.41 -45.18 -56.72
C PRO F 201 -19.23 -45.62 -57.94
N CYS F 202 -19.83 -44.70 -58.68
CA CYS F 202 -20.77 -45.09 -59.74
C CYS F 202 -20.08 -45.65 -60.98
N THR F 203 -18.79 -45.39 -61.09
CA THR F 203 -18.03 -45.86 -62.24
C THR F 203 -16.93 -46.82 -61.82
N ASN F 204 -16.82 -47.02 -60.50
CA ASN F 204 -15.76 -47.86 -59.95
C ASN F 204 -16.23 -48.73 -58.81
N GLN F 205 -16.38 -50.02 -59.11
CA GLN F 205 -16.78 -51.01 -58.12
CA GLN F 205 -16.72 -50.98 -58.06
C GLN F 205 -15.75 -52.15 -58.01
N ARG F 206 -14.50 -51.87 -58.34
CA ARG F 206 -13.43 -52.87 -58.20
C ARG F 206 -13.46 -53.54 -56.80
N THR F 207 -12.99 -54.78 -56.74
CA THR F 207 -12.92 -55.55 -55.50
C THR F 207 -11.49 -55.74 -54.99
N ASP F 208 -10.51 -55.37 -55.82
CA ASP F 208 -9.11 -55.33 -55.39
C ASP F 208 -8.80 -54.17 -54.43
N GLU F 209 -7.59 -53.63 -54.52
CA GLU F 209 -7.17 -52.54 -53.63
C GLU F 209 -7.34 -51.14 -54.24
N TYR F 210 -7.57 -51.09 -55.55
CA TYR F 210 -7.81 -49.81 -56.19
C TYR F 210 -9.29 -49.45 -56.17
N GLY F 211 -10.02 -49.97 -55.17
CA GLY F 211 -11.46 -49.74 -55.06
C GLY F 211 -12.08 -50.45 -53.87
N GLY F 212 -13.32 -50.08 -53.53
CA GLY F 212 -14.04 -50.73 -52.44
C GLY F 212 -14.01 -49.98 -51.13
N SER F 213 -13.16 -48.96 -51.04
CA SER F 213 -13.21 -47.95 -49.97
C SER F 213 -12.84 -46.58 -50.54
N ILE F 214 -13.19 -45.52 -49.84
CA ILE F 214 -12.84 -44.19 -50.33
C ILE F 214 -11.34 -44.12 -50.57
N GLU F 215 -10.57 -44.58 -49.57
CA GLU F 215 -9.11 -44.64 -49.63
C GLU F 215 -8.63 -45.40 -50.86
N ASN F 216 -9.27 -46.56 -51.07
CA ASN F 216 -8.93 -47.42 -52.19
C ASN F 216 -9.20 -46.67 -53.50
N ARG F 217 -10.44 -46.30 -53.75
CA ARG F 217 -10.77 -45.56 -54.98
C ARG F 217 -9.69 -44.51 -55.27
N ALA F 218 -9.29 -43.78 -54.23
CA ALA F 218 -8.29 -42.71 -54.34
C ALA F 218 -6.86 -43.19 -54.61
N ARG F 219 -6.58 -44.46 -54.29
CA ARG F 219 -5.23 -45.03 -54.37
C ARG F 219 -4.48 -44.80 -55.68
N LEU F 220 -5.15 -44.98 -56.83
CA LEU F 220 -4.46 -44.89 -58.11
C LEU F 220 -3.98 -43.47 -58.43
N ILE F 221 -4.85 -42.51 -58.12
CA ILE F 221 -4.49 -41.10 -58.14
C ILE F 221 -3.23 -40.88 -57.29
N LEU F 222 -3.36 -40.97 -55.96
CA LEU F 222 -2.22 -40.75 -55.06
C LEU F 222 -0.92 -41.51 -55.43
N GLU F 223 -1.06 -42.64 -56.14
CA GLU F 223 0.10 -43.43 -56.59
C GLU F 223 0.73 -42.80 -57.84
N LEU F 224 -0.09 -42.24 -58.72
CA LEU F 224 0.43 -41.50 -59.87
C LEU F 224 1.08 -40.19 -59.37
N ILE F 225 0.65 -39.75 -58.18
CA ILE F 225 1.17 -38.55 -57.51
C ILE F 225 2.59 -38.67 -56.95
N ASP F 226 2.77 -39.56 -55.97
CA ASP F 226 4.05 -39.75 -55.27
C ASP F 226 5.17 -40.27 -56.17
N HIS F 227 4.83 -41.20 -57.06
CA HIS F 227 5.76 -41.72 -58.05
C HIS F 227 6.15 -40.63 -59.05
N LEU F 228 5.17 -39.99 -59.67
CA LEU F 228 5.44 -38.85 -60.56
C LEU F 228 6.08 -37.64 -59.83
N SER F 229 5.86 -37.56 -58.52
CA SER F 229 6.54 -36.57 -57.67
C SER F 229 8.05 -36.78 -57.65
N THR F 230 8.48 -38.04 -57.72
CA THR F 230 9.89 -38.36 -57.62
C THR F 230 10.58 -38.41 -59.01
N ILE F 231 9.76 -38.42 -60.08
CA ILE F 231 10.28 -38.33 -61.46
C ILE F 231 10.47 -36.88 -61.98
N VAL F 232 9.44 -36.03 -61.81
CA VAL F 232 9.53 -34.62 -62.18
C VAL F 232 9.75 -33.71 -60.95
N GLY F 233 9.18 -34.14 -59.82
CA GLY F 233 9.21 -33.37 -58.59
C GLY F 233 7.80 -32.91 -58.31
N ALA F 234 7.44 -32.75 -57.04
CA ALA F 234 6.10 -32.27 -56.67
C ALA F 234 5.84 -30.84 -57.15
N ASP F 235 6.92 -30.08 -57.38
CA ASP F 235 6.79 -28.68 -57.73
C ASP F 235 6.57 -28.53 -59.23
N LYS F 236 6.15 -29.62 -59.87
CA LYS F 236 5.82 -29.64 -61.30
C LYS F 236 4.55 -30.48 -61.58
N ILE F 237 3.87 -30.87 -60.51
CA ILE F 237 2.66 -31.66 -60.64
C ILE F 237 1.38 -30.86 -60.39
N GLY F 238 0.46 -30.93 -61.36
CA GLY F 238 -0.85 -30.34 -61.20
C GLY F 238 -1.96 -31.31 -61.58
N ILE F 239 -3.11 -31.13 -60.93
CA ILE F 239 -4.23 -32.05 -61.02
C ILE F 239 -5.57 -31.29 -61.06
N ARG F 240 -6.41 -31.57 -62.05
CA ARG F 240 -7.74 -30.98 -62.10
C ARG F 240 -8.86 -31.90 -61.52
N ILE F 241 -9.92 -31.28 -61.01
CA ILE F 241 -11.07 -32.02 -60.48
C ILE F 241 -12.38 -31.27 -60.73
N SER F 242 -13.47 -32.01 -60.95
CA SER F 242 -14.78 -31.39 -61.13
C SER F 242 -15.83 -31.99 -60.18
N PRO F 243 -15.66 -31.73 -58.88
CA PRO F 243 -16.46 -32.29 -57.79
C PRO F 243 -17.99 -32.36 -58.01
N TRP F 244 -18.56 -31.53 -58.88
CA TRP F 244 -20.03 -31.46 -59.01
C TRP F 244 -20.49 -31.67 -60.42
N ALA F 245 -19.51 -31.83 -61.32
CA ALA F 245 -19.76 -32.07 -62.73
C ALA F 245 -20.47 -33.40 -62.94
N THR F 246 -21.55 -33.36 -63.73
CA THR F 246 -22.26 -34.54 -64.15
C THR F 246 -21.95 -34.77 -65.62
N PHE F 247 -20.75 -34.38 -66.02
CA PHE F 247 -20.33 -34.59 -67.40
C PHE F 247 -20.04 -36.06 -67.61
N GLN F 248 -20.30 -36.55 -68.82
CA GLN F 248 -20.14 -37.96 -69.13
C GLN F 248 -20.69 -38.83 -68.00
N ASN F 249 -21.91 -38.49 -67.59
CA ASN F 249 -22.78 -39.32 -66.74
C ASN F 249 -22.38 -39.53 -65.27
N MET F 250 -21.42 -38.76 -64.76
CA MET F 250 -21.06 -38.87 -63.35
C MET F 250 -22.25 -38.45 -62.49
N LYS F 251 -22.56 -39.24 -61.46
CA LYS F 251 -23.77 -39.00 -60.71
C LYS F 251 -23.61 -37.75 -59.88
N ALA F 252 -22.39 -37.54 -59.39
CA ALA F 252 -22.05 -36.36 -58.59
C ALA F 252 -22.67 -36.42 -57.20
N HIS F 253 -23.63 -35.53 -56.93
CA HIS F 253 -24.22 -35.40 -55.58
C HIS F 253 -25.33 -36.40 -55.34
N LYS F 254 -25.55 -37.25 -56.34
CA LYS F 254 -26.54 -38.31 -56.28
C LYS F 254 -25.86 -39.68 -56.31
N ASP F 255 -24.54 -39.69 -56.18
CA ASP F 255 -23.78 -40.93 -56.05
C ASP F 255 -24.00 -41.53 -54.65
N THR F 256 -23.47 -42.72 -54.41
CA THR F 256 -23.54 -43.37 -53.10
C THR F 256 -22.56 -42.69 -52.14
N VAL F 257 -21.50 -42.11 -52.70
CA VAL F 257 -20.57 -41.27 -51.94
C VAL F 257 -20.53 -39.82 -52.46
N HIS F 258 -21.01 -38.89 -51.64
CA HIS F 258 -21.03 -37.49 -52.03
C HIS F 258 -19.64 -36.93 -52.42
N PRO F 259 -19.56 -36.18 -53.55
CA PRO F 259 -18.37 -35.48 -54.02
C PRO F 259 -17.64 -34.67 -52.94
N LEU F 260 -18.38 -34.09 -52.00
CA LEU F 260 -17.72 -33.44 -50.86
C LEU F 260 -16.79 -34.43 -50.19
N THR F 261 -17.30 -35.62 -49.89
CA THR F 261 -16.54 -36.63 -49.18
C THR F 261 -15.40 -37.20 -50.02
N THR F 262 -15.74 -37.72 -51.19
CA THR F 262 -14.76 -38.20 -52.19
C THR F 262 -13.57 -37.26 -52.36
N PHE F 263 -13.84 -35.96 -52.48
CA PHE F 263 -12.81 -34.99 -52.83
C PHE F 263 -12.17 -34.23 -51.64
N SER F 264 -12.79 -34.25 -50.45
CA SER F 264 -12.09 -33.80 -49.24
C SER F 264 -10.90 -34.73 -49.00
N TYR F 265 -11.20 -36.03 -48.86
CA TYR F 265 -10.17 -37.04 -48.61
C TYR F 265 -9.01 -36.74 -49.55
N LEU F 266 -9.32 -36.63 -50.85
CA LEU F 266 -8.29 -36.40 -51.87
C LEU F 266 -7.45 -35.14 -51.60
N VAL F 267 -8.13 -34.03 -51.34
CA VAL F 267 -7.45 -32.74 -51.14
C VAL F 267 -6.60 -32.79 -49.86
N HIS F 268 -7.18 -33.36 -48.79
CA HIS F 268 -6.51 -33.46 -47.51
C HIS F 268 -5.28 -34.41 -47.50
N GLU F 269 -5.32 -35.49 -48.28
CA GLU F 269 -4.13 -36.32 -48.50
C GLU F 269 -3.04 -35.46 -49.18
N LEU F 270 -3.44 -34.68 -50.19
CA LEU F 270 -2.51 -33.84 -50.95
C LEU F 270 -1.93 -32.78 -50.03
N GLN F 271 -2.71 -32.35 -49.06
CA GLN F 271 -2.21 -31.35 -48.12
C GLN F 271 -1.08 -31.92 -47.29
N GLN F 272 -1.32 -33.07 -46.70
CA GLN F 272 -0.38 -33.65 -45.77
C GLN F 272 0.95 -33.99 -46.43
N ARG F 273 0.89 -34.39 -47.70
CA ARG F 273 2.09 -34.52 -48.51
C ARG F 273 2.86 -33.20 -48.60
N ALA F 274 2.14 -32.12 -48.86
CA ALA F 274 2.79 -30.82 -48.96
C ALA F 274 3.47 -30.40 -47.65
N ASP F 275 2.88 -30.80 -46.51
CA ASP F 275 3.43 -30.46 -45.18
C ASP F 275 4.80 -31.08 -44.94
N LYS F 276 5.08 -32.16 -45.67
CA LYS F 276 6.35 -32.85 -45.60
C LYS F 276 7.27 -32.46 -46.77
N GLY F 277 6.93 -31.35 -47.43
CA GLY F 277 7.75 -30.83 -48.51
C GLY F 277 7.46 -31.43 -49.87
N GLN F 278 6.40 -32.23 -49.96
CA GLN F 278 6.03 -32.90 -51.21
C GLN F 278 4.73 -32.41 -51.87
N GLY F 279 4.28 -31.20 -51.52
CA GLY F 279 3.03 -30.67 -52.06
C GLY F 279 3.11 -30.48 -53.56
N ILE F 280 2.03 -30.76 -54.27
CA ILE F 280 2.01 -30.46 -55.70
C ILE F 280 1.90 -28.95 -55.98
N ALA F 281 2.19 -28.57 -57.23
CA ALA F 281 2.15 -27.17 -57.67
C ALA F 281 0.79 -26.51 -57.43
N TYR F 282 -0.27 -27.04 -58.03
CA TYR F 282 -1.59 -26.43 -57.94
C TYR F 282 -2.73 -27.43 -58.07
N ILE F 283 -3.86 -27.10 -57.44
CA ILE F 283 -5.05 -27.92 -57.54
C ILE F 283 -6.11 -27.20 -58.38
N SER F 284 -6.26 -27.62 -59.63
CA SER F 284 -7.20 -26.98 -60.55
C SER F 284 -8.58 -27.57 -60.35
N VAL F 285 -9.50 -26.80 -59.78
CA VAL F 285 -10.89 -27.27 -59.64
C VAL F 285 -11.81 -26.59 -60.64
N VAL F 286 -12.97 -27.19 -60.89
CA VAL F 286 -13.92 -26.63 -61.82
C VAL F 286 -15.15 -26.18 -61.04
N GLU F 287 -15.54 -24.94 -61.28
CA GLU F 287 -16.59 -24.30 -60.48
C GLU F 287 -17.97 -24.84 -60.82
N PRO F 288 -18.86 -24.90 -59.80
CA PRO F 288 -20.21 -25.43 -59.92
C PRO F 288 -21.03 -24.78 -61.06
N ARG F 289 -20.65 -23.58 -61.48
CA ARG F 289 -21.33 -22.86 -62.56
C ARG F 289 -21.13 -23.59 -63.88
N VAL F 290 -20.23 -24.59 -63.85
CA VAL F 290 -19.83 -25.31 -65.05
C VAL F 290 -19.67 -26.82 -64.79
N SER F 291 -20.00 -27.59 -65.82
CA SER F 291 -19.87 -29.04 -65.78
C SER F 291 -19.29 -29.49 -67.12
N GLY F 292 -18.00 -29.80 -67.13
CA GLY F 292 -17.33 -30.20 -68.36
C GLY F 292 -17.13 -29.03 -69.32
N ASN F 293 -17.80 -29.10 -70.48
CA ASN F 293 -17.66 -28.07 -71.52
C ASN F 293 -18.91 -27.23 -71.75
N VAL F 294 -19.76 -27.10 -70.74
CA VAL F 294 -21.05 -26.46 -70.94
C VAL F 294 -21.64 -25.93 -69.62
N ASP F 295 -22.21 -24.74 -69.67
CA ASP F 295 -22.79 -24.13 -68.47
C ASP F 295 -23.83 -25.03 -67.77
N VAL F 296 -23.88 -24.94 -66.44
CA VAL F 296 -24.88 -25.58 -65.59
C VAL F 296 -25.84 -24.51 -65.10
N SER F 297 -27.14 -24.74 -65.22
CA SER F 297 -28.11 -23.72 -64.84
C SER F 297 -27.99 -23.38 -63.35
N GLU F 298 -28.71 -22.35 -62.91
CA GLU F 298 -28.55 -21.82 -61.56
C GLU F 298 -29.03 -22.73 -60.43
N GLU F 299 -30.31 -23.08 -60.39
CA GLU F 299 -30.76 -23.92 -59.28
C GLU F 299 -30.35 -25.38 -59.48
N ASP F 300 -29.66 -25.64 -60.58
CA ASP F 300 -29.08 -26.96 -60.83
C ASP F 300 -27.71 -27.10 -60.19
N GLN F 301 -27.16 -25.97 -59.73
CA GLN F 301 -25.90 -25.97 -59.01
C GLN F 301 -26.13 -26.42 -57.57
N ALA F 302 -25.34 -27.38 -57.13
CA ALA F 302 -25.53 -27.96 -55.81
C ALA F 302 -24.63 -27.28 -54.79
N GLY F 303 -23.38 -27.73 -54.76
CA GLY F 303 -22.40 -27.20 -53.83
C GLY F 303 -21.47 -26.10 -54.37
N ASP F 304 -20.29 -26.05 -53.77
CA ASP F 304 -19.28 -25.08 -54.15
C ASP F 304 -17.93 -25.74 -53.92
N ASN F 305 -16.88 -25.20 -54.52
CA ASN F 305 -15.57 -25.69 -54.23
C ASN F 305 -14.94 -24.88 -53.08
N GLU F 306 -15.77 -24.49 -52.12
CA GLU F 306 -15.29 -23.77 -50.95
C GLU F 306 -14.41 -24.67 -50.09
N PHE F 307 -14.81 -25.92 -49.93
CA PHE F 307 -14.08 -26.88 -49.10
C PHE F 307 -12.58 -27.04 -49.47
N VAL F 308 -12.27 -26.92 -50.77
CA VAL F 308 -10.90 -27.06 -51.25
C VAL F 308 -9.99 -26.02 -50.66
N SER F 309 -10.56 -24.83 -50.41
CA SER F 309 -9.84 -23.69 -49.86
C SER F 309 -9.50 -23.81 -48.37
N LYS F 310 -10.36 -24.48 -47.62
CA LYS F 310 -10.16 -24.64 -46.18
C LYS F 310 -9.22 -25.79 -45.83
N ILE F 311 -8.78 -26.50 -46.86
CA ILE F 311 -8.10 -27.78 -46.72
C ILE F 311 -6.72 -27.71 -47.37
N TRP F 312 -6.68 -27.24 -48.61
CA TRP F 312 -5.43 -27.06 -49.34
C TRP F 312 -4.94 -25.64 -49.07
N LYS F 313 -3.66 -25.51 -48.76
CA LYS F 313 -3.12 -24.20 -48.36
C LYS F 313 -2.31 -23.56 -49.48
N GLY F 314 -2.12 -24.30 -50.56
CA GLY F 314 -1.29 -23.84 -51.67
C GLY F 314 -2.06 -23.19 -52.80
N VAL F 315 -1.43 -23.12 -53.99
CA VAL F 315 -2.05 -22.48 -55.15
C VAL F 315 -3.31 -23.25 -55.63
N ILE F 316 -4.43 -22.52 -55.70
CA ILE F 316 -5.69 -23.05 -56.26
C ILE F 316 -6.00 -22.41 -57.60
N LEU F 317 -6.70 -23.14 -58.47
CA LEU F 317 -7.04 -22.62 -59.78
C LEU F 317 -8.51 -22.89 -60.04
N LYS F 318 -9.31 -21.83 -60.01
CA LYS F 318 -10.72 -21.96 -60.31
C LYS F 318 -10.94 -21.53 -61.76
N ALA F 319 -11.89 -22.18 -62.42
CA ALA F 319 -12.32 -21.75 -63.75
C ALA F 319 -13.81 -22.00 -63.90
N GLY F 320 -14.40 -21.44 -64.94
CA GLY F 320 -15.77 -21.77 -65.27
C GLY F 320 -16.69 -20.59 -65.23
N ASN F 321 -16.98 -20.05 -66.40
CA ASN F 321 -17.95 -18.97 -66.55
C ASN F 321 -17.73 -17.84 -65.54
N TYR F 322 -16.54 -17.22 -65.56
CA TYR F 322 -16.23 -16.15 -64.60
C TYR F 322 -16.80 -14.79 -65.00
N SER F 323 -17.44 -14.72 -66.16
CA SER F 323 -17.99 -13.46 -66.63
C SER F 323 -19.51 -13.37 -66.46
N TYR F 324 -20.08 -14.22 -65.60
CA TYR F 324 -21.53 -14.20 -65.37
C TYR F 324 -21.98 -12.95 -64.62
N ASP F 325 -21.07 -12.35 -63.87
CA ASP F 325 -21.39 -11.17 -63.07
C ASP F 325 -20.61 -9.97 -63.58
N ALA F 326 -20.14 -10.06 -64.84
CA ALA F 326 -19.53 -8.93 -65.55
C ALA F 326 -20.54 -7.80 -65.74
N PRO F 327 -20.05 -6.58 -66.06
CA PRO F 327 -18.67 -6.20 -66.33
C PRO F 327 -17.88 -5.95 -65.04
N GLU F 328 -18.48 -6.29 -63.91
CA GLU F 328 -17.92 -5.97 -62.60
C GLU F 328 -16.92 -6.98 -62.04
N PHE F 329 -17.19 -8.27 -62.28
CA PHE F 329 -16.40 -9.35 -61.70
C PHE F 329 -16.49 -9.43 -60.18
N LYS F 330 -17.65 -9.09 -59.61
CA LYS F 330 -17.78 -9.16 -58.15
C LYS F 330 -17.27 -10.51 -57.65
N THR F 331 -17.74 -11.60 -58.26
CA THR F 331 -17.35 -12.96 -57.85
C THR F 331 -15.86 -13.30 -58.11
N LEU F 332 -15.39 -13.14 -59.34
CA LEU F 332 -13.96 -13.24 -59.61
C LEU F 332 -13.10 -12.50 -58.57
N LYS F 333 -13.51 -11.29 -58.21
CA LYS F 333 -12.73 -10.48 -57.26
C LYS F 333 -12.69 -11.07 -55.82
N GLU F 334 -13.81 -11.67 -55.39
CA GLU F 334 -13.89 -12.38 -54.10
C GLU F 334 -12.91 -13.57 -54.05
N ASP F 335 -12.76 -14.26 -55.18
CA ASP F 335 -12.08 -15.57 -55.24
C ASP F 335 -10.54 -15.51 -55.30
N ILE F 336 -10.01 -14.40 -55.79
CA ILE F 336 -8.55 -14.19 -55.85
C ILE F 336 -8.02 -13.34 -54.69
N ALA F 337 -8.92 -12.88 -53.80
CA ALA F 337 -8.55 -12.01 -52.69
C ALA F 337 -7.66 -12.71 -51.66
N ASP F 338 -7.79 -14.04 -51.54
CA ASP F 338 -6.88 -14.77 -50.64
C ASP F 338 -5.43 -14.77 -51.13
N LYS F 339 -5.24 -14.47 -52.41
CA LYS F 339 -3.90 -14.20 -52.99
C LYS F 339 -3.05 -15.44 -53.34
N ARG F 340 -3.70 -16.60 -53.31
CA ARG F 340 -3.11 -17.85 -53.76
C ARG F 340 -4.05 -18.56 -54.76
N THR F 341 -5.16 -17.90 -55.09
CA THR F 341 -6.11 -18.43 -56.06
C THR F 341 -5.88 -17.79 -57.42
N LEU F 342 -5.68 -18.60 -58.45
CA LEU F 342 -5.67 -18.11 -59.83
C LEU F 342 -7.10 -18.22 -60.42
N VAL F 343 -7.34 -17.65 -61.59
CA VAL F 343 -8.65 -17.75 -62.24
C VAL F 343 -8.48 -18.02 -63.73
N GLY F 344 -9.45 -18.73 -64.32
CA GLY F 344 -9.32 -19.24 -65.68
C GLY F 344 -10.46 -18.95 -66.62
N PHE F 345 -10.11 -18.45 -67.79
CA PHE F 345 -11.04 -18.23 -68.86
C PHE F 345 -10.70 -19.18 -69.99
N SER F 346 -11.62 -20.07 -70.31
CA SER F 346 -11.37 -21.04 -71.38
C SER F 346 -11.89 -20.50 -72.69
N ARG F 347 -13.22 -20.41 -72.77
CA ARG F 347 -13.93 -20.10 -74.02
C ARG F 347 -13.56 -18.73 -74.58
N TYR F 348 -13.35 -17.78 -73.69
CA TYR F 348 -13.03 -16.40 -74.08
C TYR F 348 -11.57 -16.26 -74.48
N PHE F 349 -10.77 -17.24 -74.12
CA PHE F 349 -9.38 -17.32 -74.58
C PHE F 349 -9.29 -17.90 -76.00
N THR F 350 -10.38 -18.52 -76.47
CA THR F 350 -10.43 -19.09 -77.83
C THR F 350 -10.63 -18.03 -78.88
N SER F 351 -11.55 -17.11 -78.61
CA SER F 351 -11.84 -15.99 -79.51
C SER F 351 -10.91 -14.81 -79.24
N ASN F 352 -10.39 -14.70 -78.02
CA ASN F 352 -9.45 -13.64 -77.67
C ASN F 352 -8.08 -14.16 -77.30
N PRO F 353 -7.13 -14.09 -78.24
CA PRO F 353 -5.75 -14.53 -78.00
C PRO F 353 -4.95 -13.60 -77.05
N ASN F 354 -5.27 -12.31 -77.06
CA ASN F 354 -4.68 -11.39 -76.10
C ASN F 354 -5.59 -11.21 -74.87
N LEU F 355 -6.24 -12.28 -74.44
CA LEU F 355 -7.28 -12.18 -73.43
C LEU F 355 -6.77 -11.53 -72.15
N VAL F 356 -5.55 -11.88 -71.77
CA VAL F 356 -4.87 -11.33 -70.58
C VAL F 356 -4.77 -9.80 -70.68
N TRP F 357 -4.36 -9.31 -71.85
CA TRP F 357 -4.27 -7.88 -72.13
C TRP F 357 -5.62 -7.18 -72.11
N LYS F 358 -6.63 -7.78 -72.73
CA LYS F 358 -8.00 -7.25 -72.72
C LYS F 358 -8.57 -7.20 -71.32
N LEU F 359 -8.23 -8.19 -70.50
CA LEU F 359 -8.74 -8.19 -69.15
C LEU F 359 -8.08 -7.10 -68.31
N ARG F 360 -6.86 -6.74 -68.68
CA ARG F 360 -6.06 -5.76 -67.92
C ARG F 360 -6.63 -4.37 -68.08
N ASP F 361 -6.78 -3.98 -69.34
CA ASP F 361 -7.09 -2.63 -69.71
C ASP F 361 -8.61 -2.47 -69.87
N GLY F 362 -9.35 -3.51 -69.54
CA GLY F 362 -10.82 -3.51 -69.61
C GLY F 362 -11.44 -3.49 -71.00
N ILE F 363 -10.63 -3.81 -72.00
CA ILE F 363 -11.08 -3.84 -73.39
C ILE F 363 -12.22 -4.85 -73.58
N ASP F 364 -13.09 -4.59 -74.55
CA ASP F 364 -14.27 -5.41 -74.78
C ASP F 364 -13.90 -6.77 -75.36
N LEU F 365 -14.60 -7.82 -74.92
CA LEU F 365 -14.23 -9.19 -75.27
C LEU F 365 -14.99 -9.72 -76.50
N VAL F 366 -14.25 -9.97 -77.57
CA VAL F 366 -14.80 -10.60 -78.77
C VAL F 366 -15.50 -11.91 -78.38
N PRO F 367 -16.70 -12.16 -78.94
CA PRO F 367 -17.42 -13.38 -78.52
C PRO F 367 -16.83 -14.68 -79.09
N TYR F 368 -17.35 -15.81 -78.63
CA TYR F 368 -16.82 -17.10 -79.09
C TYR F 368 -17.81 -17.94 -79.92
N ASP F 369 -17.26 -18.74 -80.84
CA ASP F 369 -18.06 -19.51 -81.79
C ASP F 369 -18.10 -21.00 -81.43
N ARG F 370 -19.09 -21.41 -80.64
CA ARG F 370 -19.18 -22.80 -80.19
C ARG F 370 -19.12 -23.78 -81.36
N ASN F 371 -19.41 -23.26 -82.55
CA ASN F 371 -19.40 -24.01 -83.81
C ASN F 371 -18.02 -24.60 -84.17
N THR F 372 -17.00 -23.75 -84.14
CA THR F 372 -15.65 -24.14 -84.55
C THR F 372 -14.72 -24.59 -83.39
N PHE F 373 -15.27 -24.84 -82.20
CA PHE F 373 -14.47 -25.39 -81.08
C PHE F 373 -13.71 -26.63 -81.51
N TYR F 374 -14.48 -27.62 -81.95
CA TYR F 374 -13.97 -28.96 -82.17
C TYR F 374 -13.64 -29.27 -83.65
N SER F 375 -13.87 -28.31 -84.55
CA SER F 375 -13.64 -28.56 -85.99
C SER F 375 -12.17 -28.92 -86.32
N ASP F 376 -11.88 -29.21 -87.59
CA ASP F 376 -10.57 -29.76 -87.98
C ASP F 376 -9.73 -28.81 -88.82
N ASN F 377 -10.32 -27.67 -89.21
CA ASN F 377 -9.60 -26.65 -89.99
C ASN F 377 -9.20 -25.44 -89.17
N ASN F 378 -8.51 -24.51 -89.84
CA ASN F 378 -8.05 -23.29 -89.22
C ASN F 378 -9.19 -22.30 -88.94
N TYR F 379 -10.39 -22.60 -89.43
CA TYR F 379 -11.49 -21.67 -89.25
C TYR F 379 -12.06 -21.71 -87.83
N GLY F 380 -11.91 -20.59 -87.12
CA GLY F 380 -12.42 -20.45 -85.77
C GLY F 380 -11.41 -20.92 -84.74
N TYR F 381 -10.19 -21.13 -85.19
CA TYR F 381 -9.10 -21.56 -84.33
C TYR F 381 -8.12 -20.40 -84.22
N ASN F 382 -7.32 -20.22 -85.26
CA ASN F 382 -6.35 -19.13 -85.32
C ASN F 382 -6.83 -17.92 -86.09
N THR F 383 -8.13 -17.85 -86.39
CA THR F 383 -8.64 -16.71 -87.14
C THR F 383 -8.80 -15.49 -86.22
N PHE F 384 -9.16 -15.75 -84.96
CA PHE F 384 -9.38 -14.67 -84.00
C PHE F 384 -8.14 -13.81 -83.74
N SER F 385 -6.99 -14.26 -84.25
CA SER F 385 -5.75 -13.50 -84.09
CA SER F 385 -5.75 -13.52 -84.10
C SER F 385 -5.57 -12.51 -85.24
N MET F 386 -6.54 -12.47 -86.14
CA MET F 386 -6.48 -11.61 -87.30
C MET F 386 -7.60 -10.56 -87.30
N ASP F 387 -7.49 -9.62 -88.23
CA ASP F 387 -8.60 -8.73 -88.51
C ASP F 387 -9.70 -9.53 -89.22
N SER F 388 -10.84 -9.71 -88.56
CA SER F 388 -11.92 -10.51 -89.13
CA SER F 388 -11.93 -10.51 -89.12
C SER F 388 -12.24 -10.15 -90.58
N GLU F 389 -12.06 -8.88 -90.93
CA GLU F 389 -12.31 -8.41 -92.29
CA GLU F 389 -12.28 -8.38 -92.28
C GLU F 389 -11.42 -9.10 -93.33
N GLU F 390 -10.35 -9.73 -92.86
CA GLU F 390 -9.41 -10.43 -93.75
C GLU F 390 -9.55 -11.95 -93.71
N VAL F 391 -10.32 -12.44 -92.74
CA VAL F 391 -10.57 -13.88 -92.67
C VAL F 391 -11.40 -14.35 -93.87
N ASP F 392 -10.67 -14.90 -94.85
CA ASP F 392 -11.26 -15.53 -96.02
C ASP F 392 -11.71 -16.91 -95.55
N LYS F 393 -12.98 -17.02 -95.13
CA LYS F 393 -13.47 -18.26 -94.54
C LYS F 393 -13.02 -19.50 -95.33
N GLU F 394 -13.31 -19.51 -96.63
CA GLU F 394 -13.00 -20.65 -97.50
CA GLU F 394 -12.99 -20.61 -97.53
C GLU F 394 -11.53 -21.07 -97.46
N LEU F 395 -10.61 -20.12 -97.62
CA LEU F 395 -9.18 -20.42 -97.58
C LEU F 395 -8.80 -21.09 -96.26
N GLU F 396 -9.43 -20.66 -95.18
CA GLU F 396 -9.17 -21.19 -93.84
C GLU F 396 -9.83 -22.56 -93.59
N ILE F 397 -10.98 -22.79 -94.22
CA ILE F 397 -11.70 -24.05 -94.02
C ILE F 397 -10.93 -25.24 -94.61
N LYS F 398 -10.09 -24.97 -95.61
CA LYS F 398 -9.24 -25.99 -96.23
C LYS F 398 -7.87 -26.07 -95.53
N ARG F 399 -7.50 -25.01 -94.81
CA ARG F 399 -6.25 -24.99 -94.05
C ARG F 399 -6.36 -25.91 -92.84
N VAL F 400 -5.79 -27.10 -92.93
CA VAL F 400 -5.82 -28.07 -91.84
C VAL F 400 -4.41 -28.25 -91.27
N PRO F 401 -4.28 -28.95 -90.13
CA PRO F 401 -2.96 -29.09 -89.50
C PRO F 401 -1.92 -29.63 -90.47
N SER F 402 -0.84 -28.90 -90.68
CA SER F 402 0.33 -29.41 -91.40
C SER F 402 1.35 -29.85 -90.36
N ALA F 403 2.64 -29.82 -90.72
CA ALA F 403 3.68 -30.18 -89.78
C ALA F 403 4.57 -28.97 -89.48
N ILE F 404 5.19 -28.96 -88.29
CA ILE F 404 5.95 -27.81 -87.78
C ILE F 404 7.24 -27.49 -88.55
N GLU F 405 7.38 -26.23 -88.95
CA GLU F 405 8.63 -25.69 -89.49
C GLU F 405 8.76 -25.80 -91.00
N1 FMN G . -16.83 43.61 -13.44
C2 FMN G . -15.75 43.92 -12.69
O2 FMN G . -14.61 43.76 -13.19
N3 FMN G . -15.84 44.39 -11.44
C4 FMN G . -17.01 44.59 -10.83
O4 FMN G . -17.07 45.03 -9.66
C4A FMN G . -18.26 44.28 -11.58
N5 FMN G . -19.49 44.45 -11.04
C5A FMN G . -20.60 44.14 -11.75
C6 FMN G . -21.85 44.33 -11.18
C7 FMN G . -23.00 44.03 -11.89
C7M FMN G . -24.36 44.23 -11.27
C8 FMN G . -22.89 43.51 -13.28
C8M FMN G . -24.14 43.18 -14.06
C9 FMN G . -21.65 43.32 -13.86
C9A FMN G . -20.49 43.63 -13.14
N10 FMN G . -19.22 43.43 -13.72
C10 FMN G . -18.09 43.75 -12.96
C1' FMN G . -19.08 42.93 -15.08
C2' FMN G . -19.13 41.40 -15.06
O2' FMN G . -18.09 40.91 -14.22
C3' FMN G . -18.96 40.83 -16.47
O3' FMN G . -17.91 41.53 -17.14
C4' FMN G . -20.26 40.96 -17.26
O4' FMN G . -21.38 40.73 -16.41
C5' FMN G . -20.29 39.97 -18.43
O5' FMN G . -20.58 38.67 -17.92
P FMN G . -22.10 38.20 -17.69
O1P FMN G . -22.04 36.70 -17.78
O2P FMN G . -22.85 38.87 -18.82
O3P FMN G . -22.45 38.73 -16.32
N1 FMN H . -10.09 -4.86 3.17
C2 FMN H . -8.87 -4.43 3.58
O2 FMN H . -8.77 -3.92 4.72
N3 FMN H . -7.76 -4.53 2.83
C4 FMN H . -7.79 -5.06 1.60
O4 FMN H . -6.75 -5.14 0.92
C4A FMN H . -9.09 -5.56 1.07
N5 FMN H . -9.19 -6.12 -0.15
C5A FMN H . -10.39 -6.56 -0.61
C6 FMN H . -10.47 -7.13 -1.88
C7 FMN H . -11.69 -7.58 -2.35
C7M FMN H . -11.79 -8.19 -3.73
C8 FMN H . -12.91 -7.47 -1.51
C8M FMN H . -14.23 -7.97 -2.03
C9 FMN H . -12.83 -6.91 -0.24
C9A FMN H . -11.60 -6.45 0.23
N10 FMN H . -11.51 -5.87 1.51
C10 FMN H . -10.26 -5.42 1.96
C1' FMN H . -12.70 -5.75 2.37
C2' FMN H . -13.50 -4.53 1.96
O2' FMN H . -12.67 -3.36 2.06
C3' FMN H . -14.73 -4.35 2.84
O3' FMN H . -14.40 -4.69 4.19
C4' FMN H . -15.87 -5.23 2.35
O4' FMN H . -15.88 -5.26 0.93
C5' FMN H . -17.21 -4.71 2.86
O5' FMN H . -17.62 -3.60 2.08
P FMN H . -18.24 -3.82 0.62
O1P FMN H . -17.93 -2.53 -0.12
O2P FMN H . -19.72 -4.04 0.88
O3P FMN H . -17.52 -5.03 0.08
N1 FMN I . 35.92 16.04 30.30
C2 FMN I . 35.73 14.73 29.98
O2 FMN I . 35.54 13.91 30.90
N3 FMN I . 35.75 14.29 28.71
C4 FMN I . 35.96 15.11 27.67
O4 FMN I . 35.98 14.66 26.50
C4A FMN I . 36.17 16.55 27.94
N5 FMN I . 36.39 17.44 26.95
C5A FMN I . 36.58 18.76 27.22
C6 FMN I . 36.79 19.66 26.19
C7 FMN I . 36.98 21.00 26.46
C7M FMN I . 37.22 21.98 25.33
C8 FMN I . 36.96 21.49 27.87
C8M FMN I . 37.17 22.95 28.16
C9 FMN I . 36.74 20.60 28.91
C9A FMN I . 36.54 19.24 28.63
N10 FMN I . 36.33 18.33 29.68
C10 FMN I . 36.13 16.98 29.36
C1' FMN I . 36.30 18.78 31.07
C2' FMN I . 37.72 18.89 31.59
O2' FMN I . 38.33 17.60 31.61
C3' FMN I . 37.74 19.48 33.01
O3' FMN I . 36.85 18.74 33.84
C4' FMN I . 37.32 20.95 32.99
O4' FMN I . 37.85 21.59 31.83
C5' FMN I . 37.81 21.67 34.24
O5' FMN I . 39.24 21.65 34.26
P FMN I . 40.07 22.98 33.85
O1P FMN I . 41.46 22.70 34.35
O2P FMN I . 39.35 24.09 34.57
O3P FMN I . 39.95 23.02 32.34
N1 FMN J . -23.61 -30.16 -25.75
C2 FMN J . -23.89 -31.48 -25.84
O2 FMN J . -24.02 -31.99 -26.97
N3 FMN J . -24.04 -32.27 -24.76
C4 FMN J . -23.93 -31.79 -23.51
O4 FMN J . -24.08 -32.55 -22.52
C4A FMN J . -23.62 -30.36 -23.33
N5 FMN J . -23.49 -29.80 -22.11
C5A FMN J . -23.20 -28.49 -21.97
C6 FMN J . -23.07 -27.94 -20.69
C7 FMN J . -22.78 -26.58 -20.55
C7M FMN J . -22.63 -25.99 -19.17
C8 FMN J . -22.61 -25.72 -21.75
C8M FMN J . -22.30 -24.26 -21.58
C9 FMN J . -22.75 -26.26 -23.02
C9A FMN J . -23.03 -27.61 -23.17
N10 FMN J . -23.17 -28.17 -24.46
C10 FMN J . -23.46 -29.55 -24.55
C1' FMN J . -23.01 -27.35 -25.66
C2' FMN J . -24.12 -26.30 -25.70
O2' FMN J . -25.39 -26.95 -25.72
C3' FMN J . -23.99 -25.43 -26.95
O3' FMN J . -23.69 -26.25 -28.08
C4' FMN J . -22.89 -24.39 -26.77
O4' FMN J . -22.91 -23.90 -25.43
C5' FMN J . -23.09 -23.22 -27.73
O5' FMN J . -24.38 -22.64 -27.53
P FMN J . -24.54 -21.32 -26.62
O1P FMN J . -26.03 -21.14 -26.49
O2P FMN J . -23.85 -20.25 -27.42
O3P FMN J . -23.85 -21.68 -25.33
N1 FMN K . 21.05 8.41 72.97
C2 FMN K . 19.80 8.14 72.49
O2 FMN K . 19.56 8.40 71.30
N3 FMN K . 18.84 7.59 73.24
C4 FMN K . 19.02 7.28 74.54
O4 FMN K . 18.10 6.78 75.21
C4A FMN K . 20.35 7.55 75.14
N5 FMN K . 20.62 7.27 76.43
C5A FMN K . 21.83 7.53 76.96
C6 FMN K . 22.09 7.22 78.29
C7 FMN K . 23.34 7.49 78.84
C7M FMN K . 23.62 7.17 80.28
C8 FMN K . 24.41 8.09 78.00
C8M FMN K . 25.77 8.38 78.59
C9 FMN K . 24.16 8.39 76.66
C9A FMN K . 22.91 8.13 76.12
N10 FMN K . 22.65 8.43 74.77
C10 FMN K . 21.37 8.15 74.25
C1' FMN K . 23.69 9.03 73.92
C2' FMN K . 23.66 10.55 74.08
O2' FMN K . 22.37 11.04 73.70
C3' FMN K . 24.74 11.21 73.24
O3' FMN K . 24.61 10.80 71.88
C4' FMN K . 26.13 10.85 73.74
O4' FMN K . 26.12 10.74 75.17
C5' FMN K . 27.15 11.90 73.33
O5' FMN K . 26.85 13.13 73.99
P FMN K . 27.89 13.75 75.05
O1P FMN K . 28.34 15.06 74.42
O2P FMN K . 28.98 12.71 75.16
O3P FMN K . 27.06 13.93 76.30
N1 FMN L . -11.33 -29.07 -69.31
C2 FMN L . -10.35 -29.97 -69.06
O2 FMN L . -10.07 -30.23 -67.86
N3 FMN L . -9.65 -30.59 -70.02
C4 FMN L . -9.88 -30.37 -71.33
O4 FMN L . -9.22 -30.96 -72.21
C4A FMN L . -10.95 -29.40 -71.70
N5 FMN L . -11.24 -29.13 -72.98
C5A FMN L . -12.22 -28.24 -73.29
C6 FMN L . -12.50 -27.97 -74.62
C7 FMN L . -13.50 -27.06 -74.95
C7M FMN L . -13.81 -26.77 -76.39
C8 FMN L . -14.26 -26.37 -73.88
C8M FMN L . -15.35 -25.39 -74.24
C9 FMN L . -13.98 -26.64 -72.54
C9A FMN L . -12.98 -27.56 -72.22
N10 FMN L . -12.68 -27.83 -70.87
C10 FMN L . -11.67 -28.76 -70.58
C1' FMN L . -13.43 -27.17 -69.79
C2' FMN L . -12.70 -25.89 -69.39
O2' FMN L . -11.41 -26.21 -68.86
C3' FMN L . -13.50 -25.10 -68.36
O3' FMN L . -13.76 -25.95 -67.23
C4' FMN L . -14.81 -24.60 -68.93
O4' FMN L . -14.62 -24.22 -70.31
C5' FMN L . -15.32 -23.39 -68.15
O5' FMN L . -14.44 -22.29 -68.34
P FMN L . -14.94 -20.96 -69.10
O1P FMN L . -13.91 -19.92 -68.73
O2P FMN L . -16.31 -20.71 -68.54
O3P FMN L . -14.93 -21.35 -70.56
#